data_5TFU
#
_entry.id   5TFU
#
_cell.length_a   57.105
_cell.length_b   191.756
_cell.length_c   246.838
_cell.angle_alpha   90.00
_cell.angle_beta   90.00
_cell.angle_gamma   90.00
#
_symmetry.space_group_name_H-M   'P 21 21 21'
#
loop_
_entity.id
_entity.type
_entity.pdbx_description
1 polymer 'Cytochrome P450 2D6'
2 non-polymer 'PROTOPORPHYRIN IX CONTAINING FE'
3 non-polymer 'ZINC ION'
4 non-polymer (4S,6R)-4-[2,4-difluoro-5-({[1-(trifluoromethyl)cyclopropyl]amino}methyl)phenyl]-4,6-dimethyl-5,6-dihydro-4H-1,3-thiazin-2-amine
5 water water
#
_entity_poly.entity_id   1
_entity_poly.type   'polypeptide(L)'
_entity_poly.pdbx_seq_one_letter_code
;MAKKTSSKGKLPPGPLPLPGLGNLLHVDFQNTPYCFDQLRRRFGDVFSLQLAWTPVVVLNGLAAVREALVTHGEDTADRP
PVPITQILGFGPRSQGVFLARYGPAWREQRRFSVSTLRNLGLGKKSLEQWVTEEAACLCAAFANHSGRPFRPNGLLDKAV
SNVIASLTCGRRFEYDDPRFLRLLDLAQEGLKEESGFLREVLNAVPVLLHIPALAGKVLRFQKAFLTQLDELLTEHRMTW
DPAQPPRDLTEAFLAEMEKAKGNPESSFNDENLRIVVADLFSAGMVTTSTTLAWGLLLMILHPDVQRRVQQEIDDVIGQV
RRPEMGDQAHMPYTTAVIHEVQRFGDIVPLGVTHMTSRDIEVQGFRIPKGTTLITNLSSVLKDEAVWEKPFRFHPEHFLD
AQGHFVKPEAFLPFSAGRRACLGEPLARMELFLFFTSLLQHFSFSVPTGQPRPSHHGVFAFLVSPSPYELCAVPRHHHH
;
_entity_poly.pdbx_strand_id   A,B,C,D
#
loop_
_chem_comp.id
_chem_comp.type
_chem_comp.name
_chem_comp.formula
HEM non-polymer 'PROTOPORPHYRIN IX CONTAINING FE' 'C34 H32 Fe N4 O4'
P6M non-polymer (4S,6R)-4-[2,4-difluoro-5-({[1-(trifluoromethyl)cyclopropyl]amino}methyl)phenyl]-4,6-dimethyl-5,6-dihydro-4H-1,3-thiazin-2-amine 'C17 H20 F5 N3 S'
ZN non-polymer 'ZINC ION' 'Zn 2'
#
# COMPACT_ATOMS: atom_id res chain seq x y z
N GLY A 9 2.95 -27.52 -38.81
CA GLY A 9 2.33 -26.58 -37.90
C GLY A 9 1.80 -25.35 -38.61
N LYS A 10 1.06 -24.52 -37.88
CA LYS A 10 0.49 -23.30 -38.44
C LYS A 10 1.53 -22.18 -38.48
N LEU A 11 1.76 -21.61 -39.66
CA LEU A 11 2.65 -20.45 -39.78
C LEU A 11 1.98 -19.23 -39.16
N PRO A 12 2.80 -18.34 -38.55
CA PRO A 12 2.30 -17.12 -37.92
C PRO A 12 1.55 -16.21 -38.90
N PRO A 13 0.49 -15.54 -38.42
CA PRO A 13 -0.32 -14.64 -39.25
C PRO A 13 0.48 -13.44 -39.75
N GLY A 14 -0.04 -12.77 -40.78
CA GLY A 14 0.64 -11.61 -41.35
C GLY A 14 -0.31 -10.69 -42.09
N PRO A 15 0.12 -9.43 -42.31
CA PRO A 15 -0.67 -8.43 -43.03
C PRO A 15 -0.68 -8.66 -44.54
N THR A 32 9.32 2.40 -37.20
CA THR A 32 9.17 0.94 -37.32
C THR A 32 8.61 0.27 -36.05
N PRO A 33 9.14 0.60 -34.85
CA PRO A 33 8.59 -0.08 -33.68
C PRO A 33 7.13 0.27 -33.42
N TYR A 34 6.75 1.50 -33.78
CA TYR A 34 5.36 1.92 -33.68
C TYR A 34 4.49 1.16 -34.68
N CYS A 35 5.09 0.76 -35.80
CA CYS A 35 4.40 -0.02 -36.81
C CYS A 35 4.20 -1.45 -36.34
N PHE A 36 5.15 -1.94 -35.54
CA PHE A 36 5.08 -3.29 -35.00
C PHE A 36 4.10 -3.39 -33.83
N ASP A 37 3.85 -2.25 -33.18
CA ASP A 37 2.87 -2.20 -32.09
C ASP A 37 1.46 -2.31 -32.64
N GLN A 38 1.27 -1.90 -33.89
CA GLN A 38 -0.01 -2.02 -34.55
C GLN A 38 -0.24 -3.44 -35.05
N LEU A 39 0.82 -4.05 -35.59
CA LEU A 39 0.77 -5.42 -36.09
C LEU A 39 0.61 -6.42 -34.96
N ARG A 40 1.18 -6.10 -33.80
CA ARG A 40 1.05 -6.96 -32.62
C ARG A 40 -0.38 -6.94 -32.11
N ARG A 41 -1.01 -5.76 -32.17
CA ARG A 41 -2.40 -5.62 -31.73
C ARG A 41 -3.37 -5.95 -32.86
N ARG A 42 -2.88 -6.63 -33.90
CA ARG A 42 -3.73 -7.01 -35.02
C ARG A 42 -3.49 -8.46 -35.43
N PHE A 43 -2.36 -9.03 -35.02
CA PHE A 43 -2.02 -10.40 -35.40
C PHE A 43 -1.42 -11.21 -34.25
N GLY A 44 -1.16 -10.54 -33.13
CA GLY A 44 -0.64 -11.23 -31.96
C GLY A 44 0.84 -10.98 -31.73
N ASP A 45 1.40 -11.67 -30.74
CA ASP A 45 2.78 -11.46 -30.34
C ASP A 45 3.77 -12.08 -31.32
N VAL A 46 3.31 -13.05 -32.11
CA VAL A 46 4.16 -13.69 -33.10
C VAL A 46 3.55 -13.62 -34.48
N PHE A 47 3.93 -12.61 -35.25
CA PHE A 47 3.43 -12.45 -36.61
C PHE A 47 4.57 -12.56 -37.63
N SER A 48 4.21 -12.58 -38.91
CA SER A 48 5.20 -12.74 -39.97
C SER A 48 5.21 -11.56 -40.94
N LEU A 49 6.35 -11.39 -41.61
CA LEU A 49 6.49 -10.38 -42.64
C LEU A 49 7.32 -10.93 -43.79
N GLN A 50 7.11 -10.39 -44.99
CA GLN A 50 7.89 -10.79 -46.16
C GLN A 50 8.63 -9.59 -46.73
N LEU A 51 9.81 -9.32 -46.18
CA LEU A 51 10.67 -8.24 -46.66
C LEU A 51 11.52 -8.71 -47.84
N ALA A 52 11.04 -8.42 -49.05
CA ALA A 52 11.69 -8.86 -50.28
C ALA A 52 11.90 -10.37 -50.32
N TRP A 53 13.17 -10.79 -50.39
CA TRP A 53 13.50 -12.20 -50.46
C TRP A 53 13.42 -12.88 -49.10
N THR A 54 13.53 -12.09 -48.03
CA THR A 54 13.68 -12.64 -46.69
C THR A 54 12.36 -12.83 -45.94
N PRO A 55 12.10 -14.07 -45.50
CA PRO A 55 10.97 -14.37 -44.60
C PRO A 55 11.30 -13.99 -43.15
N VAL A 56 10.51 -13.10 -42.57
CA VAL A 56 10.80 -12.58 -41.24
C VAL A 56 9.66 -12.84 -40.25
N VAL A 57 10.01 -13.30 -39.06
CA VAL A 57 9.04 -13.47 -37.99
C VAL A 57 9.41 -12.59 -36.79
N VAL A 58 8.50 -11.72 -36.40
CA VAL A 58 8.74 -10.81 -35.28
C VAL A 58 8.24 -11.41 -33.97
N LEU A 59 9.06 -11.30 -32.93
CA LEU A 59 8.71 -11.82 -31.61
C LEU A 59 8.42 -10.69 -30.64
N ASN A 60 7.26 -10.74 -29.98
CA ASN A 60 6.85 -9.67 -29.08
C ASN A 60 6.49 -10.20 -27.69
N GLY A 61 6.86 -9.43 -26.67
CA GLY A 61 6.59 -9.82 -25.29
C GLY A 61 7.61 -10.80 -24.75
N LEU A 62 7.75 -10.84 -23.43
CA LEU A 62 8.76 -11.66 -22.76
C LEU A 62 8.61 -13.14 -23.10
N ALA A 63 7.38 -13.62 -23.14
CA ALA A 63 7.10 -15.04 -23.37
C ALA A 63 7.62 -15.52 -24.72
N ALA A 64 7.28 -14.78 -25.78
CA ALA A 64 7.69 -15.14 -27.13
C ALA A 64 9.21 -15.03 -27.31
N VAL A 65 9.79 -13.99 -26.72
CA VAL A 65 11.23 -13.77 -26.83
C VAL A 65 12.00 -14.85 -26.07
N ARG A 66 11.55 -15.17 -24.86
CA ARG A 66 12.18 -16.21 -24.06
C ARG A 66 12.11 -17.57 -24.74
N GLU A 67 10.94 -17.89 -25.29
CA GLU A 67 10.70 -19.19 -25.91
C GLU A 67 11.67 -19.47 -27.06
N ALA A 68 12.07 -18.41 -27.77
CA ALA A 68 12.98 -18.55 -28.90
C ALA A 68 14.44 -18.54 -28.47
N LEU A 69 14.81 -17.56 -27.65
CA LEU A 69 16.22 -17.36 -27.31
C LEU A 69 16.71 -18.25 -26.17
N VAL A 70 15.79 -18.76 -25.37
CA VAL A 70 16.19 -19.58 -24.22
C VAL A 70 15.76 -21.03 -24.37
N THR A 71 14.47 -21.25 -24.58
CA THR A 71 13.94 -22.61 -24.74
C THR A 71 14.50 -23.26 -26.00
N HIS A 72 14.46 -22.54 -27.11
CA HIS A 72 15.03 -23.03 -28.36
C HIS A 72 16.31 -22.28 -28.69
N GLY A 73 17.09 -21.94 -27.67
CA GLY A 73 18.31 -21.18 -27.82
C GLY A 73 19.33 -21.84 -28.73
N GLU A 74 19.35 -23.17 -28.74
CA GLU A 74 20.30 -23.92 -29.56
C GLU A 74 20.02 -23.71 -31.05
N ASP A 75 18.78 -23.40 -31.38
CA ASP A 75 18.36 -23.30 -32.77
C ASP A 75 18.14 -21.87 -33.24
N THR A 76 18.33 -20.91 -32.34
CA THR A 76 18.09 -19.50 -32.68
C THR A 76 19.25 -18.59 -32.32
N ALA A 77 20.45 -19.16 -32.24
CA ALA A 77 21.63 -18.38 -31.89
C ALA A 77 22.48 -18.07 -33.10
N ASP A 78 21.89 -18.17 -34.29
CA ASP A 78 22.61 -17.91 -35.53
C ASP A 78 22.28 -16.53 -36.08
N ARG A 79 23.17 -15.99 -36.91
CA ARG A 79 22.96 -14.70 -37.54
C ARG A 79 22.59 -14.87 -39.02
N PRO A 80 21.76 -13.97 -39.54
CA PRO A 80 21.47 -13.98 -40.98
C PRO A 80 22.74 -13.66 -41.78
N PRO A 81 22.92 -14.30 -42.94
CA PRO A 81 24.12 -14.07 -43.74
C PRO A 81 24.23 -12.64 -44.25
N VAL A 82 25.41 -12.04 -44.10
CA VAL A 82 25.68 -10.71 -44.61
C VAL A 82 26.85 -10.77 -45.59
N PRO A 83 26.58 -11.09 -46.86
CA PRO A 83 27.59 -11.30 -47.90
C PRO A 83 28.53 -10.11 -48.11
N ILE A 84 28.04 -8.89 -47.87
CA ILE A 84 28.84 -7.69 -48.14
C ILE A 84 29.97 -7.49 -47.12
N THR A 85 29.99 -8.32 -46.09
CA THR A 85 31.05 -8.27 -45.08
C THR A 85 32.37 -8.76 -45.66
N GLN A 86 32.31 -9.39 -46.83
CA GLN A 86 33.51 -9.89 -47.50
C GLN A 86 34.42 -8.74 -47.92
N ILE A 87 33.85 -7.55 -48.08
CA ILE A 87 34.61 -6.35 -48.37
C ILE A 87 35.48 -6.00 -47.16
N LEU A 88 35.00 -6.32 -45.97
CA LEU A 88 35.68 -5.97 -44.73
C LEU A 88 36.65 -7.05 -44.27
N GLY A 89 36.83 -8.08 -45.08
CA GLY A 89 37.78 -9.14 -44.79
C GLY A 89 37.21 -10.29 -43.99
N PHE A 90 35.89 -10.45 -44.05
CA PHE A 90 35.22 -11.55 -43.35
C PHE A 90 35.44 -12.88 -44.05
N GLY A 91 35.88 -13.87 -43.29
CA GLY A 91 36.10 -15.21 -43.82
C GLY A 91 35.39 -16.24 -42.97
N PRO A 92 35.68 -17.53 -43.22
CA PRO A 92 35.06 -18.61 -42.44
C PRO A 92 35.61 -18.68 -41.01
N ARG A 93 36.91 -18.48 -40.85
CA ARG A 93 37.54 -18.51 -39.54
C ARG A 93 37.85 -17.10 -39.04
N SER A 94 37.19 -16.11 -39.63
CA SER A 94 37.36 -14.72 -39.21
C SER A 94 36.05 -13.95 -39.40
N GLN A 95 35.10 -14.18 -38.50
CA GLN A 95 33.78 -13.56 -38.60
C GLN A 95 33.51 -12.62 -37.44
N GLY A 96 34.52 -12.41 -36.60
CA GLY A 96 34.37 -11.59 -35.40
C GLY A 96 33.48 -12.28 -34.38
N VAL A 97 32.69 -11.48 -33.67
CA VAL A 97 31.76 -12.02 -32.68
C VAL A 97 30.32 -11.63 -33.01
N PHE A 98 30.13 -10.34 -33.28
CA PHE A 98 28.80 -9.75 -33.42
C PHE A 98 27.98 -10.37 -34.55
N LEU A 99 28.57 -10.45 -35.74
CA LEU A 99 27.86 -10.97 -36.91
C LEU A 99 28.24 -12.42 -37.22
N ALA A 100 29.10 -13.00 -36.39
CA ALA A 100 29.59 -14.35 -36.61
C ALA A 100 28.44 -15.36 -36.69
N ARG A 101 28.54 -16.29 -37.63
CA ARG A 101 27.55 -17.34 -37.77
C ARG A 101 27.65 -18.31 -36.59
N TYR A 102 26.55 -18.96 -36.26
CA TYR A 102 26.55 -19.92 -35.15
C TYR A 102 27.47 -21.10 -35.48
N GLY A 103 28.43 -21.35 -34.59
CA GLY A 103 29.40 -22.40 -34.81
C GLY A 103 30.67 -22.18 -34.02
N PRO A 104 31.75 -22.89 -34.40
CA PRO A 104 33.02 -22.83 -33.68
C PRO A 104 33.71 -21.46 -33.79
N ALA A 105 33.60 -20.81 -34.95
CA ALA A 105 34.21 -19.51 -35.16
C ALA A 105 33.62 -18.47 -34.22
N TRP A 106 32.33 -18.61 -33.91
CA TRP A 106 31.67 -17.70 -32.97
C TRP A 106 31.94 -18.10 -31.52
N ARG A 107 31.82 -19.39 -31.23
CA ARG A 107 31.93 -19.89 -29.87
C ARG A 107 33.31 -19.62 -29.28
N GLU A 108 34.35 -19.76 -30.11
CA GLU A 108 35.72 -19.55 -29.65
C GLU A 108 35.97 -18.09 -29.32
N GLN A 109 35.45 -17.19 -30.15
CA GLN A 109 35.63 -15.76 -29.92
C GLN A 109 34.72 -15.26 -28.80
N ARG A 110 33.52 -15.83 -28.74
CA ARG A 110 32.57 -15.52 -27.67
C ARG A 110 33.16 -15.88 -26.31
N ARG A 111 33.62 -17.12 -26.19
CA ARG A 111 34.17 -17.63 -24.95
C ARG A 111 35.45 -16.90 -24.56
N PHE A 112 36.20 -16.46 -25.56
CA PHE A 112 37.43 -15.74 -25.31
C PHE A 112 37.15 -14.34 -24.76
N SER A 113 36.28 -13.60 -25.44
CA SER A 113 35.96 -12.24 -25.05
C SER A 113 35.29 -12.18 -23.69
N VAL A 114 34.41 -13.14 -23.41
CA VAL A 114 33.70 -13.19 -22.14
C VAL A 114 34.68 -13.49 -20.99
N SER A 115 35.58 -14.44 -21.22
CA SER A 115 36.54 -14.84 -20.20
C SER A 115 37.60 -13.76 -19.96
N THR A 116 38.03 -13.11 -21.04
CA THR A 116 39.07 -12.08 -20.94
C THR A 116 38.56 -10.85 -20.18
N LEU A 117 37.32 -10.47 -20.45
CA LEU A 117 36.68 -9.39 -19.71
C LEU A 117 36.61 -9.71 -18.23
N ARG A 118 36.34 -10.98 -17.92
CA ARG A 118 36.24 -11.44 -16.54
C ARG A 118 37.61 -11.43 -15.87
N ASN A 119 38.61 -11.94 -16.57
CA ASN A 119 39.96 -12.04 -16.04
C ASN A 119 40.61 -10.68 -15.82
N LEU A 120 40.37 -9.75 -16.74
CA LEU A 120 40.88 -8.39 -16.59
C LEU A 120 40.10 -7.65 -15.52
N GLY A 121 38.88 -8.12 -15.26
CA GLY A 121 38.03 -7.52 -14.23
C GLY A 121 38.43 -7.93 -12.83
N LEU A 122 38.65 -9.23 -12.63
CA LEU A 122 39.06 -9.74 -11.33
C LEU A 122 40.58 -9.67 -11.18
N GLY A 123 41.06 -9.82 -9.95
CA GLY A 123 42.48 -9.78 -9.67
C GLY A 123 42.94 -8.46 -9.12
N LYS A 124 43.09 -7.47 -9.99
CA LYS A 124 43.55 -6.15 -9.58
C LYS A 124 42.55 -5.06 -9.98
N LYS A 125 41.36 -5.48 -10.40
CA LYS A 125 40.29 -4.56 -10.80
C LYS A 125 40.74 -3.57 -11.88
N SER A 126 41.30 -4.08 -12.97
CA SER A 126 41.75 -3.24 -14.06
C SER A 126 40.58 -2.52 -14.73
N LEU A 127 39.48 -3.25 -14.95
CA LEU A 127 38.27 -2.66 -15.52
C LEU A 127 37.80 -1.48 -14.69
N GLU A 128 37.59 -1.73 -13.39
CA GLU A 128 37.07 -0.72 -12.48
C GLU A 128 38.00 0.47 -12.38
N GLN A 129 39.30 0.22 -12.48
CA GLN A 129 40.30 1.28 -12.37
C GLN A 129 40.26 2.22 -13.58
N TRP A 130 40.25 1.64 -14.77
CA TRP A 130 40.23 2.44 -16.00
C TRP A 130 38.95 3.26 -16.12
N VAL A 131 37.84 2.70 -15.65
CA VAL A 131 36.56 3.41 -15.71
C VAL A 131 36.52 4.56 -14.70
N THR A 132 36.95 4.27 -13.48
CA THR A 132 37.01 5.28 -12.43
C THR A 132 37.87 6.47 -12.84
N GLU A 133 39.03 6.18 -13.43
CA GLU A 133 39.94 7.23 -13.87
C GLU A 133 39.39 7.97 -15.09
N GLU A 134 38.62 7.26 -15.92
CA GLU A 134 38.02 7.88 -17.09
C GLU A 134 36.84 8.76 -16.68
N ALA A 135 36.22 8.41 -15.56
CA ALA A 135 35.12 9.19 -15.00
C ALA A 135 35.64 10.55 -14.55
N ALA A 136 36.80 10.55 -13.91
CA ALA A 136 37.43 11.78 -13.44
C ALA A 136 37.78 12.71 -14.61
N CYS A 137 38.23 12.12 -15.71
CA CYS A 137 38.51 12.87 -16.93
C CYS A 137 37.23 13.45 -17.51
N LEU A 138 36.14 12.69 -17.35
CA LEU A 138 34.84 13.12 -17.83
C LEU A 138 34.31 14.27 -16.98
N CYS A 139 34.49 14.17 -15.67
CA CYS A 139 34.08 15.23 -14.75
C CYS A 139 34.87 16.51 -15.01
N ALA A 140 36.13 16.35 -15.38
CA ALA A 140 36.99 17.50 -15.67
C ALA A 140 36.59 18.19 -16.97
N ALA A 141 36.21 17.38 -17.96
CA ALA A 141 35.79 17.91 -19.26
C ALA A 141 34.45 18.63 -19.13
N PHE A 142 33.62 18.16 -18.20
CA PHE A 142 32.35 18.79 -17.91
C PHE A 142 32.55 20.10 -17.17
N ALA A 143 33.57 20.14 -16.31
CA ALA A 143 33.85 21.32 -15.49
C ALA A 143 34.29 22.50 -16.35
N ASN A 144 34.95 22.21 -17.47
CA ASN A 144 35.40 23.25 -18.39
C ASN A 144 34.28 23.81 -19.24
N HIS A 145 33.11 23.17 -19.16
CA HIS A 145 31.93 23.64 -19.87
C HIS A 145 30.97 24.37 -18.93
N SER A 146 31.37 24.49 -17.66
CA SER A 146 30.51 25.08 -16.64
C SER A 146 30.13 26.52 -16.95
N GLY A 147 28.93 26.91 -16.51
CA GLY A 147 28.44 28.25 -16.75
C GLY A 147 28.11 28.46 -18.22
N ARG A 148 27.83 27.37 -18.92
CA ARG A 148 27.56 27.42 -20.35
C ARG A 148 26.88 26.15 -20.85
N PRO A 149 25.75 26.31 -21.55
CA PRO A 149 25.02 25.16 -22.10
C PRO A 149 25.81 24.44 -23.20
N PHE A 150 25.70 23.12 -23.26
CA PHE A 150 26.42 22.33 -24.26
C PHE A 150 25.77 20.97 -24.46
N ARG A 151 26.12 20.32 -25.56
CA ARG A 151 25.68 18.95 -25.82
C ARG A 151 26.66 17.97 -25.22
N PRO A 152 26.19 17.10 -24.31
CA PRO A 152 27.06 16.18 -23.58
C PRO A 152 27.45 14.94 -24.39
N ASN A 153 26.87 14.79 -25.57
CA ASN A 153 27.04 13.57 -26.36
C ASN A 153 28.49 13.29 -26.77
N GLY A 154 29.18 14.31 -27.27
CA GLY A 154 30.55 14.16 -27.72
C GLY A 154 31.49 13.70 -26.62
N LEU A 155 31.35 14.30 -25.44
CA LEU A 155 32.19 13.94 -24.31
C LEU A 155 31.89 12.54 -23.80
N LEU A 156 30.62 12.15 -23.86
CA LEU A 156 30.20 10.82 -23.43
C LEU A 156 30.79 9.73 -24.33
N ASP A 157 30.79 10.00 -25.64
CA ASP A 157 31.39 9.09 -26.60
C ASP A 157 32.87 8.84 -26.30
N LYS A 158 33.61 9.93 -26.08
CA LYS A 158 35.05 9.82 -25.83
C LYS A 158 35.34 9.05 -24.55
N ALA A 159 34.58 9.34 -23.50
CA ALA A 159 34.79 8.69 -22.21
C ALA A 159 34.47 7.21 -22.29
N VAL A 160 33.39 6.88 -22.99
CA VAL A 160 32.97 5.50 -23.16
C VAL A 160 33.93 4.76 -24.08
N SER A 161 34.36 5.42 -25.15
CA SER A 161 35.30 4.83 -26.11
C SER A 161 36.64 4.50 -25.45
N ASN A 162 37.07 5.36 -24.53
CA ASN A 162 38.35 5.16 -23.85
C ASN A 162 38.36 3.92 -22.96
N VAL A 163 37.22 3.63 -22.35
CA VAL A 163 37.08 2.44 -21.52
C VAL A 163 37.31 1.19 -22.36
N ILE A 164 36.73 1.17 -23.55
CA ILE A 164 36.92 0.06 -24.47
C ILE A 164 38.37 -0.06 -24.90
N ALA A 165 38.97 1.07 -25.27
CA ALA A 165 40.36 1.11 -25.70
C ALA A 165 41.28 0.64 -24.57
N SER A 166 40.87 0.88 -23.33
CA SER A 166 41.63 0.43 -22.18
C SER A 166 41.58 -1.09 -22.03
N LEU A 167 40.52 -1.70 -22.54
CA LEU A 167 40.36 -3.14 -22.45
C LEU A 167 40.95 -3.83 -23.68
N THR A 168 40.81 -3.19 -24.84
CA THR A 168 41.37 -3.74 -26.07
C THR A 168 42.85 -3.41 -26.18
N CYS A 169 43.16 -2.13 -26.36
CA CYS A 169 44.53 -1.70 -26.63
C CYS A 169 45.31 -1.34 -25.35
N GLY A 170 44.65 -1.39 -24.21
CA GLY A 170 45.30 -1.11 -22.94
C GLY A 170 45.75 0.34 -22.79
N ARG A 171 45.03 1.24 -23.46
CA ARG A 171 45.38 2.66 -23.43
C ARG A 171 44.15 3.54 -23.55
N ARG A 172 44.30 4.82 -23.22
CA ARG A 172 43.27 5.81 -23.48
C ARG A 172 43.82 6.89 -24.39
N PHE A 173 42.93 7.69 -24.97
CA PHE A 173 43.34 8.79 -25.82
C PHE A 173 42.84 10.10 -25.23
N GLU A 174 43.62 11.17 -25.42
CA GLU A 174 43.19 12.50 -25.01
C GLU A 174 41.96 12.90 -25.81
N TYR A 175 41.13 13.76 -25.25
CA TYR A 175 39.87 14.15 -25.88
C TYR A 175 40.06 15.00 -27.13
N ASP A 176 41.29 15.49 -27.33
CA ASP A 176 41.59 16.30 -28.50
C ASP A 176 42.55 15.59 -29.45
N ASP A 177 42.79 14.30 -29.21
CA ASP A 177 43.65 13.50 -30.07
C ASP A 177 43.04 13.35 -31.46
N PRO A 178 43.75 13.81 -32.50
CA PRO A 178 43.30 13.81 -33.89
C PRO A 178 42.80 12.44 -34.38
N ARG A 179 43.61 11.40 -34.17
CA ARG A 179 43.24 10.06 -34.65
C ARG A 179 42.08 9.47 -33.85
N PHE A 180 42.01 9.83 -32.57
CA PHE A 180 40.91 9.39 -31.72
C PHE A 180 39.60 9.99 -32.21
N LEU A 181 39.62 11.29 -32.50
CA LEU A 181 38.43 11.98 -33.01
C LEU A 181 37.98 11.39 -34.34
N ARG A 182 38.94 11.11 -35.22
CA ARG A 182 38.63 10.53 -36.52
C ARG A 182 38.06 9.13 -36.35
N LEU A 183 38.60 8.39 -35.39
CA LEU A 183 38.12 7.04 -35.09
C LEU A 183 36.66 7.07 -34.66
N LEU A 184 36.32 8.01 -33.79
CA LEU A 184 34.96 8.15 -33.30
C LEU A 184 34.02 8.63 -34.40
N ASP A 185 34.50 9.57 -35.22
CA ASP A 185 33.71 10.11 -36.31
C ASP A 185 33.38 9.05 -37.34
N LEU A 186 34.39 8.27 -37.73
CA LEU A 186 34.21 7.20 -38.68
C LEU A 186 33.25 6.13 -38.15
N ALA A 187 33.32 5.89 -36.85
CA ALA A 187 32.47 4.90 -36.20
C ALA A 187 31.00 5.33 -36.24
N GLN A 188 30.77 6.62 -36.04
CA GLN A 188 29.43 7.17 -36.04
C GLN A 188 28.84 7.14 -37.45
N GLU A 189 29.69 7.39 -38.45
CA GLU A 189 29.27 7.35 -39.84
C GLU A 189 29.03 5.92 -40.29
N GLY A 190 29.81 4.99 -39.74
CA GLY A 190 29.70 3.58 -40.08
C GLY A 190 28.39 2.99 -39.60
N LEU A 191 27.81 3.60 -38.57
CA LEU A 191 26.52 3.15 -38.05
C LEU A 191 25.40 3.47 -39.03
N LYS A 192 25.49 4.64 -39.66
CA LYS A 192 24.50 5.07 -40.63
C LYS A 192 24.50 4.19 -41.88
N GLU A 193 25.69 3.76 -42.28
CA GLU A 193 25.83 2.88 -43.44
C GLU A 193 25.14 1.54 -43.21
N GLU A 194 25.09 1.12 -41.95
CA GLU A 194 24.43 -0.13 -41.57
C GLU A 194 22.93 -0.02 -41.84
N SER A 195 22.40 1.19 -41.67
CA SER A 195 20.99 1.46 -41.93
C SER A 195 20.80 2.16 -43.27
N GLY A 196 21.37 1.58 -44.32
CA GLY A 196 21.26 2.13 -45.65
C GLY A 196 20.46 1.24 -46.58
N PHE A 197 19.68 1.85 -47.46
CA PHE A 197 18.87 1.10 -48.41
C PHE A 197 19.75 0.39 -49.43
N LEU A 198 20.92 0.97 -49.69
CA LEU A 198 21.88 0.41 -50.64
C LEU A 198 22.44 -0.92 -50.13
N ARG A 199 22.46 -1.07 -48.81
CA ARG A 199 22.97 -2.29 -48.19
C ARG A 199 22.16 -3.53 -48.57
N GLU A 200 20.86 -3.49 -48.27
CA GLU A 200 19.98 -4.63 -48.47
C GLU A 200 19.99 -5.16 -49.90
N VAL A 201 20.05 -4.25 -50.87
CA VAL A 201 20.09 -4.62 -52.28
C VAL A 201 21.36 -5.40 -52.61
N LEU A 202 22.49 -4.87 -52.17
CA LEU A 202 23.79 -5.51 -52.41
C LEU A 202 23.95 -6.76 -51.55
N ASN A 203 23.27 -6.76 -50.39
CA ASN A 203 23.32 -7.89 -49.49
C ASN A 203 22.57 -9.09 -50.08
N ALA A 204 21.55 -8.80 -50.88
CA ALA A 204 20.76 -9.85 -51.53
C ALA A 204 21.56 -10.57 -52.60
N VAL A 205 22.14 -9.81 -53.52
CA VAL A 205 22.93 -10.38 -54.60
C VAL A 205 24.38 -9.92 -54.51
N PRO A 206 25.28 -10.82 -54.07
CA PRO A 206 26.69 -10.51 -53.80
C PRO A 206 27.52 -10.21 -55.05
N VAL A 207 27.07 -10.68 -56.21
CA VAL A 207 27.83 -10.48 -57.44
C VAL A 207 27.83 -9.03 -57.88
N LEU A 208 26.96 -8.23 -57.27
CA LEU A 208 26.91 -6.79 -57.56
C LEU A 208 28.16 -6.09 -57.01
N LEU A 209 28.85 -6.77 -56.10
CA LEU A 209 30.05 -6.22 -55.48
C LEU A 209 31.27 -6.36 -56.38
N HIS A 210 31.13 -7.14 -57.45
CA HIS A 210 32.20 -7.31 -58.42
C HIS A 210 32.45 -6.01 -59.17
N ILE A 211 31.43 -5.15 -59.23
CA ILE A 211 31.56 -3.83 -59.82
C ILE A 211 32.54 -2.98 -59.00
N PRO A 212 33.68 -2.61 -59.60
CA PRO A 212 34.74 -1.87 -58.92
C PRO A 212 34.27 -0.53 -58.37
N ALA A 213 33.46 0.19 -59.14
CA ALA A 213 32.99 1.51 -58.73
C ALA A 213 31.95 1.40 -57.61
N LEU A 214 31.14 0.35 -57.68
CA LEU A 214 30.06 0.17 -56.70
C LEU A 214 30.58 -0.37 -55.37
N ALA A 215 31.61 -1.22 -55.43
CA ALA A 215 32.15 -1.88 -54.25
C ALA A 215 32.78 -0.90 -53.25
N GLY A 216 33.39 0.15 -53.76
CA GLY A 216 34.04 1.13 -52.90
C GLY A 216 33.04 2.04 -52.21
N LYS A 217 31.82 2.09 -52.74
CA LYS A 217 30.81 3.00 -52.24
C LYS A 217 30.03 2.39 -51.08
N VAL A 218 29.99 1.06 -51.04
CA VAL A 218 29.19 0.33 -50.07
C VAL A 218 29.52 0.71 -48.63
N LEU A 219 30.74 0.43 -48.22
CA LEU A 219 31.14 0.65 -46.84
C LEU A 219 32.44 1.46 -46.77
N ARG A 220 32.42 2.66 -47.34
CA ARG A 220 33.60 3.50 -47.38
C ARG A 220 33.98 4.03 -46.00
N PHE A 221 32.98 4.33 -45.18
CA PHE A 221 33.23 4.83 -43.83
C PHE A 221 33.63 3.70 -42.88
N GLN A 222 33.05 2.52 -43.08
CA GLN A 222 33.37 1.37 -42.25
C GLN A 222 34.77 0.84 -42.54
N LYS A 223 35.14 0.83 -43.82
CA LYS A 223 36.47 0.37 -44.21
C LYS A 223 37.52 1.38 -43.78
N ALA A 224 37.11 2.65 -43.70
CA ALA A 224 37.98 3.70 -43.18
C ALA A 224 38.21 3.49 -41.69
N PHE A 225 37.16 3.08 -41.00
CA PHE A 225 37.23 2.78 -39.58
C PHE A 225 38.17 1.61 -39.32
N LEU A 226 38.11 0.60 -40.18
CA LEU A 226 39.00 -0.55 -40.09
C LEU A 226 40.45 -0.15 -40.30
N THR A 227 40.69 0.65 -41.33
CA THR A 227 42.04 1.10 -41.67
C THR A 227 42.66 1.88 -40.52
N GLN A 228 41.87 2.79 -39.94
CA GLN A 228 42.32 3.59 -38.82
C GLN A 228 42.63 2.70 -37.61
N LEU A 229 41.85 1.65 -37.46
CA LEU A 229 42.03 0.71 -36.36
C LEU A 229 43.28 -0.15 -36.58
N ASP A 230 43.53 -0.52 -37.83
CA ASP A 230 44.72 -1.28 -38.19
C ASP A 230 45.99 -0.56 -37.77
N GLU A 231 46.02 0.75 -38.06
CA GLU A 231 47.16 1.59 -37.72
C GLU A 231 47.42 1.58 -36.22
N LEU A 232 46.35 1.54 -35.43
CA LEU A 232 46.47 1.53 -33.99
C LEU A 232 46.88 0.16 -33.46
N LEU A 233 46.43 -0.89 -34.14
CA LEU A 233 46.78 -2.26 -33.75
C LEU A 233 48.25 -2.53 -34.03
N THR A 234 48.74 -2.05 -35.15
CA THR A 234 50.14 -2.21 -35.53
C THR A 234 51.05 -1.58 -34.48
N GLU A 235 50.70 -0.37 -34.07
CA GLU A 235 51.44 0.33 -33.02
C GLU A 235 51.44 -0.48 -31.73
N HIS A 236 50.28 -1.02 -31.39
CA HIS A 236 50.13 -1.80 -30.16
C HIS A 236 50.95 -3.08 -30.18
N ARG A 237 51.06 -3.70 -31.36
CA ARG A 237 51.83 -4.92 -31.52
C ARG A 237 53.31 -4.67 -31.23
N MET A 238 53.74 -3.45 -31.47
CA MET A 238 55.13 -3.07 -31.24
C MET A 238 55.47 -2.98 -29.75
N THR A 239 54.53 -2.47 -28.96
CA THR A 239 54.77 -2.22 -27.54
C THR A 239 54.43 -3.43 -26.67
N TRP A 240 53.86 -4.45 -27.28
CA TRP A 240 53.43 -5.64 -26.54
C TRP A 240 54.62 -6.46 -26.04
N ASP A 241 54.63 -6.72 -24.74
CA ASP A 241 55.66 -7.56 -24.12
C ASP A 241 55.10 -8.93 -23.79
N PRO A 242 55.45 -9.93 -24.61
CA PRO A 242 54.96 -11.32 -24.45
C PRO A 242 55.47 -11.97 -23.16
N ALA A 243 56.59 -11.49 -22.63
CA ALA A 243 57.18 -12.06 -21.41
C ALA A 243 56.31 -11.78 -20.18
N GLN A 244 55.44 -10.78 -20.29
CA GLN A 244 54.53 -10.44 -19.19
C GLN A 244 53.13 -10.92 -19.51
N PRO A 245 52.32 -11.19 -18.47
CA PRO A 245 50.91 -11.52 -18.67
C PRO A 245 50.18 -10.39 -19.41
N PRO A 246 49.26 -10.74 -20.32
CA PRO A 246 48.54 -9.76 -21.14
C PRO A 246 47.89 -8.65 -20.31
N ARG A 247 48.19 -7.40 -20.64
CA ARG A 247 47.58 -6.27 -19.96
C ARG A 247 46.17 -6.02 -20.46
N ASP A 248 45.87 -6.48 -21.66
CA ASP A 248 44.60 -6.19 -22.31
C ASP A 248 44.15 -7.32 -23.24
N LEU A 249 42.96 -7.17 -23.80
CA LEU A 249 42.34 -8.21 -24.61
C LEU A 249 43.13 -8.51 -25.87
N THR A 250 43.69 -7.47 -26.49
CA THR A 250 44.47 -7.62 -27.70
C THR A 250 45.73 -8.44 -27.43
N GLU A 251 46.40 -8.14 -26.32
CA GLU A 251 47.58 -8.89 -25.92
C GLU A 251 47.23 -10.34 -25.65
N ALA A 252 46.04 -10.57 -25.08
CA ALA A 252 45.56 -11.92 -24.83
C ALA A 252 45.22 -12.61 -26.15
N PHE A 253 44.75 -11.85 -27.12
CA PHE A 253 44.44 -12.37 -28.44
C PHE A 253 45.73 -12.73 -29.17
N LEU A 254 46.72 -11.84 -29.08
CA LEU A 254 48.01 -12.05 -29.71
C LEU A 254 48.72 -13.28 -29.15
N ALA A 255 48.59 -13.48 -27.84
CA ALA A 255 49.21 -14.62 -27.17
C ALA A 255 48.60 -15.93 -27.63
N GLU A 256 47.31 -15.89 -27.99
CA GLU A 256 46.63 -17.07 -28.49
C GLU A 256 47.00 -17.33 -29.95
N MET A 257 47.29 -16.25 -30.67
CA MET A 257 47.61 -16.34 -32.09
C MET A 257 48.93 -17.09 -32.30
N GLU A 258 49.90 -16.83 -31.42
CA GLU A 258 51.18 -17.52 -31.46
C GLU A 258 51.02 -19.01 -31.22
N LYS A 259 50.14 -19.35 -30.28
CA LYS A 259 49.89 -20.74 -29.93
C LYS A 259 49.09 -21.43 -31.03
N ALA A 260 48.36 -20.65 -31.82
CA ALA A 260 47.50 -21.20 -32.85
C ALA A 260 48.18 -21.20 -34.22
N LYS A 261 49.48 -20.91 -34.23
CA LYS A 261 50.24 -20.94 -35.47
C LYS A 261 50.39 -22.38 -35.97
N GLY A 262 49.93 -22.62 -37.19
CA GLY A 262 49.97 -23.95 -37.77
C GLY A 262 48.64 -24.66 -37.59
N ASN A 263 47.64 -23.91 -37.15
CA ASN A 263 46.29 -24.42 -36.97
C ASN A 263 45.29 -23.59 -37.77
N PRO A 264 44.84 -24.13 -38.92
CA PRO A 264 43.91 -23.42 -39.80
C PRO A 264 42.47 -23.43 -39.25
N GLU A 265 42.22 -24.19 -38.20
CA GLU A 265 40.88 -24.26 -37.62
C GLU A 265 40.65 -23.13 -36.63
N SER A 266 41.72 -22.52 -36.16
CA SER A 266 41.62 -21.49 -35.13
C SER A 266 41.08 -20.19 -35.68
N SER A 267 40.29 -19.48 -34.87
CA SER A 267 39.76 -18.18 -35.27
C SER A 267 40.71 -17.07 -34.82
N PHE A 268 41.80 -17.46 -34.17
CA PHE A 268 42.83 -16.52 -33.77
C PHE A 268 43.82 -16.27 -34.89
N ASN A 269 43.53 -15.27 -35.72
CA ASN A 269 44.42 -14.88 -36.80
C ASN A 269 44.36 -13.37 -37.02
N ASP A 270 45.25 -12.85 -37.87
CA ASP A 270 45.33 -11.41 -38.12
C ASP A 270 44.03 -10.85 -38.68
N GLU A 271 43.40 -11.59 -39.59
CA GLU A 271 42.18 -11.14 -40.23
C GLU A 271 41.02 -11.00 -39.24
N ASN A 272 41.07 -11.79 -38.18
CA ASN A 272 39.99 -11.81 -37.19
C ASN A 272 40.25 -10.88 -36.02
N LEU A 273 41.52 -10.60 -35.75
CA LEU A 273 41.90 -9.69 -34.66
C LEU A 273 41.36 -8.29 -34.89
N ARG A 274 41.48 -7.80 -36.13
CA ARG A 274 41.02 -6.47 -36.47
C ARG A 274 39.49 -6.39 -36.51
N ILE A 275 38.85 -7.54 -36.69
CA ILE A 275 37.39 -7.58 -36.75
C ILE A 275 36.78 -7.72 -35.36
N VAL A 276 37.33 -8.62 -34.55
CA VAL A 276 36.88 -8.79 -33.18
C VAL A 276 37.04 -7.50 -32.38
N VAL A 277 38.20 -6.86 -32.51
CA VAL A 277 38.46 -5.59 -31.83
C VAL A 277 37.49 -4.51 -32.31
N ALA A 278 37.24 -4.45 -33.61
CA ALA A 278 36.30 -3.49 -34.17
C ALA A 278 34.88 -3.75 -33.68
N ASP A 279 34.56 -5.02 -33.45
CA ASP A 279 33.26 -5.40 -32.90
C ASP A 279 33.10 -4.87 -31.49
N LEU A 280 34.03 -5.23 -30.62
CA LEU A 280 33.99 -4.81 -29.22
C LEU A 280 34.02 -3.29 -29.09
N PHE A 281 34.82 -2.65 -29.93
CA PHE A 281 34.98 -1.21 -29.90
C PHE A 281 33.67 -0.50 -30.26
N SER A 282 33.15 -0.82 -31.44
CA SER A 282 31.95 -0.17 -31.95
C SER A 282 30.73 -0.43 -31.09
N ALA A 283 30.58 -1.67 -30.61
CA ALA A 283 29.41 -2.07 -29.85
C ALA A 283 29.27 -1.32 -28.54
N GLY A 284 30.33 -1.33 -27.73
CA GLY A 284 30.30 -0.69 -26.42
C GLY A 284 30.76 0.75 -26.46
N MET A 285 30.33 1.49 -27.49
CA MET A 285 30.74 2.87 -27.66
C MET A 285 29.55 3.72 -28.09
N VAL A 286 28.64 3.11 -28.85
CA VAL A 286 27.47 3.81 -29.34
C VAL A 286 26.27 3.45 -28.47
N THR A 287 26.38 2.33 -27.76
CA THR A 287 25.31 1.90 -26.87
C THR A 287 25.42 2.56 -25.50
N THR A 288 26.54 2.32 -24.83
CA THR A 288 26.77 2.83 -23.48
C THR A 288 26.73 4.36 -23.43
N SER A 289 27.20 4.98 -24.50
CA SER A 289 27.21 6.44 -24.59
C SER A 289 25.79 6.99 -24.76
N THR A 290 25.03 6.37 -25.65
CA THR A 290 23.65 6.78 -25.90
C THR A 290 22.80 6.60 -24.65
N THR A 291 23.06 5.52 -23.91
CA THR A 291 22.37 5.29 -22.64
C THR A 291 22.64 6.42 -21.67
N LEU A 292 23.92 6.79 -21.52
CA LEU A 292 24.31 7.88 -20.65
C LEU A 292 23.72 9.21 -21.14
N ALA A 293 23.60 9.33 -22.46
CA ALA A 293 22.98 10.49 -23.06
C ALA A 293 21.50 10.55 -22.67
N TRP A 294 20.85 9.39 -22.68
CA TRP A 294 19.47 9.29 -22.21
C TRP A 294 19.40 9.61 -20.72
N GLY A 295 20.39 9.11 -19.98
CA GLY A 295 20.44 9.29 -18.54
C GLY A 295 20.44 10.75 -18.12
N LEU A 296 21.31 11.55 -18.73
CA LEU A 296 21.40 12.96 -18.40
C LEU A 296 20.15 13.73 -18.84
N LEU A 297 19.56 13.31 -19.95
CA LEU A 297 18.34 13.94 -20.44
C LEU A 297 17.18 13.71 -19.48
N LEU A 298 17.10 12.51 -18.92
CA LEU A 298 16.04 12.17 -17.99
C LEU A 298 16.27 12.82 -16.62
N MET A 299 17.51 13.26 -16.37
CA MET A 299 17.84 13.91 -15.11
C MET A 299 17.53 15.41 -15.13
N ILE A 300 17.42 15.99 -16.32
CA ILE A 300 17.06 17.40 -16.43
C ILE A 300 15.56 17.54 -16.69
N LEU A 301 14.95 16.48 -17.21
CA LEU A 301 13.49 16.46 -17.39
C LEU A 301 12.80 16.09 -16.08
N HIS A 302 13.53 15.42 -15.20
CA HIS A 302 12.98 15.00 -13.91
C HIS A 302 13.96 15.32 -12.79
N PRO A 303 14.10 16.61 -12.45
CA PRO A 303 15.07 17.07 -11.44
C PRO A 303 14.83 16.46 -10.06
N ASP A 304 13.58 16.13 -9.75
CA ASP A 304 13.25 15.53 -8.46
C ASP A 304 13.96 14.20 -8.31
N VAL A 305 14.01 13.43 -9.39
CA VAL A 305 14.70 12.15 -9.38
C VAL A 305 16.19 12.37 -9.19
N GLN A 306 16.72 13.40 -9.83
CA GLN A 306 18.13 13.73 -9.74
C GLN A 306 18.56 14.04 -8.30
N ARG A 307 17.73 14.80 -7.60
CA ARG A 307 18.02 15.19 -6.22
C ARG A 307 18.08 13.98 -5.29
N ARG A 308 17.15 13.05 -5.48
CA ARG A 308 17.11 11.85 -4.65
C ARG A 308 18.34 10.97 -4.87
N VAL A 309 18.81 10.92 -6.11
CA VAL A 309 20.03 10.18 -6.42
C VAL A 309 21.22 10.84 -5.75
N GLN A 310 21.35 12.15 -5.93
CA GLN A 310 22.43 12.92 -5.34
C GLN A 310 22.40 12.86 -3.82
N GLN A 311 21.21 12.72 -3.26
CA GLN A 311 21.07 12.56 -1.82
C GLN A 311 21.61 11.20 -1.38
N GLU A 312 21.27 10.16 -2.12
CA GLU A 312 21.72 8.81 -1.81
C GLU A 312 23.22 8.68 -2.00
N ILE A 313 23.76 9.43 -2.97
CA ILE A 313 25.19 9.48 -3.20
C ILE A 313 25.92 10.02 -1.95
N ASP A 314 25.36 11.09 -1.39
CA ASP A 314 25.95 11.70 -0.20
C ASP A 314 25.85 10.80 1.03
N ASP A 315 24.71 10.13 1.18
CA ASP A 315 24.46 9.29 2.35
C ASP A 315 25.32 8.02 2.35
N VAL A 316 25.80 7.62 1.18
CA VAL A 316 26.52 6.36 1.05
C VAL A 316 27.99 6.57 0.67
N ILE A 317 28.23 7.46 -0.29
CA ILE A 317 29.59 7.70 -0.78
C ILE A 317 30.21 8.95 -0.18
N GLY A 318 29.55 10.09 -0.38
CA GLY A 318 30.08 11.37 0.02
C GLY A 318 30.18 12.29 -1.18
N GLN A 319 31.07 13.28 -1.12
CA GLN A 319 31.22 14.23 -2.22
C GLN A 319 32.68 14.49 -2.56
N VAL A 320 33.57 13.57 -2.16
CA VAL A 320 34.98 13.69 -2.49
C VAL A 320 35.57 12.34 -2.88
N ARG A 321 35.03 11.27 -2.30
CA ARG A 321 35.50 9.93 -2.60
C ARG A 321 34.88 9.42 -3.90
N ARG A 322 35.70 8.82 -4.74
CA ARG A 322 35.25 8.30 -6.01
C ARG A 322 34.33 7.10 -5.81
N PRO A 323 33.22 7.04 -6.56
CA PRO A 323 32.26 5.93 -6.49
C PRO A 323 32.92 4.59 -6.83
N GLU A 324 32.50 3.54 -6.14
CA GLU A 324 33.02 2.20 -6.38
C GLU A 324 31.88 1.23 -6.67
N MET A 325 32.19 0.10 -7.30
CA MET A 325 31.18 -0.90 -7.62
C MET A 325 30.62 -1.55 -6.36
N GLY A 326 31.38 -1.47 -5.26
CA GLY A 326 30.94 -1.99 -3.99
C GLY A 326 29.86 -1.14 -3.36
N ASP A 327 29.68 0.07 -3.88
CA ASP A 327 28.66 0.98 -3.37
C ASP A 327 27.28 0.68 -3.94
N GLN A 328 27.23 0.01 -5.09
CA GLN A 328 25.99 -0.25 -5.80
C GLN A 328 25.01 -1.08 -4.96
N ALA A 329 25.54 -2.04 -4.23
CA ALA A 329 24.71 -2.90 -3.38
C ALA A 329 24.07 -2.12 -2.25
N HIS A 330 24.62 -0.93 -1.97
CA HIS A 330 24.11 -0.08 -0.90
C HIS A 330 23.41 1.16 -1.45
N MET A 331 23.16 1.16 -2.76
CA MET A 331 22.46 2.28 -3.39
C MET A 331 21.31 1.80 -4.27
N PRO A 332 20.21 1.33 -3.64
CA PRO A 332 19.08 0.76 -4.36
C PRO A 332 18.36 1.76 -5.27
N TYR A 333 18.24 3.00 -4.84
CA TYR A 333 17.50 3.99 -5.62
C TYR A 333 18.25 4.37 -6.89
N THR A 334 19.55 4.62 -6.76
CA THR A 334 20.38 4.97 -7.91
C THR A 334 20.37 3.82 -8.92
N THR A 335 20.40 2.60 -8.41
CA THR A 335 20.36 1.41 -9.25
C THR A 335 19.04 1.34 -10.03
N ALA A 336 17.96 1.76 -9.38
CA ALA A 336 16.65 1.76 -10.00
C ALA A 336 16.56 2.82 -11.10
N VAL A 337 17.16 3.97 -10.85
CA VAL A 337 17.16 5.06 -11.83
C VAL A 337 17.93 4.67 -13.09
N ILE A 338 19.09 4.05 -12.90
CA ILE A 338 19.92 3.60 -14.02
C ILE A 338 19.20 2.54 -14.84
N HIS A 339 18.61 1.56 -14.16
CA HIS A 339 17.84 0.52 -14.82
C HIS A 339 16.65 1.11 -15.58
N GLU A 340 16.02 2.12 -14.98
CA GLU A 340 14.88 2.78 -15.62
C GLU A 340 15.33 3.62 -16.81
N VAL A 341 16.56 4.13 -16.76
CA VAL A 341 17.11 4.84 -17.91
C VAL A 341 17.23 3.89 -19.09
N GLN A 342 17.77 2.70 -18.84
CA GLN A 342 17.88 1.68 -19.88
C GLN A 342 16.50 1.26 -20.39
N ARG A 343 15.58 1.03 -19.46
CA ARG A 343 14.22 0.60 -19.83
C ARG A 343 13.51 1.65 -20.65
N PHE A 344 13.42 2.86 -20.11
CA PHE A 344 12.77 3.96 -20.80
C PHE A 344 13.53 4.35 -22.06
N GLY A 345 14.86 4.40 -21.95
CA GLY A 345 15.71 4.75 -23.07
C GLY A 345 15.48 3.85 -24.27
N ASP A 346 15.45 2.55 -24.02
CA ASP A 346 15.07 1.57 -25.03
C ASP A 346 15.90 1.75 -26.31
N ILE A 347 17.22 1.78 -26.16
CA ILE A 347 18.09 2.21 -27.24
C ILE A 347 18.17 1.21 -28.38
N VAL A 348 17.96 -0.06 -28.07
CA VAL A 348 17.91 -1.10 -29.11
C VAL A 348 16.53 -1.73 -29.12
N PRO A 349 15.57 -1.09 -29.81
CA PRO A 349 14.18 -1.53 -29.79
C PRO A 349 13.97 -2.89 -30.43
N LEU A 350 14.55 -3.11 -31.60
CA LEU A 350 14.33 -4.34 -32.35
C LEU A 350 15.48 -5.33 -32.16
N GLY A 351 16.36 -5.03 -31.21
CA GLY A 351 17.49 -5.88 -30.91
C GLY A 351 18.39 -6.08 -32.09
N VAL A 352 19.10 -7.21 -32.11
CA VAL A 352 19.92 -7.59 -33.26
C VAL A 352 19.35 -8.86 -33.84
N THR A 353 19.15 -8.88 -35.16
CA THR A 353 18.46 -9.98 -35.82
C THR A 353 19.10 -11.34 -35.57
N HIS A 354 18.25 -12.33 -35.29
CA HIS A 354 18.70 -13.71 -35.17
C HIS A 354 18.27 -14.49 -36.40
N MET A 355 18.63 -15.77 -36.46
CA MET A 355 18.15 -16.65 -37.52
C MET A 355 18.03 -18.08 -37.00
N THR A 356 16.96 -18.75 -37.40
CA THR A 356 16.73 -20.13 -37.00
C THR A 356 17.61 -21.09 -37.80
N SER A 357 18.33 -21.96 -37.10
CA SER A 357 19.18 -22.95 -37.73
C SER A 357 18.45 -24.28 -37.88
N ARG A 358 17.31 -24.39 -37.22
CA ARG A 358 16.44 -25.55 -37.35
C ARG A 358 14.98 -25.13 -37.42
N ASP A 359 14.09 -26.10 -37.53
CA ASP A 359 12.65 -25.84 -37.42
C ASP A 359 12.26 -25.81 -35.95
N ILE A 360 11.67 -24.70 -35.52
CA ILE A 360 11.26 -24.57 -34.12
C ILE A 360 9.78 -24.23 -33.99
N GLU A 361 9.32 -24.15 -32.75
CA GLU A 361 7.93 -23.82 -32.46
C GLU A 361 7.86 -22.68 -31.44
N VAL A 362 7.26 -21.57 -31.85
CA VAL A 362 7.10 -20.41 -30.98
C VAL A 362 5.63 -20.04 -30.80
N GLN A 363 5.16 -20.10 -29.56
CA GLN A 363 3.78 -19.77 -29.21
C GLN A 363 2.78 -20.58 -30.04
N GLY A 364 3.07 -21.85 -30.24
CA GLY A 364 2.21 -22.73 -31.00
C GLY A 364 2.55 -22.78 -32.48
N PHE A 365 2.92 -21.63 -33.03
CA PHE A 365 3.22 -21.54 -34.46
C PHE A 365 4.52 -22.23 -34.82
N ARG A 366 4.69 -22.52 -36.11
CA ARG A 366 5.90 -23.18 -36.59
C ARG A 366 6.82 -22.19 -37.30
N ILE A 367 8.12 -22.29 -37.02
CA ILE A 367 9.10 -21.42 -37.64
C ILE A 367 10.12 -22.24 -38.43
N PRO A 368 10.08 -22.12 -39.76
CA PRO A 368 10.98 -22.85 -40.66
C PRO A 368 12.45 -22.50 -40.43
N LYS A 369 13.35 -23.44 -40.72
CA LYS A 369 14.78 -23.20 -40.65
C LYS A 369 15.17 -22.08 -41.62
N GLY A 370 16.09 -21.22 -41.19
CA GLY A 370 16.58 -20.14 -42.03
C GLY A 370 15.72 -18.90 -41.97
N THR A 371 14.76 -18.90 -41.05
CA THR A 371 13.88 -17.75 -40.88
C THR A 371 14.57 -16.66 -40.06
N THR A 372 14.54 -15.43 -40.56
CA THR A 372 15.13 -14.31 -39.85
C THR A 372 14.25 -13.89 -38.68
N LEU A 373 14.81 -13.97 -37.47
CA LEU A 373 14.06 -13.63 -36.27
C LEU A 373 14.34 -12.21 -35.80
N ILE A 374 13.27 -11.48 -35.49
CA ILE A 374 13.40 -10.15 -34.92
C ILE A 374 12.86 -10.13 -33.49
N THR A 375 13.73 -9.83 -32.54
CA THR A 375 13.35 -9.76 -31.13
C THR A 375 12.96 -8.33 -30.76
N ASN A 376 11.66 -8.08 -30.71
CA ASN A 376 11.16 -6.75 -30.34
C ASN A 376 11.37 -6.47 -28.86
N LEU A 377 12.60 -6.10 -28.48
CA LEU A 377 12.93 -5.85 -27.09
C LEU A 377 12.10 -4.71 -26.52
N SER A 378 11.71 -3.78 -27.39
CA SER A 378 10.86 -2.65 -27.00
C SER A 378 9.54 -3.12 -26.43
N SER A 379 8.97 -4.17 -27.03
CA SER A 379 7.70 -4.72 -26.56
C SER A 379 7.84 -5.40 -25.20
N VAL A 380 9.08 -5.65 -24.79
CA VAL A 380 9.33 -6.27 -23.50
C VAL A 380 9.59 -5.22 -22.43
N LEU A 381 10.36 -4.20 -22.79
CA LEU A 381 10.68 -3.12 -21.86
C LEU A 381 9.50 -2.17 -21.66
N LYS A 382 8.58 -2.15 -22.62
CA LYS A 382 7.43 -1.25 -22.54
C LYS A 382 6.12 -2.01 -22.44
N ASP A 383 6.21 -3.29 -22.07
CA ASP A 383 5.04 -4.13 -21.91
C ASP A 383 4.11 -3.56 -20.85
N GLU A 384 2.91 -3.16 -21.28
CA GLU A 384 1.95 -2.53 -20.39
C GLU A 384 1.35 -3.50 -19.38
N ALA A 385 1.47 -4.80 -19.66
CA ALA A 385 0.95 -5.82 -18.76
C ALA A 385 1.94 -6.13 -17.65
N VAL A 386 3.19 -5.69 -17.83
CA VAL A 386 4.24 -5.95 -16.86
C VAL A 386 4.56 -4.71 -16.03
N TRP A 387 4.81 -3.60 -16.71
CA TRP A 387 5.22 -2.37 -16.04
C TRP A 387 4.02 -1.51 -15.66
N GLU A 388 4.10 -0.89 -14.49
CA GLU A 388 3.02 -0.07 -13.94
C GLU A 388 2.64 1.08 -14.89
N LYS A 389 3.65 1.84 -15.33
CA LYS A 389 3.43 2.92 -16.28
C LYS A 389 4.55 2.96 -17.30
N PRO A 390 4.53 2.00 -18.25
CA PRO A 390 5.62 1.73 -19.20
C PRO A 390 6.08 2.93 -20.01
N PHE A 391 5.18 3.84 -20.34
CA PHE A 391 5.54 4.97 -21.20
C PHE A 391 5.94 6.20 -20.39
N ARG A 392 6.24 5.99 -19.12
CA ARG A 392 6.71 7.06 -18.24
C ARG A 392 8.09 6.75 -17.70
N PHE A 393 8.82 7.79 -17.29
CA PHE A 393 10.09 7.59 -16.61
C PHE A 393 9.81 7.39 -15.13
N HIS A 394 9.72 6.13 -14.72
CA HIS A 394 9.27 5.78 -13.39
C HIS A 394 10.27 4.87 -12.69
N PRO A 395 11.20 5.46 -11.92
CA PRO A 395 12.24 4.74 -11.18
C PRO A 395 11.68 3.64 -10.27
N GLU A 396 10.43 3.80 -9.83
CA GLU A 396 9.81 2.83 -8.93
C GLU A 396 9.45 1.53 -9.65
N HIS A 397 9.72 1.46 -10.95
CA HIS A 397 9.58 0.22 -11.70
C HIS A 397 10.56 -0.83 -11.19
N PHE A 398 11.62 -0.38 -10.52
CA PHE A 398 12.64 -1.27 -9.99
C PHE A 398 12.77 -1.10 -8.48
N LEU A 399 11.67 -0.73 -7.84
CA LEU A 399 11.63 -0.54 -6.40
C LEU A 399 10.32 -1.06 -5.82
N ASP A 400 10.37 -1.60 -4.61
CA ASP A 400 9.16 -1.94 -3.89
C ASP A 400 8.84 -0.82 -2.92
N ALA A 401 7.76 -0.97 -2.15
CA ALA A 401 7.32 0.06 -1.22
C ALA A 401 8.38 0.39 -0.17
N GLN A 402 9.19 -0.61 0.19
CA GLN A 402 10.19 -0.44 1.23
C GLN A 402 11.38 0.38 0.73
N GLY A 403 11.68 0.27 -0.55
CA GLY A 403 12.80 0.98 -1.14
C GLY A 403 13.88 0.03 -1.65
N HIS A 404 13.58 -1.26 -1.63
CA HIS A 404 14.52 -2.26 -2.10
C HIS A 404 14.54 -2.32 -3.63
N PHE A 405 15.71 -2.57 -4.20
CA PHE A 405 15.81 -2.72 -5.64
C PHE A 405 15.31 -4.08 -6.07
N VAL A 406 14.41 -4.09 -7.05
CA VAL A 406 13.94 -5.33 -7.66
C VAL A 406 14.14 -5.26 -9.16
N LYS A 407 14.52 -6.38 -9.76
CA LYS A 407 14.70 -6.44 -11.21
C LYS A 407 13.73 -7.43 -11.83
N PRO A 408 12.65 -6.91 -12.45
CA PRO A 408 11.64 -7.73 -13.13
C PRO A 408 12.23 -8.62 -14.22
N GLU A 409 11.54 -9.70 -14.54
CA GLU A 409 11.97 -10.61 -15.60
C GLU A 409 12.01 -9.89 -16.94
N ALA A 410 11.14 -8.90 -17.11
CA ALA A 410 10.97 -8.22 -18.39
C ALA A 410 12.06 -7.19 -18.68
N PHE A 411 13.06 -7.10 -17.80
CA PHE A 411 14.18 -6.22 -18.04
C PHE A 411 15.20 -6.90 -18.95
N LEU A 412 15.01 -6.76 -20.27
CA LEU A 412 15.90 -7.38 -21.24
C LEU A 412 16.51 -6.40 -22.24
N PRO A 413 17.24 -5.38 -21.75
CA PRO A 413 17.85 -4.45 -22.72
C PRO A 413 19.05 -5.09 -23.43
N PHE A 414 19.62 -6.13 -22.82
CA PHE A 414 20.75 -6.84 -23.41
C PHE A 414 20.29 -8.14 -24.08
N SER A 415 18.99 -8.21 -24.37
CA SER A 415 18.37 -9.40 -24.92
C SER A 415 18.57 -10.60 -24.00
N ALA A 416 18.48 -11.80 -24.56
CA ALA A 416 18.65 -13.03 -23.78
C ALA A 416 19.19 -14.17 -24.63
N GLY A 417 19.57 -15.26 -23.98
CA GLY A 417 20.06 -16.43 -24.68
C GLY A 417 21.56 -16.43 -24.90
N ARG A 418 22.01 -17.35 -25.75
CA ARG A 418 23.44 -17.49 -26.04
C ARG A 418 24.04 -16.24 -26.67
N ARG A 419 23.22 -15.50 -27.40
CA ARG A 419 23.69 -14.31 -28.11
C ARG A 419 23.55 -13.03 -27.30
N ALA A 420 23.11 -13.16 -26.06
CA ALA A 420 22.94 -12.01 -25.19
C ALA A 420 24.25 -11.22 -25.08
N CYS A 421 24.13 -9.91 -24.93
CA CYS A 421 25.27 -8.99 -24.87
C CYS A 421 26.35 -9.47 -23.92
N LEU A 422 27.56 -9.67 -24.44
CA LEU A 422 28.68 -10.11 -23.62
C LEU A 422 29.31 -8.93 -22.89
N GLY A 423 28.88 -7.74 -23.25
CA GLY A 423 29.43 -6.52 -22.67
C GLY A 423 28.62 -6.02 -21.49
N GLU A 424 27.55 -6.75 -21.15
CA GLU A 424 26.67 -6.34 -20.05
C GLU A 424 27.39 -6.10 -18.72
N PRO A 425 28.30 -7.01 -18.30
CA PRO A 425 29.01 -6.71 -17.04
C PRO A 425 29.77 -5.40 -17.10
N LEU A 426 30.42 -5.13 -18.22
CA LEU A 426 31.17 -3.88 -18.39
C LEU A 426 30.23 -2.69 -18.46
N ALA A 427 29.12 -2.87 -19.17
CA ALA A 427 28.10 -1.84 -19.30
C ALA A 427 27.54 -1.44 -17.93
N ARG A 428 27.19 -2.45 -17.13
CA ARG A 428 26.71 -2.22 -15.77
C ARG A 428 27.71 -1.38 -14.98
N MET A 429 28.99 -1.69 -15.15
CA MET A 429 30.06 -0.98 -14.46
C MET A 429 30.21 0.44 -14.98
N GLU A 430 30.25 0.58 -16.30
CA GLU A 430 30.36 1.90 -16.93
C GLU A 430 29.19 2.80 -16.56
N LEU A 431 27.99 2.25 -16.59
CA LEU A 431 26.78 3.03 -16.31
C LEU A 431 26.76 3.54 -14.88
N PHE A 432 27.00 2.65 -13.92
CA PHE A 432 26.98 3.04 -12.51
C PHE A 432 28.06 4.07 -12.18
N LEU A 433 29.29 3.82 -12.62
CA LEU A 433 30.41 4.67 -12.25
C LEU A 433 30.37 6.04 -12.92
N PHE A 434 30.02 6.07 -14.20
CA PHE A 434 29.93 7.34 -14.92
C PHE A 434 28.75 8.18 -14.45
N PHE A 435 27.60 7.53 -14.27
CA PHE A 435 26.38 8.23 -13.87
C PHE A 435 26.49 8.79 -12.45
N THR A 436 27.01 7.99 -11.53
CA THR A 436 27.14 8.43 -10.15
C THR A 436 28.19 9.51 -10.00
N SER A 437 29.29 9.39 -10.73
CA SER A 437 30.37 10.37 -10.63
C SER A 437 29.95 11.74 -11.15
N LEU A 438 29.17 11.75 -12.22
CA LEU A 438 28.68 12.99 -12.80
C LEU A 438 27.70 13.70 -11.87
N LEU A 439 26.75 12.94 -11.33
CA LEU A 439 25.76 13.51 -10.41
C LEU A 439 26.38 13.86 -9.07
N GLN A 440 27.50 13.22 -8.73
CA GLN A 440 28.19 13.48 -7.48
C GLN A 440 28.79 14.88 -7.47
N HIS A 441 29.24 15.31 -8.64
CA HIS A 441 29.96 16.59 -8.75
C HIS A 441 29.19 17.64 -9.54
N PHE A 442 28.08 17.25 -10.16
CA PHE A 442 27.32 18.20 -10.97
C PHE A 442 25.83 18.14 -10.74
N SER A 443 25.18 19.28 -10.91
CA SER A 443 23.73 19.36 -10.91
C SER A 443 23.26 19.76 -12.30
N PHE A 444 22.56 18.86 -12.98
CA PHE A 444 22.17 19.09 -14.36
C PHE A 444 20.77 19.67 -14.46
N SER A 445 20.59 20.58 -15.40
CA SER A 445 19.30 21.23 -15.62
C SER A 445 19.14 21.68 -17.06
N VAL A 446 17.92 22.07 -17.42
CA VAL A 446 17.67 22.62 -18.75
C VAL A 446 18.12 24.07 -18.81
N PRO A 447 18.76 24.46 -19.93
CA PRO A 447 19.18 25.85 -20.11
C PRO A 447 17.97 26.77 -20.23
N THR A 448 17.87 27.75 -19.35
CA THR A 448 16.75 28.69 -19.37
C THR A 448 16.70 29.44 -20.70
N GLY A 449 15.49 29.60 -21.23
CA GLY A 449 15.31 30.24 -22.52
C GLY A 449 15.16 29.22 -23.62
N GLN A 450 15.52 27.98 -23.32
CA GLN A 450 15.39 26.90 -24.30
C GLN A 450 14.16 26.05 -24.01
N PRO A 451 13.54 25.50 -25.07
CA PRO A 451 12.36 24.65 -24.90
C PRO A 451 12.67 23.35 -24.18
N ARG A 452 11.71 22.85 -23.40
CA ARG A 452 11.85 21.56 -22.75
C ARG A 452 12.05 20.47 -23.80
N PRO A 453 13.19 19.79 -23.73
CA PRO A 453 13.54 18.75 -24.72
C PRO A 453 12.58 17.57 -24.70
N SER A 454 12.22 17.09 -25.88
CA SER A 454 11.34 15.93 -26.00
C SER A 454 12.01 14.67 -25.46
N HIS A 455 11.25 13.84 -24.76
CA HIS A 455 11.77 12.57 -24.29
C HIS A 455 11.53 11.48 -25.32
N HIS A 456 11.08 11.88 -26.50
CA HIS A 456 10.97 10.97 -27.64
C HIS A 456 12.28 10.99 -28.43
N GLY A 457 12.81 9.80 -28.71
CA GLY A 457 14.07 9.69 -29.39
C GLY A 457 13.94 9.52 -30.89
N VAL A 458 15.00 9.85 -31.61
CA VAL A 458 15.04 9.68 -33.06
C VAL A 458 15.31 8.22 -33.40
N PHE A 459 14.36 7.59 -34.10
CA PHE A 459 14.46 6.16 -34.35
C PHE A 459 15.55 5.78 -35.34
N ALA A 460 16.25 4.70 -35.01
CA ALA A 460 17.20 4.05 -35.90
C ALA A 460 17.35 2.62 -35.41
N PHE A 461 18.38 1.92 -35.85
CA PHE A 461 18.67 0.61 -35.28
C PHE A 461 19.11 0.82 -33.84
N LEU A 462 19.63 2.02 -33.57
CA LEU A 462 19.95 2.46 -32.21
C LEU A 462 19.27 3.80 -31.96
N VAL A 463 18.42 3.85 -30.95
CA VAL A 463 17.64 5.06 -30.66
C VAL A 463 18.39 6.03 -29.76
N SER A 464 18.81 7.16 -30.33
CA SER A 464 19.46 8.22 -29.57
C SER A 464 18.43 9.25 -29.12
N PRO A 465 18.71 9.94 -28.00
CA PRO A 465 17.81 11.00 -27.54
C PRO A 465 17.74 12.14 -28.55
N SER A 466 16.63 12.85 -28.60
CA SER A 466 16.52 14.03 -29.43
C SER A 466 17.56 15.04 -28.96
N PRO A 467 18.30 15.66 -29.91
CA PRO A 467 19.39 16.59 -29.60
C PRO A 467 19.01 17.65 -28.58
N TYR A 468 19.81 17.76 -27.53
CA TYR A 468 19.52 18.68 -26.43
C TYR A 468 20.80 19.26 -25.84
N GLU A 469 20.66 20.40 -25.19
CA GLU A 469 21.77 21.00 -24.44
C GLU A 469 21.44 20.98 -22.96
N LEU A 470 22.46 21.08 -22.12
CA LEU A 470 22.25 21.11 -20.68
C LEU A 470 23.27 22.01 -19.98
N CYS A 471 22.93 22.40 -18.75
CA CYS A 471 23.87 23.13 -17.91
C CYS A 471 24.36 22.24 -16.79
N ALA A 472 25.68 22.16 -16.63
CA ALA A 472 26.27 21.35 -15.58
C ALA A 472 27.00 22.23 -14.57
N VAL A 473 26.29 22.61 -13.51
CA VAL A 473 26.89 23.44 -12.47
C VAL A 473 27.42 22.57 -11.34
N PRO A 474 28.68 22.81 -10.94
CA PRO A 474 29.36 22.03 -9.91
C PRO A 474 28.66 22.13 -8.55
N ARG A 475 29.02 21.22 -7.63
CA ARG A 475 28.51 21.26 -6.27
C ARG A 475 29.66 21.34 -5.28
N GLY B 9 23.49 15.65 38.68
CA GLY B 9 22.46 15.31 37.73
C GLY B 9 21.22 14.75 38.40
N LYS B 10 20.12 14.68 37.65
CA LYS B 10 18.86 14.18 38.19
C LYS B 10 18.86 12.65 38.25
N LEU B 11 18.44 12.10 39.39
CA LEU B 11 18.20 10.67 39.50
C LEU B 11 16.83 10.34 38.92
N PRO B 12 16.70 9.17 38.29
CA PRO B 12 15.44 8.76 37.66
C PRO B 12 14.29 8.73 38.66
N PRO B 13 13.10 9.21 38.24
CA PRO B 13 11.90 9.23 39.09
C PRO B 13 11.42 7.82 39.41
N GLY B 14 10.34 7.72 40.18
CA GLY B 14 9.79 6.42 40.55
C GLY B 14 8.98 6.48 41.84
N PRO B 15 8.27 5.39 42.14
CA PRO B 15 7.42 5.28 43.34
C PRO B 15 8.20 5.57 44.62
N LEU B 16 7.54 6.22 45.58
CA LEU B 16 8.16 6.55 46.85
C LEU B 16 8.37 5.28 47.70
N PRO B 17 9.60 5.06 48.15
CA PRO B 17 9.96 3.87 48.95
C PRO B 17 9.20 3.80 50.27
N GLN B 30 4.43 -11.74 40.67
CA GLN B 30 3.95 -12.34 39.43
C GLN B 30 3.45 -11.29 38.45
N ASN B 31 3.70 -11.54 37.16
CA ASN B 31 3.36 -10.62 36.09
C ASN B 31 3.92 -9.22 36.34
N THR B 32 5.20 -9.17 36.69
CA THR B 32 5.90 -7.90 36.92
C THR B 32 6.03 -7.04 35.65
N PRO B 33 6.22 -7.65 34.46
CA PRO B 33 6.17 -6.85 33.22
C PRO B 33 4.97 -5.92 33.13
N TYR B 34 3.79 -6.41 33.51
CA TYR B 34 2.59 -5.60 33.53
C TYR B 34 2.70 -4.49 34.57
N CYS B 35 3.36 -4.79 35.68
CA CYS B 35 3.57 -3.81 36.73
C CYS B 35 4.56 -2.73 36.28
N PHE B 36 5.62 -3.14 35.60
CA PHE B 36 6.60 -2.21 35.07
C PHE B 36 6.01 -1.33 33.98
N ASP B 37 5.11 -1.91 33.18
CA ASP B 37 4.45 -1.18 32.12
C ASP B 37 3.55 -0.09 32.69
N GLN B 38 3.11 -0.29 33.92
CA GLN B 38 2.32 0.70 34.63
C GLN B 38 3.21 1.83 35.15
N LEU B 39 4.46 1.49 35.47
CA LEU B 39 5.38 2.47 36.04
C LEU B 39 6.04 3.35 34.97
N ARG B 40 6.19 2.81 33.77
CA ARG B 40 6.84 3.55 32.69
C ARG B 40 5.88 4.56 32.07
N ARG B 41 4.58 4.30 32.20
CA ARG B 41 3.57 5.23 31.71
C ARG B 41 3.28 6.30 32.76
N ARG B 42 3.94 6.20 33.90
CA ARG B 42 3.72 7.13 35.01
C ARG B 42 4.98 7.91 35.36
N PHE B 43 6.14 7.35 35.01
CA PHE B 43 7.41 7.97 35.38
C PHE B 43 8.38 8.12 34.20
N GLY B 44 8.15 7.35 33.13
CA GLY B 44 8.99 7.44 31.95
C GLY B 44 9.77 6.17 31.65
N ASP B 45 10.55 6.20 30.58
CA ASP B 45 11.28 5.01 30.13
C ASP B 45 12.37 4.59 31.12
N VAL B 46 12.91 5.55 31.86
CA VAL B 46 13.94 5.23 32.86
C VAL B 46 13.50 5.66 34.25
N PHE B 47 13.14 4.68 35.08
CA PHE B 47 12.70 4.97 36.44
C PHE B 47 13.48 4.17 37.48
N SER B 48 13.30 4.54 38.75
CA SER B 48 14.01 3.91 39.84
C SER B 48 13.11 3.05 40.70
N LEU B 49 13.72 2.11 41.43
CA LEU B 49 13.01 1.26 42.38
C LEU B 49 13.94 0.87 43.53
N GLN B 50 13.37 0.72 44.72
CA GLN B 50 14.15 0.29 45.88
C GLN B 50 13.67 -1.08 46.36
N LEU B 51 14.00 -2.11 45.59
CA LEU B 51 13.67 -3.48 45.98
C LEU B 51 14.58 -3.92 47.12
N ALA B 52 13.99 -4.17 48.28
CA ALA B 52 14.71 -4.54 49.49
C ALA B 52 15.77 -3.50 49.86
N TRP B 53 17.04 -3.88 49.75
CA TRP B 53 18.13 -3.01 50.12
C TRP B 53 18.91 -2.50 48.90
N THR B 54 18.59 -3.04 47.73
CA THR B 54 19.35 -2.73 46.52
C THR B 54 18.65 -1.69 45.64
N PRO B 55 19.38 -0.63 45.28
CA PRO B 55 18.89 0.39 44.33
C PRO B 55 18.82 -0.14 42.90
N VAL B 56 17.64 -0.02 42.28
CA VAL B 56 17.43 -0.58 40.94
C VAL B 56 16.90 0.47 39.97
N VAL B 57 17.48 0.50 38.76
CA VAL B 57 17.00 1.37 37.70
C VAL B 57 16.55 0.55 36.49
N VAL B 58 15.30 0.73 36.08
CA VAL B 58 14.74 -0.04 34.97
C VAL B 58 14.81 0.76 33.67
N LEU B 59 15.24 0.10 32.59
CA LEU B 59 15.36 0.73 31.29
C LEU B 59 14.28 0.23 30.34
N ASN B 60 13.56 1.16 29.72
CA ASN B 60 12.46 0.80 28.82
C ASN B 60 12.61 1.40 27.43
N GLY B 61 12.28 0.61 26.41
CA GLY B 61 12.40 1.06 25.04
C GLY B 61 13.80 0.88 24.50
N LEU B 62 13.91 0.81 23.17
CA LEU B 62 15.18 0.56 22.51
C LEU B 62 16.22 1.63 22.83
N ALA B 63 15.79 2.89 22.82
CA ALA B 63 16.69 4.02 23.05
C ALA B 63 17.41 3.92 24.39
N ALA B 64 16.63 3.74 25.46
CA ALA B 64 17.20 3.66 26.80
C ALA B 64 18.11 2.44 26.96
N VAL B 65 17.68 1.31 26.40
CA VAL B 65 18.46 0.08 26.46
C VAL B 65 19.75 0.21 25.65
N ARG B 66 19.63 0.73 24.43
CA ARG B 66 20.79 0.92 23.56
C ARG B 66 21.81 1.88 24.18
N GLU B 67 21.32 2.97 24.75
CA GLU B 67 22.19 3.98 25.34
C GLU B 67 23.03 3.42 26.48
N ALA B 68 22.43 2.50 27.25
CA ALA B 68 23.12 1.94 28.41
C ALA B 68 24.08 0.82 28.01
N LEU B 69 23.60 -0.10 27.17
CA LEU B 69 24.35 -1.30 26.85
C LEU B 69 25.34 -1.13 25.70
N VAL B 70 25.14 -0.10 24.87
CA VAL B 70 26.04 0.13 23.75
C VAL B 70 26.88 1.39 23.93
N THR B 71 26.21 2.53 24.08
CA THR B 71 26.90 3.81 24.24
C THR B 71 27.75 3.81 25.50
N HIS B 72 27.21 3.25 26.59
CA HIS B 72 27.96 3.11 27.82
C HIS B 72 28.23 1.64 28.14
N GLY B 73 28.50 0.86 27.09
CA GLY B 73 28.72 -0.57 27.23
C GLY B 73 29.87 -0.93 28.13
N GLU B 74 30.88 -0.06 28.16
CA GLU B 74 32.07 -0.30 28.97
C GLU B 74 31.76 -0.19 30.46
N ASP B 75 30.72 0.56 30.79
CA ASP B 75 30.40 0.82 32.20
C ASP B 75 29.13 0.10 32.66
N THR B 76 28.53 -0.70 31.78
CA THR B 76 27.30 -1.40 32.14
C THR B 76 27.35 -2.90 31.82
N ALA B 77 28.56 -3.43 31.70
CA ALA B 77 28.73 -4.84 31.33
C ALA B 77 29.08 -5.70 32.55
N ASP B 78 28.84 -5.18 33.75
CA ASP B 78 29.13 -5.92 34.96
C ASP B 78 27.86 -6.53 35.55
N ARG B 79 28.03 -7.62 36.30
CA ARG B 79 26.90 -8.27 36.95
C ARG B 79 26.82 -7.87 38.42
N PRO B 80 25.60 -7.81 38.97
CA PRO B 80 25.46 -7.66 40.41
C PRO B 80 26.08 -8.84 41.13
N PRO B 81 26.80 -8.60 42.23
CA PRO B 81 27.46 -9.69 42.97
C PRO B 81 26.46 -10.70 43.51
N VAL B 82 26.74 -11.98 43.30
CA VAL B 82 25.89 -13.04 43.82
C VAL B 82 26.67 -13.87 44.83
N PRO B 83 26.56 -13.53 46.12
CA PRO B 83 27.29 -14.17 47.22
C PRO B 83 27.08 -15.67 47.32
N ILE B 84 25.86 -16.13 47.08
CA ILE B 84 25.52 -17.54 47.28
C ILE B 84 26.20 -18.46 46.26
N THR B 85 26.82 -17.88 45.24
CA THR B 85 27.54 -18.66 44.25
C THR B 85 28.77 -19.32 44.85
N GLN B 86 29.18 -18.86 46.03
CA GLN B 86 30.30 -19.45 46.76
C GLN B 86 30.03 -20.91 47.10
N ILE B 87 28.75 -21.24 47.29
CA ILE B 87 28.34 -22.61 47.58
C ILE B 87 28.56 -23.50 46.37
N LEU B 88 28.48 -22.92 45.18
CA LEU B 88 28.63 -23.66 43.93
C LEU B 88 30.09 -23.78 43.50
N GLY B 89 30.98 -23.14 44.24
CA GLY B 89 32.41 -23.23 43.96
C GLY B 89 32.93 -22.05 43.16
N PHE B 90 32.36 -20.88 43.38
CA PHE B 90 32.78 -19.67 42.67
C PHE B 90 33.96 -18.99 43.35
N GLY B 91 35.04 -18.82 42.59
CA GLY B 91 36.19 -18.07 43.07
C GLY B 91 36.52 -16.97 42.09
N PRO B 92 37.47 -16.09 42.44
CA PRO B 92 37.85 -14.94 41.60
C PRO B 92 38.24 -15.32 40.18
N ARG B 93 39.03 -16.38 40.03
CA ARG B 93 39.46 -16.82 38.70
C ARG B 93 38.60 -17.97 38.19
N SER B 94 37.42 -18.13 38.77
CA SER B 94 36.50 -19.19 38.36
C SER B 94 35.04 -18.77 38.56
N GLN B 95 34.57 -17.91 37.66
CA GLN B 95 33.22 -17.37 37.77
C GLN B 95 32.35 -17.73 36.57
N GLY B 96 32.85 -18.63 35.73
CA GLY B 96 32.13 -19.02 34.53
C GLY B 96 31.98 -17.85 33.57
N VAL B 97 30.82 -17.74 32.95
CA VAL B 97 30.57 -16.66 31.99
C VAL B 97 29.32 -15.86 32.35
N PHE B 98 28.25 -16.57 32.67
CA PHE B 98 26.93 -15.96 32.86
C PHE B 98 26.91 -14.93 33.98
N LEU B 99 27.29 -15.35 35.18
CA LEU B 99 27.24 -14.45 36.34
C LEU B 99 28.59 -13.77 36.61
N ALA B 100 29.56 -14.03 35.75
CA ALA B 100 30.92 -13.52 35.94
C ALA B 100 30.97 -12.01 36.05
N ARG B 101 31.80 -11.50 36.95
CA ARG B 101 31.99 -10.06 37.09
C ARG B 101 32.74 -9.52 35.89
N TYR B 102 32.52 -8.25 35.58
CA TYR B 102 33.22 -7.62 34.46
C TYR B 102 34.71 -7.50 34.76
N GLY B 103 35.52 -8.20 33.97
CA GLY B 103 36.96 -8.23 34.18
C GLY B 103 37.61 -9.28 33.30
N PRO B 104 38.86 -9.64 33.63
CA PRO B 104 39.60 -10.64 32.86
C PRO B 104 38.97 -12.03 32.90
N ALA B 105 38.54 -12.47 34.07
CA ALA B 105 37.96 -13.80 34.24
C ALA B 105 36.77 -14.01 33.31
N TRP B 106 35.90 -12.99 33.21
CA TRP B 106 34.78 -13.04 32.30
C TRP B 106 35.24 -12.94 30.85
N ARG B 107 36.13 -12.00 30.57
CA ARG B 107 36.56 -11.72 29.20
C ARG B 107 37.23 -12.92 28.56
N GLU B 108 38.07 -13.61 29.33
CA GLU B 108 38.79 -14.78 28.82
C GLU B 108 37.83 -15.89 28.43
N GLN B 109 36.90 -16.22 29.32
CA GLN B 109 35.94 -17.28 29.06
C GLN B 109 34.93 -16.89 27.98
N ARG B 110 34.62 -15.60 27.93
CA ARG B 110 33.75 -15.06 26.89
C ARG B 110 34.38 -15.25 25.51
N ARG B 111 35.60 -14.77 25.35
CA ARG B 111 36.31 -14.88 24.09
C ARG B 111 36.54 -16.34 23.71
N PHE B 112 36.81 -17.17 24.71
CA PHE B 112 37.04 -18.58 24.49
C PHE B 112 35.81 -19.28 23.91
N SER B 113 34.69 -19.17 24.63
CA SER B 113 33.45 -19.81 24.22
C SER B 113 32.98 -19.33 22.85
N VAL B 114 33.10 -18.04 22.59
CA VAL B 114 32.71 -17.47 21.31
C VAL B 114 33.56 -18.02 20.16
N SER B 115 34.87 -17.98 20.33
CA SER B 115 35.78 -18.45 19.28
C SER B 115 35.70 -19.96 19.10
N THR B 116 35.54 -20.69 20.20
CA THR B 116 35.47 -22.15 20.14
C THR B 116 34.23 -22.61 19.37
N LEU B 117 33.10 -21.96 19.62
CA LEU B 117 31.88 -22.27 18.88
C LEU B 117 32.06 -22.00 17.39
N ARG B 118 32.77 -20.91 17.08
CA ARG B 118 33.05 -20.56 15.69
C ARG B 118 33.97 -21.58 15.04
N ASN B 119 34.99 -22.00 15.76
CA ASN B 119 35.93 -23.00 15.27
C ASN B 119 35.27 -24.37 15.12
N LEU B 120 34.22 -24.60 15.90
CA LEU B 120 33.45 -25.83 15.80
C LEU B 120 32.27 -25.62 14.85
N LYS B 125 31.39 -27.81 9.23
CA LYS B 125 29.95 -27.89 9.40
C LYS B 125 29.60 -28.74 10.62
N SER B 126 30.53 -28.83 11.57
CA SER B 126 30.34 -29.65 12.77
C SER B 126 29.18 -29.15 13.62
N LEU B 127 28.97 -27.83 13.62
CA LEU B 127 27.82 -27.24 14.29
C LEU B 127 26.53 -27.75 13.66
N GLU B 128 26.41 -27.51 12.36
CA GLU B 128 25.19 -27.81 11.61
C GLU B 128 24.90 -29.30 11.52
N GLN B 129 25.96 -30.10 11.40
CA GLN B 129 25.81 -31.55 11.28
C GLN B 129 25.09 -32.15 12.48
N TRP B 130 25.55 -31.81 13.67
CA TRP B 130 24.96 -32.34 14.90
C TRP B 130 23.53 -31.90 15.09
N VAL B 131 23.18 -30.72 14.58
CA VAL B 131 21.83 -30.19 14.70
C VAL B 131 20.86 -30.90 13.76
N THR B 132 21.25 -31.03 12.49
CA THR B 132 20.41 -31.71 11.50
C THR B 132 20.18 -33.16 11.87
N GLU B 133 21.20 -33.81 12.44
CA GLU B 133 21.07 -35.19 12.88
C GLU B 133 20.14 -35.28 14.08
N GLU B 134 20.26 -34.31 14.99
CA GLU B 134 19.42 -34.29 16.18
C GLU B 134 17.97 -33.97 15.83
N ALA B 135 17.79 -33.18 14.77
CA ALA B 135 16.47 -32.87 14.27
C ALA B 135 15.79 -34.13 13.75
N ALA B 136 16.56 -34.97 13.09
CA ALA B 136 16.08 -36.25 12.57
C ALA B 136 15.56 -37.11 13.70
N CYS B 137 16.27 -37.13 14.82
CA CYS B 137 15.85 -37.89 15.99
C CYS B 137 14.59 -37.30 16.62
N LEU B 138 14.50 -35.97 16.57
CA LEU B 138 13.35 -35.26 17.12
C LEU B 138 12.09 -35.55 16.30
N CYS B 139 12.24 -35.60 14.98
CA CYS B 139 11.13 -35.94 14.10
C CYS B 139 10.65 -37.37 14.35
N ALA B 140 11.61 -38.27 14.54
CA ALA B 140 11.31 -39.67 14.78
C ALA B 140 10.59 -39.87 16.11
N ALA B 141 11.02 -39.11 17.12
CA ALA B 141 10.39 -39.16 18.44
C ALA B 141 8.97 -38.59 18.37
N PHE B 142 8.79 -37.59 17.51
CA PHE B 142 7.47 -37.00 17.27
C PHE B 142 6.58 -37.98 16.54
N ALA B 143 7.18 -38.75 15.63
CA ALA B 143 6.43 -39.72 14.82
C ALA B 143 5.81 -40.81 15.68
N ASN B 144 6.51 -41.21 16.74
CA ASN B 144 6.02 -42.25 17.63
C ASN B 144 4.83 -41.79 18.47
N HIS B 145 4.83 -40.51 18.84
CA HIS B 145 3.74 -39.94 19.63
C HIS B 145 2.50 -39.70 18.78
N SER B 146 2.67 -39.74 17.46
CA SER B 146 1.58 -39.42 16.53
C SER B 146 0.38 -40.35 16.70
N GLY B 147 -0.82 -39.81 16.49
CA GLY B 147 -2.04 -40.56 16.67
C GLY B 147 -2.73 -40.18 17.95
N ARG B 148 -2.01 -39.45 18.80
CA ARG B 148 -2.56 -39.01 20.09
C ARG B 148 -1.93 -37.68 20.51
N PRO B 149 -2.68 -36.87 21.26
CA PRO B 149 -2.16 -35.57 21.74
C PRO B 149 -1.06 -35.72 22.78
N PHE B 150 -0.11 -34.79 22.79
CA PHE B 150 0.98 -34.82 23.75
C PHE B 150 1.60 -33.44 23.93
N ARG B 151 2.22 -33.23 25.09
CA ARG B 151 3.00 -32.02 25.35
C ARG B 151 4.41 -32.19 24.77
N PRO B 152 4.78 -31.33 23.82
CA PRO B 152 6.04 -31.46 23.08
C PRO B 152 7.25 -30.93 23.84
N ASN B 153 7.03 -30.35 25.01
CA ASN B 153 8.09 -29.68 25.75
C ASN B 153 9.27 -30.57 26.12
N GLY B 154 8.99 -31.74 26.68
CA GLY B 154 10.03 -32.67 27.09
C GLY B 154 10.92 -33.10 25.93
N LEU B 155 10.31 -33.34 24.77
CA LEU B 155 11.06 -33.76 23.59
C LEU B 155 11.93 -32.62 23.07
N LEU B 156 11.40 -31.39 23.12
CA LEU B 156 12.15 -30.23 22.69
C LEU B 156 13.36 -30.01 23.58
N ASP B 157 13.19 -30.22 24.89
CA ASP B 157 14.29 -30.12 25.84
C ASP B 157 15.45 -31.05 25.46
N LYS B 158 15.13 -32.33 25.25
CA LYS B 158 16.15 -33.34 24.98
C LYS B 158 16.93 -33.04 23.71
N ALA B 159 16.22 -32.72 22.63
CA ALA B 159 16.84 -32.43 21.35
C ALA B 159 17.73 -31.19 21.41
N VAL B 160 17.27 -30.19 22.15
CA VAL B 160 18.03 -28.95 22.32
C VAL B 160 19.25 -29.20 23.20
N SER B 161 19.07 -30.01 24.25
CA SER B 161 20.14 -30.32 25.17
C SER B 161 21.24 -31.13 24.50
N ASN B 162 20.86 -32.02 23.58
CA ASN B 162 21.83 -32.85 22.87
C ASN B 162 22.70 -32.02 21.94
N VAL B 163 22.18 -30.88 21.50
CA VAL B 163 22.95 -29.97 20.67
C VAL B 163 24.07 -29.33 21.49
N ILE B 164 23.72 -28.91 22.70
CA ILE B 164 24.72 -28.34 23.61
C ILE B 164 25.75 -29.38 24.00
N ALA B 165 25.29 -30.56 24.41
CA ALA B 165 26.15 -31.65 24.83
C ALA B 165 27.13 -32.04 23.72
N SER B 166 26.67 -31.93 22.48
CA SER B 166 27.51 -32.25 21.33
C SER B 166 28.66 -31.25 21.20
N LEU B 167 28.40 -30.00 21.61
CA LEU B 167 29.40 -28.96 21.51
C LEU B 167 30.30 -28.91 22.74
N THR B 168 29.73 -29.22 23.90
CA THR B 168 30.49 -29.21 25.14
C THR B 168 31.27 -30.52 25.33
N CYS B 169 30.56 -31.63 25.43
CA CYS B 169 31.18 -32.91 25.72
C CYS B 169 31.37 -33.81 24.49
N GLY B 170 30.93 -33.33 23.33
CA GLY B 170 31.13 -34.07 22.10
C GLY B 170 30.31 -35.35 21.98
N ARG B 171 29.11 -35.33 22.55
CA ARG B 171 28.24 -36.50 22.48
C ARG B 171 26.77 -36.12 22.62
N ARG B 172 25.91 -37.04 22.22
CA ARG B 172 24.48 -36.91 22.47
C ARG B 172 24.04 -38.03 23.39
N PHE B 173 22.84 -37.89 23.95
CA PHE B 173 22.27 -38.93 24.78
C PHE B 173 20.96 -39.41 24.19
N GLU B 174 20.67 -40.70 24.34
CA GLU B 174 19.38 -41.24 23.93
C GLU B 174 18.29 -40.59 24.78
N TYR B 175 17.07 -40.53 24.25
CA TYR B 175 15.99 -39.82 24.91
C TYR B 175 15.46 -40.57 26.14
N ASP B 176 15.89 -41.82 26.30
CA ASP B 176 15.47 -42.63 27.43
C ASP B 176 16.62 -42.86 28.42
N ASP B 177 17.74 -42.18 28.17
CA ASP B 177 18.91 -42.29 29.03
C ASP B 177 18.62 -41.73 30.43
N PRO B 178 18.70 -42.60 31.45
CA PRO B 178 18.37 -42.25 32.83
C PRO B 178 19.16 -41.05 33.36
N ARG B 179 20.46 -41.02 33.12
CA ARG B 179 21.29 -39.90 33.58
C ARG B 179 20.95 -38.62 32.82
N PHE B 180 20.62 -38.76 31.54
CA PHE B 180 20.25 -37.61 30.72
C PHE B 180 18.94 -37.01 31.18
N LEU B 181 17.99 -37.88 31.53
CA LEU B 181 16.70 -37.43 32.03
C LEU B 181 16.85 -36.74 33.39
N ARG B 182 17.70 -37.29 34.25
CA ARG B 182 17.94 -36.70 35.55
C ARG B 182 18.61 -35.34 35.40
N LEU B 183 19.56 -35.25 34.48
CA LEU B 183 20.28 -34.01 34.22
C LEU B 183 19.33 -32.90 33.79
N LEU B 184 18.34 -33.27 32.98
CA LEU B 184 17.36 -32.30 32.50
C LEU B 184 16.41 -31.89 33.61
N ASP B 185 16.00 -32.86 34.42
CA ASP B 185 15.08 -32.59 35.52
C ASP B 185 15.72 -31.65 36.55
N LEU B 186 16.99 -31.91 36.87
CA LEU B 186 17.72 -31.07 37.82
C LEU B 186 17.92 -29.66 37.28
N ALA B 187 18.03 -29.54 35.96
CA ALA B 187 18.20 -28.24 35.32
C ALA B 187 16.94 -27.40 35.45
N GLN B 188 15.79 -28.02 35.17
CA GLN B 188 14.50 -27.35 35.27
C GLN B 188 14.22 -26.92 36.70
N GLU B 189 14.52 -27.80 37.64
CA GLU B 189 14.34 -27.51 39.06
C GLU B 189 15.33 -26.44 39.51
N GLY B 190 16.50 -26.42 38.88
CA GLY B 190 17.52 -25.44 39.20
C GLY B 190 17.10 -24.04 38.82
N LEU B 191 16.33 -23.94 37.74
CA LEU B 191 15.83 -22.65 37.29
C LEU B 191 14.76 -22.12 38.24
N LYS B 192 13.98 -23.04 38.80
CA LYS B 192 12.92 -22.67 39.72
C LYS B 192 13.48 -22.20 41.06
N GLU B 193 14.62 -22.75 41.45
CA GLU B 193 15.27 -22.36 42.70
C GLU B 193 15.78 -20.92 42.65
N GLU B 194 15.98 -20.41 41.45
CA GLU B 194 16.50 -19.06 41.27
C GLU B 194 15.42 -18.01 41.48
N SER B 195 14.20 -18.32 41.07
CA SER B 195 13.08 -17.41 41.24
C SER B 195 12.52 -17.50 42.66
N GLY B 196 12.88 -18.57 43.36
CA GLY B 196 12.45 -18.77 44.74
C GLY B 196 12.98 -17.68 45.65
N PHE B 197 12.17 -17.30 46.64
CA PHE B 197 12.54 -16.21 47.55
C PHE B 197 13.73 -16.60 48.44
N LEU B 198 13.86 -17.90 48.70
CA LEU B 198 14.95 -18.40 49.56
C LEU B 198 16.31 -17.96 49.03
N ARG B 199 16.45 -17.91 47.71
CA ARG B 199 17.67 -17.43 47.09
C ARG B 199 17.85 -15.94 47.37
N GLU B 200 16.85 -15.15 46.98
CA GLU B 200 16.88 -13.69 47.13
C GLU B 200 17.12 -13.28 48.59
N VAL B 201 16.47 -13.98 49.51
CA VAL B 201 16.63 -13.72 50.94
C VAL B 201 18.07 -13.96 51.37
N LEU B 202 18.62 -15.12 50.98
CA LEU B 202 19.98 -15.48 51.35
C LEU B 202 21.02 -14.75 50.50
N ASN B 203 20.59 -14.20 49.37
CA ASN B 203 21.47 -13.42 48.52
C ASN B 203 21.62 -12.00 49.08
N ALA B 204 20.64 -11.58 49.85
CA ALA B 204 20.66 -10.27 50.48
C ALA B 204 21.70 -10.22 51.60
N VAL B 205 21.91 -11.35 52.25
CA VAL B 205 22.88 -11.44 53.35
C VAL B 205 23.75 -12.69 53.24
N PRO B 206 25.05 -12.48 52.95
CA PRO B 206 26.03 -13.57 52.85
C PRO B 206 26.28 -14.24 54.20
N VAL B 207 26.02 -13.51 55.29
CA VAL B 207 26.24 -14.02 56.64
C VAL B 207 25.23 -15.12 56.99
N LEU B 208 24.10 -15.13 56.28
CA LEU B 208 23.06 -16.11 56.52
C LEU B 208 23.47 -17.48 55.97
N LEU B 209 24.55 -17.51 55.21
CA LEU B 209 25.04 -18.74 54.60
C LEU B 209 25.90 -19.54 55.57
N HIS B 210 26.23 -18.94 56.70
CA HIS B 210 27.00 -19.63 57.74
C HIS B 210 26.15 -20.68 58.43
N ILE B 211 24.84 -20.49 58.38
CA ILE B 211 23.89 -21.48 58.88
C ILE B 211 23.84 -22.68 57.94
N PRO B 212 24.35 -23.84 58.40
CA PRO B 212 24.45 -25.03 57.54
C PRO B 212 23.07 -25.59 57.16
N ALA B 213 22.05 -25.27 57.95
CA ALA B 213 20.70 -25.76 57.69
C ALA B 213 20.09 -25.04 56.49
N LEU B 214 20.54 -23.82 56.24
CA LEU B 214 20.05 -23.04 55.10
C LEU B 214 21.02 -23.11 53.93
N ALA B 215 22.28 -23.41 54.21
CA ALA B 215 23.32 -23.44 53.18
C ALA B 215 23.14 -24.62 52.23
N GLY B 216 22.27 -25.56 52.60
CA GLY B 216 22.04 -26.74 51.79
C GLY B 216 20.78 -26.67 50.96
N LYS B 217 19.66 -26.34 51.60
CA LYS B 217 18.36 -26.35 50.94
C LYS B 217 18.13 -25.12 50.06
N VAL B 218 19.12 -24.22 49.99
CA VAL B 218 18.98 -23.03 49.18
C VAL B 218 19.17 -23.36 47.70
N LEU B 219 20.13 -24.21 47.40
CA LEU B 219 20.42 -24.62 46.03
C LEU B 219 20.68 -26.11 45.94
N ARG B 220 19.73 -26.90 46.44
CA ARG B 220 19.87 -28.34 46.46
C ARG B 220 19.92 -28.94 45.06
N PHE B 221 18.98 -28.54 44.21
CA PHE B 221 18.88 -29.07 42.85
C PHE B 221 20.01 -28.58 41.96
N GLN B 222 20.48 -27.36 42.20
CA GLN B 222 21.58 -26.80 41.42
C GLN B 222 22.88 -27.53 41.73
N LYS B 223 23.14 -27.78 43.01
CA LYS B 223 24.32 -28.56 43.40
C LYS B 223 24.21 -29.98 42.85
N ALA B 224 23.00 -30.51 42.83
CA ALA B 224 22.74 -31.84 42.29
C ALA B 224 23.02 -31.85 40.79
N PHE B 225 22.60 -30.80 40.11
CA PHE B 225 22.85 -30.65 38.68
C PHE B 225 24.34 -30.58 38.40
N LEU B 226 25.04 -29.79 39.20
CA LEU B 226 26.49 -29.62 39.07
C LEU B 226 27.21 -30.93 39.38
N THR B 227 26.74 -31.64 40.39
CA THR B 227 27.32 -32.92 40.78
C THR B 227 27.16 -33.96 39.66
N GLN B 228 25.97 -33.99 39.06
CA GLN B 228 25.69 -34.88 37.95
C GLN B 228 26.59 -34.55 36.77
N LEU B 229 26.84 -33.26 36.58
CA LEU B 229 27.67 -32.80 35.47
C LEU B 229 29.13 -33.19 35.67
N ASP B 230 29.58 -33.20 36.93
CA ASP B 230 30.94 -33.60 37.25
C ASP B 230 31.22 -35.03 36.81
N GLU B 231 30.24 -35.90 36.99
CA GLU B 231 30.35 -37.30 36.62
C GLU B 231 30.59 -37.46 35.12
N LEU B 232 29.87 -36.66 34.33
CA LEU B 232 29.96 -36.73 32.88
C LEU B 232 31.28 -36.13 32.38
N LEU B 233 31.79 -35.15 33.10
CA LEU B 233 33.06 -34.53 32.73
C LEU B 233 34.24 -35.44 33.05
N THR B 234 34.14 -36.15 34.17
CA THR B 234 35.17 -37.11 34.56
C THR B 234 35.26 -38.23 33.52
N GLU B 235 34.10 -38.68 33.05
CA GLU B 235 34.06 -39.68 31.99
C GLU B 235 34.69 -39.14 30.72
N HIS B 236 34.41 -37.88 30.42
CA HIS B 236 34.89 -37.25 29.21
C HIS B 236 36.40 -37.03 29.24
N ARG B 237 36.92 -36.76 30.44
CA ARG B 237 38.35 -36.56 30.63
C ARG B 237 39.10 -37.84 30.29
N MET B 238 38.44 -38.98 30.46
CA MET B 238 39.02 -40.28 30.20
C MET B 238 39.08 -40.60 28.70
N THR B 239 38.08 -40.16 27.95
CA THR B 239 37.99 -40.46 26.52
C THR B 239 38.70 -39.43 25.66
N TRP B 240 39.13 -38.34 26.28
CA TRP B 240 39.80 -37.25 25.57
C TRP B 240 41.11 -37.72 24.95
N ASP B 241 41.30 -37.40 23.67
CA ASP B 241 42.53 -37.72 22.96
C ASP B 241 43.30 -36.45 22.63
N PRO B 242 44.27 -36.10 23.49
CA PRO B 242 45.06 -34.86 23.36
C PRO B 242 45.88 -34.79 22.09
N ALA B 243 46.23 -35.95 21.53
CA ALA B 243 47.08 -36.01 20.34
C ALA B 243 46.34 -35.54 19.08
N GLN B 244 45.03 -35.42 19.18
CA GLN B 244 44.22 -34.93 18.08
C GLN B 244 43.62 -33.57 18.44
N PRO B 245 43.34 -32.74 17.43
CA PRO B 245 42.68 -31.44 17.65
C PRO B 245 41.37 -31.60 18.41
N PRO B 246 41.04 -30.63 19.28
CA PRO B 246 39.82 -30.66 20.10
C PRO B 246 38.56 -30.94 19.29
N ARG B 247 37.77 -31.90 19.76
CA ARG B 247 36.57 -32.31 19.07
C ARG B 247 35.35 -31.55 19.59
N ASP B 248 35.51 -30.91 20.75
CA ASP B 248 34.45 -30.16 21.38
C ASP B 248 35.02 -29.05 22.27
N LEU B 249 34.13 -28.40 23.03
CA LEU B 249 34.53 -27.26 23.85
C LEU B 249 35.29 -27.68 25.11
N THR B 250 34.90 -28.80 25.70
CA THR B 250 35.55 -29.29 26.90
C THR B 250 37.00 -29.68 26.62
N GLU B 251 37.21 -30.35 25.49
CA GLU B 251 38.56 -30.74 25.08
C GLU B 251 39.42 -29.51 24.81
N ALA B 252 38.82 -28.48 24.22
CA ALA B 252 39.51 -27.23 23.96
C ALA B 252 39.87 -26.55 25.28
N PHE B 253 38.96 -26.62 26.23
CA PHE B 253 39.18 -26.04 27.55
C PHE B 253 40.30 -26.76 28.28
N LEU B 254 40.27 -28.09 28.21
CA LEU B 254 41.28 -28.93 28.87
C LEU B 254 42.68 -28.69 28.31
N ALA B 255 42.76 -28.51 27.00
CA ALA B 255 44.03 -28.23 26.33
C ALA B 255 44.63 -26.91 26.81
N GLU B 256 43.78 -25.90 27.01
CA GLU B 256 44.23 -24.61 27.51
C GLU B 256 44.62 -24.73 28.98
N MET B 257 43.91 -25.58 29.71
CA MET B 257 44.15 -25.77 31.13
C MET B 257 45.56 -26.32 31.37
N GLU B 258 45.99 -27.24 30.52
CA GLU B 258 47.33 -27.81 30.61
C GLU B 258 48.40 -26.75 30.34
N LYS B 259 48.14 -25.91 29.35
CA LYS B 259 49.05 -24.82 29.00
C LYS B 259 49.10 -23.77 30.11
N ALA B 260 48.01 -23.67 30.85
CA ALA B 260 47.90 -22.67 31.91
C ALA B 260 48.32 -23.21 33.27
N LYS B 261 48.91 -24.41 33.28
CA LYS B 261 49.44 -24.97 34.51
C LYS B 261 50.65 -24.15 34.98
N GLY B 262 50.56 -23.62 36.20
CA GLY B 262 51.61 -22.78 36.74
C GLY B 262 51.24 -21.32 36.70
N ASN B 263 50.12 -21.03 36.04
CA ASN B 263 49.62 -19.66 35.93
C ASN B 263 48.35 -19.46 36.74
N PRO B 264 48.49 -18.79 37.90
CA PRO B 264 47.35 -18.55 38.80
C PRO B 264 46.39 -17.47 38.29
N GLU B 265 46.82 -16.73 37.27
CA GLU B 265 46.00 -15.66 36.71
C GLU B 265 44.98 -16.19 35.71
N SER B 266 45.20 -17.42 35.25
CA SER B 266 44.36 -18.02 34.23
C SER B 266 43.02 -18.48 34.80
N SER B 267 41.96 -18.37 34.00
CA SER B 267 40.64 -18.83 34.42
C SER B 267 40.41 -20.27 33.99
N PHE B 268 41.37 -20.83 33.26
CA PHE B 268 41.29 -22.23 32.84
C PHE B 268 41.75 -23.17 33.94
N ASN B 269 40.80 -23.64 34.75
CA ASN B 269 41.09 -24.55 35.84
C ASN B 269 39.90 -25.48 36.12
N ASP B 270 40.11 -26.47 36.99
CA ASP B 270 39.08 -27.47 37.28
C ASP B 270 37.79 -26.85 37.80
N GLU B 271 37.91 -25.92 38.74
CA GLU B 271 36.75 -25.30 39.37
C GLU B 271 35.90 -24.53 38.37
N ASN B 272 36.54 -24.02 37.32
CA ASN B 272 35.85 -23.18 36.34
C ASN B 272 35.34 -23.96 35.13
N LEU B 273 35.94 -25.12 34.87
CA LEU B 273 35.52 -25.97 33.78
C LEU B 273 34.09 -26.47 34.00
N ARG B 274 33.79 -26.84 35.24
CA ARG B 274 32.47 -27.36 35.58
C ARG B 274 31.43 -26.25 35.62
N ILE B 275 31.87 -25.01 35.77
CA ILE B 275 30.96 -23.88 35.84
C ILE B 275 30.65 -23.32 34.46
N VAL B 276 31.67 -23.23 33.62
CA VAL B 276 31.50 -22.76 32.25
C VAL B 276 30.57 -23.69 31.48
N VAL B 277 30.84 -24.99 31.57
CA VAL B 277 30.01 -25.99 30.92
C VAL B 277 28.57 -25.94 31.45
N ALA B 278 28.45 -25.79 32.77
CA ALA B 278 27.13 -25.67 33.40
C ALA B 278 26.39 -24.45 32.87
N ASP B 279 27.07 -23.32 32.80
CA ASP B 279 26.51 -22.10 32.24
C ASP B 279 26.02 -22.32 30.81
N LEU B 280 26.89 -22.86 29.97
CA LEU B 280 26.57 -23.11 28.57
C LEU B 280 25.41 -24.10 28.41
N PHE B 281 25.41 -25.14 29.24
CA PHE B 281 24.42 -26.20 29.12
C PHE B 281 23.04 -25.70 29.53
N SER B 282 22.96 -25.08 30.70
CA SER B 282 21.70 -24.60 31.23
C SER B 282 21.09 -23.51 30.33
N ALA B 283 21.89 -22.50 30.02
CA ALA B 283 21.44 -21.37 29.20
C ALA B 283 21.06 -21.82 27.79
N GLY B 284 21.83 -22.75 27.25
CA GLY B 284 21.60 -23.22 25.89
C GLY B 284 20.49 -24.25 25.78
N MET B 285 19.87 -24.57 26.90
CA MET B 285 18.80 -25.56 26.93
C MET B 285 17.42 -24.92 27.09
N VAL B 286 17.19 -24.36 28.26
CA VAL B 286 15.87 -23.87 28.65
C VAL B 286 15.41 -22.70 27.78
N THR B 287 16.35 -22.00 27.17
CA THR B 287 15.99 -20.88 26.29
C THR B 287 15.48 -21.36 24.95
N THR B 288 16.33 -22.09 24.22
CA THR B 288 16.00 -22.54 22.87
C THR B 288 14.81 -23.50 22.87
N SER B 289 14.71 -24.31 23.91
CA SER B 289 13.62 -25.25 24.06
C SER B 289 12.29 -24.52 24.23
N THR B 290 12.31 -23.49 25.07
CA THR B 290 11.11 -22.70 25.35
C THR B 290 10.63 -21.95 24.10
N THR B 291 11.59 -21.44 23.34
CA THR B 291 11.29 -20.74 22.10
C THR B 291 10.59 -21.67 21.12
N LEU B 292 11.11 -22.89 20.99
CA LEU B 292 10.50 -23.88 20.11
C LEU B 292 9.12 -24.28 20.62
N ALA B 293 8.97 -24.31 21.94
CA ALA B 293 7.67 -24.60 22.55
C ALA B 293 6.67 -23.50 22.20
N TRP B 294 7.17 -22.27 22.14
CA TRP B 294 6.34 -21.14 21.73
C TRP B 294 5.96 -21.24 20.27
N GLY B 295 6.93 -21.62 19.44
CA GLY B 295 6.72 -21.76 18.01
C GLY B 295 5.59 -22.71 17.66
N LEU B 296 5.69 -23.94 18.17
CA LEU B 296 4.67 -24.95 17.91
C LEU B 296 3.30 -24.53 18.44
N LEU B 297 3.29 -23.82 19.56
CA LEU B 297 2.04 -23.32 20.12
C LEU B 297 1.39 -22.30 19.18
N LEU B 298 2.22 -21.40 18.65
CA LEU B 298 1.73 -20.36 17.76
C LEU B 298 1.38 -20.92 16.37
N MET B 299 1.81 -22.15 16.10
CA MET B 299 1.52 -22.78 14.82
C MET B 299 0.19 -23.51 14.84
N ILE B 300 -0.28 -23.88 16.02
CA ILE B 300 -1.58 -24.54 16.13
C ILE B 300 -2.67 -23.51 16.40
N LEU B 301 -2.27 -22.34 16.90
CA LEU B 301 -3.19 -21.23 17.09
C LEU B 301 -3.33 -20.42 15.81
N HIS B 302 -2.36 -20.56 14.91
CA HIS B 302 -2.40 -19.86 13.63
C HIS B 302 -2.04 -20.79 12.47
N PRO B 303 -2.93 -21.74 12.15
CA PRO B 303 -2.68 -22.76 11.13
C PRO B 303 -2.42 -22.16 9.76
N ASP B 304 -2.98 -20.98 9.50
CA ASP B 304 -2.77 -20.30 8.23
C ASP B 304 -1.30 -19.96 8.04
N VAL B 305 -0.67 -19.53 9.13
CA VAL B 305 0.76 -19.21 9.11
C VAL B 305 1.57 -20.48 8.87
N GLN B 306 1.16 -21.57 9.52
CA GLN B 306 1.84 -22.86 9.40
C GLN B 306 1.86 -23.36 7.96
N ARG B 307 0.73 -23.22 7.26
CA ARG B 307 0.62 -23.69 5.89
C ARG B 307 1.54 -22.92 4.95
N ARG B 308 1.60 -21.60 5.13
CA ARG B 308 2.46 -20.77 4.30
C ARG B 308 3.94 -21.11 4.53
N VAL B 309 4.28 -21.49 5.75
CA VAL B 309 5.64 -21.93 6.06
C VAL B 309 5.92 -23.23 5.35
N GLN B 310 5.01 -24.20 5.50
CA GLN B 310 5.15 -25.50 4.85
C GLN B 310 5.16 -25.35 3.35
N GLN B 311 4.40 -24.37 2.85
CA GLN B 311 4.39 -24.07 1.42
C GLN B 311 5.76 -23.62 0.95
N GLU B 312 6.38 -22.73 1.70
CA GLU B 312 7.70 -22.20 1.37
C GLU B 312 8.77 -23.28 1.48
N ILE B 313 8.60 -24.19 2.43
CA ILE B 313 9.51 -25.31 2.61
C ILE B 313 9.51 -26.20 1.38
N ASP B 314 8.31 -26.50 0.89
CA ASP B 314 8.15 -27.37 -0.27
C ASP B 314 8.71 -26.74 -1.54
N ASP B 315 8.60 -25.41 -1.64
CA ASP B 315 9.04 -24.69 -2.83
C ASP B 315 10.56 -24.53 -2.88
N VAL B 316 11.22 -24.68 -1.74
CA VAL B 316 12.66 -24.43 -1.65
C VAL B 316 13.46 -25.68 -1.30
N ILE B 317 12.92 -26.50 -0.39
CA ILE B 317 13.65 -27.65 0.11
C ILE B 317 13.08 -28.98 -0.41
N GLY B 318 11.76 -29.12 -0.35
CA GLY B 318 11.12 -30.37 -0.70
C GLY B 318 10.52 -31.02 0.52
N GLN B 319 10.38 -32.33 0.53
CA GLN B 319 9.82 -33.04 1.68
C GLN B 319 10.65 -34.26 2.06
N VAL B 320 11.83 -34.39 1.44
CA VAL B 320 12.73 -35.50 1.76
C VAL B 320 14.11 -35.00 2.14
N ARG B 321 14.57 -33.96 1.44
CA ARG B 321 15.87 -33.38 1.73
C ARG B 321 15.85 -32.63 3.05
N ARG B 322 16.86 -32.85 3.87
CA ARG B 322 16.98 -32.16 5.15
C ARG B 322 17.31 -30.69 4.93
N PRO B 323 16.67 -29.81 5.72
CA PRO B 323 16.91 -28.36 5.64
C PRO B 323 18.37 -27.99 5.93
N GLU B 324 18.86 -26.95 5.26
CA GLU B 324 20.22 -26.47 5.47
C GLU B 324 20.22 -24.99 5.81
N MET B 325 21.31 -24.50 6.39
CA MET B 325 21.42 -23.09 6.75
C MET B 325 21.46 -22.19 5.52
N GLY B 326 21.83 -22.77 4.38
CA GLY B 326 21.85 -22.04 3.13
C GLY B 326 20.46 -21.81 2.58
N ASP B 327 19.48 -22.50 3.15
CA ASP B 327 18.09 -22.37 2.72
C ASP B 327 17.42 -21.14 3.33
N GLN B 328 17.94 -20.67 4.46
CA GLN B 328 17.33 -19.56 5.19
C GLN B 328 17.31 -18.28 4.35
N ALA B 329 18.36 -18.07 3.56
CA ALA B 329 18.47 -16.89 2.72
C ALA B 329 17.44 -16.89 1.59
N HIS B 330 16.88 -18.06 1.32
CA HIS B 330 15.86 -18.19 0.28
C HIS B 330 14.50 -18.52 0.88
N MET B 331 14.37 -18.32 2.18
CA MET B 331 13.10 -18.55 2.87
C MET B 331 12.75 -17.41 3.82
N PRO B 332 12.37 -16.25 3.26
CA PRO B 332 12.11 -15.05 4.06
C PRO B 332 10.87 -15.17 4.96
N TYR B 333 9.85 -15.88 4.52
CA TYR B 333 8.64 -15.99 5.31
C TYR B 333 8.86 -16.85 6.55
N THR B 334 9.53 -17.97 6.40
CA THR B 334 9.86 -18.85 7.52
C THR B 334 10.76 -18.10 8.50
N THR B 335 11.72 -17.36 7.96
CA THR B 335 12.63 -16.55 8.76
C THR B 335 11.84 -15.51 9.55
N ALA B 336 10.80 -14.98 8.93
CA ALA B 336 9.95 -13.97 9.57
C ALA B 336 9.13 -14.58 10.71
N VAL B 337 8.58 -15.76 10.47
CA VAL B 337 7.80 -16.47 11.47
C VAL B 337 8.63 -16.78 12.71
N ILE B 338 9.83 -17.32 12.51
CA ILE B 338 10.72 -17.66 13.61
C ILE B 338 11.06 -16.41 14.43
N HIS B 339 11.34 -15.32 13.74
CA HIS B 339 11.63 -14.05 14.40
C HIS B 339 10.43 -13.54 15.18
N GLU B 340 9.25 -13.65 14.58
CA GLU B 340 8.02 -13.24 15.25
C GLU B 340 7.70 -14.13 16.44
N VAL B 341 8.08 -15.41 16.33
CA VAL B 341 7.94 -16.33 17.45
C VAL B 341 8.76 -15.83 18.64
N GLN B 342 9.99 -15.41 18.36
CA GLN B 342 10.86 -14.88 19.39
C GLN B 342 10.32 -13.56 19.94
N ARG B 343 9.88 -12.69 19.04
CA ARG B 343 9.35 -11.39 19.43
C ARG B 343 8.09 -11.53 20.29
N PHE B 344 7.14 -12.32 19.81
CA PHE B 344 5.90 -12.54 20.54
C PHE B 344 6.15 -13.41 21.77
N GLY B 345 7.04 -14.39 21.62
CA GLY B 345 7.38 -15.29 22.72
C GLY B 345 7.87 -14.53 23.93
N ASP B 346 8.89 -13.69 23.72
CA ASP B 346 9.38 -12.79 24.75
C ASP B 346 9.79 -13.59 26.00
N ILE B 347 10.63 -14.59 25.80
CA ILE B 347 10.92 -15.57 26.85
C ILE B 347 11.79 -15.01 27.97
N VAL B 348 12.53 -13.94 27.68
CA VAL B 348 13.29 -13.25 28.72
C VAL B 348 12.84 -11.79 28.80
N PRO B 349 11.70 -11.53 29.46
CA PRO B 349 11.08 -10.20 29.51
C PRO B 349 11.98 -9.12 30.12
N LEU B 350 12.60 -9.44 31.25
CA LEU B 350 13.42 -8.45 31.97
C LEU B 350 14.90 -8.71 31.74
N GLY B 351 15.22 -9.61 30.81
CA GLY B 351 16.61 -9.93 30.52
C GLY B 351 17.38 -10.44 31.72
N VAL B 352 18.70 -10.35 31.65
CA VAL B 352 19.56 -10.66 32.79
C VAL B 352 20.09 -9.35 33.36
N THR B 353 20.08 -9.23 34.68
CA THR B 353 20.41 -7.97 35.33
C THR B 353 21.87 -7.55 35.09
N HIS B 354 22.06 -6.24 34.94
CA HIS B 354 23.39 -5.68 34.78
C HIS B 354 23.73 -4.82 36.01
N MET B 355 24.92 -4.22 36.00
CA MET B 355 25.29 -3.29 37.06
C MET B 355 26.34 -2.32 36.56
N THR B 356 26.20 -1.06 36.96
CA THR B 356 27.12 -0.01 36.53
C THR B 356 28.45 -0.08 37.29
N SER B 357 29.55 -0.07 36.54
CA SER B 357 30.88 -0.06 37.13
C SER B 357 31.39 1.37 37.30
N ARG B 358 30.77 2.30 36.57
CA ARG B 358 31.07 3.72 36.71
C ARG B 358 29.77 4.53 36.73
N ASP B 359 29.89 5.83 36.95
CA ASP B 359 28.74 6.73 36.88
C ASP B 359 28.44 7.06 35.42
N ILE B 360 27.18 6.88 35.02
CA ILE B 360 26.79 7.15 33.64
C ILE B 360 25.51 7.98 33.56
N GLU B 361 25.15 8.35 32.34
CA GLU B 361 23.92 9.09 32.09
C GLU B 361 23.07 8.40 31.03
N VAL B 362 21.82 8.11 31.38
CA VAL B 362 20.88 7.51 30.45
C VAL B 362 19.61 8.35 30.35
N GLN B 363 19.28 8.77 29.13
CA GLN B 363 18.08 9.57 28.87
C GLN B 363 18.03 10.84 29.72
N GLY B 364 19.18 11.42 29.98
CA GLY B 364 19.26 12.65 30.75
C GLY B 364 19.51 12.44 32.22
N PHE B 365 19.02 11.33 32.76
CA PHE B 365 19.16 11.03 34.18
C PHE B 365 20.55 10.50 34.51
N ARG B 366 20.93 10.59 35.78
CA ARG B 366 22.23 10.10 36.23
C ARG B 366 22.10 8.75 36.90
N ILE B 367 23.02 7.84 36.58
CA ILE B 367 23.04 6.53 37.19
C ILE B 367 24.31 6.33 38.02
N PRO B 368 24.17 6.29 39.35
CA PRO B 368 25.29 6.10 40.27
C PRO B 368 25.99 4.75 40.06
N LYS B 369 27.30 4.71 40.34
CA LYS B 369 28.06 3.47 40.24
C LYS B 369 27.54 2.41 41.22
N GLY B 370 27.47 1.17 40.76
CA GLY B 370 27.00 0.07 41.59
C GLY B 370 25.49 -0.10 41.53
N THR B 371 24.85 0.58 40.59
CA THR B 371 23.40 0.50 40.43
C THR B 371 23.02 -0.73 39.61
N THR B 372 22.09 -1.52 40.12
CA THR B 372 21.59 -2.68 39.40
C THR B 372 20.68 -2.25 38.27
N LEU B 373 21.06 -2.59 37.04
CA LEU B 373 20.24 -2.25 35.87
C LEU B 373 19.38 -3.41 35.43
N ILE B 374 18.10 -3.14 35.22
CA ILE B 374 17.19 -4.12 34.64
C ILE B 374 16.81 -3.70 33.23
N THR B 375 17.16 -4.54 32.26
CA THR B 375 16.83 -4.24 30.87
C THR B 375 15.48 -4.85 30.49
N ASN B 376 14.46 -4.00 30.41
CA ASN B 376 13.13 -4.46 30.02
C ASN B 376 13.09 -4.78 28.53
N LEU B 377 13.57 -5.96 28.17
CA LEU B 377 13.58 -6.38 26.77
C LEU B 377 12.17 -6.54 26.23
N SER B 378 11.23 -6.84 27.14
CA SER B 378 9.83 -6.94 26.79
C SER B 378 9.31 -5.62 26.21
N SER B 379 9.71 -4.52 26.83
CA SER B 379 9.27 -3.20 26.40
C SER B 379 9.84 -2.82 25.04
N VAL B 380 10.88 -3.53 24.62
CA VAL B 380 11.50 -3.29 23.32
C VAL B 380 10.83 -4.12 22.24
N LEU B 381 10.58 -5.40 22.54
CA LEU B 381 9.94 -6.30 21.59
C LEU B 381 8.44 -6.02 21.46
N LYS B 382 7.85 -5.42 22.48
CA LYS B 382 6.42 -5.13 22.48
C LYS B 382 6.15 -3.63 22.40
N ASP B 383 7.14 -2.87 21.97
CA ASP B 383 7.01 -1.42 21.84
C ASP B 383 5.97 -1.06 20.79
N GLU B 384 4.93 -0.34 21.21
CA GLU B 384 3.82 -0.02 20.31
C GLU B 384 4.19 1.06 19.29
N ALA B 385 5.27 1.78 19.56
CA ALA B 385 5.71 2.84 18.67
C ALA B 385 6.52 2.29 17.49
N VAL B 386 6.98 1.05 17.64
CA VAL B 386 7.82 0.43 16.62
C VAL B 386 7.10 -0.67 15.85
N TRP B 387 6.42 -1.54 16.57
CA TRP B 387 5.75 -2.68 15.95
C TRP B 387 4.29 -2.34 15.60
N GLU B 388 3.87 -2.77 14.42
CA GLU B 388 2.54 -2.47 13.90
C GLU B 388 1.43 -2.97 14.84
N LYS B 389 1.58 -4.20 15.31
CA LYS B 389 0.63 -4.78 16.26
C LYS B 389 1.38 -5.68 17.24
N PRO B 390 2.06 -5.07 18.22
CA PRO B 390 3.00 -5.74 19.13
C PRO B 390 2.41 -6.88 19.95
N PHE B 391 1.10 -6.85 20.19
CA PHE B 391 0.49 -7.87 21.05
C PHE B 391 -0.24 -8.93 20.23
N ARG B 392 0.11 -9.04 18.96
CA ARG B 392 -0.43 -10.06 18.08
C ARG B 392 0.69 -10.88 17.45
N PHE B 393 0.42 -12.13 17.12
CA PHE B 393 1.38 -12.92 16.37
C PHE B 393 1.30 -12.52 14.90
N HIS B 394 2.21 -11.66 14.48
CA HIS B 394 2.14 -11.04 13.16
C HIS B 394 3.48 -11.14 12.43
N PRO B 395 3.65 -12.20 11.63
CA PRO B 395 4.89 -12.46 10.89
C PRO B 395 5.31 -11.30 9.98
N GLU B 396 4.35 -10.49 9.56
CA GLU B 396 4.62 -9.36 8.68
C GLU B 396 5.39 -8.24 9.40
N HIS B 397 5.61 -8.42 10.70
CA HIS B 397 6.49 -7.54 11.45
C HIS B 397 7.90 -7.57 10.86
N PHE B 398 8.24 -8.68 10.22
CA PHE B 398 9.56 -8.88 9.65
C PHE B 398 9.51 -9.01 8.14
N LEU B 399 8.41 -8.55 7.55
CA LEU B 399 8.24 -8.58 6.10
C LEU B 399 7.75 -7.23 5.57
N ASP B 400 8.09 -6.95 4.32
CA ASP B 400 7.52 -5.80 3.63
C ASP B 400 6.44 -6.28 2.67
N ALA B 401 5.86 -5.35 1.92
CA ALA B 401 4.78 -5.69 0.99
C ALA B 401 5.23 -6.63 -0.11
N GLN B 402 6.52 -6.60 -0.43
CA GLN B 402 7.07 -7.42 -1.51
C GLN B 402 7.33 -8.85 -1.07
N GLY B 403 7.45 -9.05 0.24
CA GLY B 403 7.70 -10.38 0.78
C GLY B 403 9.13 -10.54 1.26
N HIS B 404 9.91 -9.47 1.16
CA HIS B 404 11.30 -9.49 1.62
C HIS B 404 11.36 -9.50 3.14
N PHE B 405 12.35 -10.20 3.69
CA PHE B 405 12.55 -10.23 5.13
C PHE B 405 13.30 -8.99 5.60
N VAL B 406 12.78 -8.36 6.65
CA VAL B 406 13.43 -7.21 7.26
C VAL B 406 13.51 -7.36 8.77
N LYS B 407 14.65 -6.98 9.35
CA LYS B 407 14.82 -7.09 10.79
C LYS B 407 14.95 -5.70 11.41
N PRO B 408 13.89 -5.26 12.11
CA PRO B 408 13.87 -3.96 12.81
C PRO B 408 14.91 -3.88 13.91
N GLU B 409 15.33 -2.65 14.24
CA GLU B 409 16.31 -2.43 15.30
C GLU B 409 15.80 -2.93 16.65
N ALA B 410 14.48 -2.90 16.84
CA ALA B 410 13.87 -3.23 18.12
C ALA B 410 13.82 -4.74 18.39
N PHE B 411 14.35 -5.53 17.46
CA PHE B 411 14.46 -6.96 17.69
C PHE B 411 15.67 -7.28 18.56
N LEU B 412 15.46 -7.29 19.87
CA LEU B 412 16.55 -7.57 20.82
C LEU B 412 16.23 -8.70 21.80
N PRO B 413 15.96 -9.92 21.29
CA PRO B 413 15.69 -10.99 22.25
C PRO B 413 16.97 -11.49 22.91
N PHE B 414 18.11 -11.14 22.33
CA PHE B 414 19.40 -11.54 22.88
C PHE B 414 20.10 -10.36 23.56
N SER B 415 19.31 -9.33 23.87
CA SER B 415 19.82 -8.10 24.47
C SER B 415 20.89 -7.45 23.58
N ALA B 416 21.76 -6.65 24.18
CA ALA B 416 22.78 -5.95 23.42
C ALA B 416 24.03 -5.67 24.27
N GLY B 417 25.09 -5.22 23.60
CA GLY B 417 26.31 -4.86 24.30
C GLY B 417 27.29 -6.00 24.47
N ARG B 418 28.24 -5.82 25.38
CA ARG B 418 29.29 -6.79 25.62
C ARG B 418 28.76 -8.10 26.21
N ARG B 419 27.74 -8.01 27.04
CA ARG B 419 27.19 -9.19 27.70
C ARG B 419 26.07 -9.85 26.90
N ALA B 420 25.85 -9.36 25.68
CA ALA B 420 24.80 -9.90 24.82
C ALA B 420 25.04 -11.39 24.58
N CYS B 421 23.95 -12.15 24.43
CA CYS B 421 23.98 -13.60 24.30
C CYS B 421 25.05 -14.09 23.34
N LEU B 422 25.96 -14.94 23.83
CA LEU B 422 27.06 -15.42 23.02
C LEU B 422 26.64 -16.66 22.21
N GLY B 423 25.51 -17.24 22.58
CA GLY B 423 25.01 -18.43 21.92
C GLY B 423 24.02 -18.12 20.82
N GLU B 424 23.90 -16.84 20.48
CA GLU B 424 22.98 -16.40 19.43
C GLU B 424 23.19 -17.08 18.07
N PRO B 425 24.44 -17.20 17.60
CA PRO B 425 24.61 -17.89 16.31
C PRO B 425 24.13 -19.35 16.35
N LEU B 426 24.29 -20.00 17.49
CA LEU B 426 23.85 -21.37 17.65
C LEU B 426 22.34 -21.45 17.73
N ALA B 427 21.75 -20.52 18.48
CA ALA B 427 20.29 -20.45 18.63
C ALA B 427 19.60 -20.22 17.29
N ARG B 428 20.16 -19.32 16.49
CA ARG B 428 19.63 -19.03 15.16
C ARG B 428 19.62 -20.27 14.30
N MET B 429 20.70 -21.04 14.41
CA MET B 429 20.83 -22.29 13.67
C MET B 429 19.86 -23.35 14.18
N GLU B 430 19.77 -23.47 15.49
CA GLU B 430 18.87 -24.44 16.11
C GLU B 430 17.41 -24.12 15.79
N LEU B 431 17.01 -22.87 16.00
CA LEU B 431 15.63 -22.45 15.79
C LEU B 431 15.20 -22.67 14.35
N PHE B 432 16.09 -22.39 13.40
CA PHE B 432 15.74 -22.57 12.00
C PHE B 432 15.64 -24.04 11.61
N LEU B 433 16.66 -24.83 11.94
CA LEU B 433 16.73 -26.21 11.52
C LEU B 433 15.67 -27.10 12.19
N PHE B 434 15.44 -26.87 13.48
CA PHE B 434 14.44 -27.66 14.21
C PHE B 434 13.02 -27.33 13.76
N PHE B 435 12.73 -26.04 13.64
CA PHE B 435 11.38 -25.58 13.30
C PHE B 435 10.96 -25.97 11.89
N THR B 436 11.88 -25.85 10.94
CA THR B 436 11.57 -26.18 9.56
C THR B 436 11.41 -27.69 9.36
N SER B 437 12.34 -28.46 9.94
CA SER B 437 12.30 -29.91 9.83
C SER B 437 11.02 -30.47 10.43
N LEU B 438 10.61 -29.91 11.57
CA LEU B 438 9.38 -30.35 12.23
C LEU B 438 8.17 -30.07 11.35
N LEU B 439 8.12 -28.86 10.79
CA LEU B 439 7.00 -28.46 9.95
C LEU B 439 7.08 -29.10 8.56
N GLN B 440 8.26 -29.57 8.20
CA GLN B 440 8.45 -30.23 6.92
C GLN B 440 7.78 -31.59 6.91
N HIS B 441 7.76 -32.25 8.06
CA HIS B 441 7.26 -33.61 8.15
C HIS B 441 5.96 -33.74 8.92
N PHE B 442 5.58 -32.70 9.65
CA PHE B 442 4.38 -32.77 10.47
C PHE B 442 3.45 -31.57 10.31
N SER B 443 2.17 -31.82 10.49
CA SER B 443 1.16 -30.76 10.54
C SER B 443 0.58 -30.70 11.95
N PHE B 444 0.84 -29.60 12.64
CA PHE B 444 0.46 -29.48 14.05
C PHE B 444 -0.88 -28.78 14.22
N SER B 445 -1.69 -29.30 15.13
CA SER B 445 -3.01 -28.75 15.39
C SER B 445 -3.45 -29.02 16.82
N VAL B 446 -4.43 -28.24 17.28
CA VAL B 446 -5.01 -28.47 18.60
C VAL B 446 -5.80 -29.76 18.62
N PRO B 447 -5.75 -30.50 19.74
CA PRO B 447 -6.55 -31.71 19.90
C PRO B 447 -8.04 -31.40 20.03
N THR B 448 -8.86 -31.99 19.18
CA THR B 448 -10.30 -31.79 19.24
C THR B 448 -10.85 -32.18 20.60
N GLY B 449 -11.71 -31.34 21.16
CA GLY B 449 -12.27 -31.59 22.47
C GLY B 449 -11.61 -30.74 23.54
N GLN B 450 -10.37 -30.34 23.29
CA GLN B 450 -9.63 -29.51 24.22
C GLN B 450 -9.86 -28.02 23.96
N PRO B 451 -9.82 -27.20 25.01
CA PRO B 451 -9.96 -25.75 24.85
C PRO B 451 -8.78 -25.14 24.11
N ARG B 452 -9.03 -24.06 23.38
CA ARG B 452 -7.95 -23.33 22.72
C ARG B 452 -6.97 -22.84 23.76
N PRO B 453 -5.68 -23.21 23.60
CA PRO B 453 -4.64 -22.85 24.57
C PRO B 453 -4.38 -21.35 24.59
N SER B 454 -4.09 -20.83 25.77
CA SER B 454 -3.83 -19.41 25.94
C SER B 454 -2.52 -19.01 25.27
N HIS B 455 -2.54 -17.86 24.59
CA HIS B 455 -1.31 -17.34 24.00
C HIS B 455 -0.54 -16.51 25.01
N HIS B 456 -1.04 -16.49 26.25
CA HIS B 456 -0.33 -15.87 27.37
C HIS B 456 0.48 -16.92 28.11
N GLY B 457 1.72 -16.59 28.44
CA GLY B 457 2.58 -17.51 29.16
C GLY B 457 2.63 -17.20 30.64
N VAL B 458 3.11 -18.17 31.43
CA VAL B 458 3.30 -17.97 32.86
C VAL B 458 4.59 -17.21 33.12
N PHE B 459 4.53 -16.17 33.94
CA PHE B 459 5.68 -15.32 34.15
C PHE B 459 6.75 -15.92 35.05
N ALA B 460 8.00 -15.75 34.63
CA ALA B 460 9.17 -16.09 35.43
C ALA B 460 10.33 -15.28 34.85
N PHE B 461 11.54 -15.60 35.25
CA PHE B 461 12.70 -15.01 34.59
C PHE B 461 12.74 -15.53 33.16
N LEU B 462 12.23 -16.75 32.99
CA LEU B 462 12.03 -17.33 31.68
C LEU B 462 10.57 -17.68 31.46
N VAL B 463 9.91 -16.97 30.55
CA VAL B 463 8.49 -17.17 30.29
C VAL B 463 8.27 -18.37 29.37
N SER B 464 7.62 -19.41 29.90
CA SER B 464 7.25 -20.56 29.11
C SER B 464 5.78 -20.48 28.73
N PRO B 465 5.41 -21.07 27.59
CA PRO B 465 4.01 -21.11 27.19
C PRO B 465 3.15 -21.82 28.23
N SER B 466 1.88 -21.44 28.35
CA SER B 466 0.97 -22.15 29.23
C SER B 466 0.86 -23.58 28.73
N PRO B 467 0.83 -24.56 29.65
CA PRO B 467 0.79 -25.98 29.31
C PRO B 467 -0.24 -26.32 28.24
N TYR B 468 0.20 -26.91 27.14
CA TYR B 468 -0.68 -27.23 26.02
C TYR B 468 -0.30 -28.57 25.40
N GLU B 469 -1.27 -29.22 24.78
CA GLU B 469 -1.02 -30.45 24.02
C GLU B 469 -1.27 -30.19 22.54
N LEU B 470 -0.69 -31.02 21.68
CA LEU B 470 -0.88 -30.88 20.25
C LEU B 470 -0.90 -32.24 19.55
N CYS B 471 -1.46 -32.26 18.34
CA CYS B 471 -1.42 -33.45 17.51
C CYS B 471 -0.46 -33.23 16.35
N ALA B 472 0.41 -34.22 16.13
CA ALA B 472 1.38 -34.14 15.03
C ALA B 472 1.12 -35.26 14.03
N VAL B 473 0.59 -34.89 12.87
CA VAL B 473 0.32 -35.87 11.82
C VAL B 473 1.30 -35.69 10.66
N PRO B 474 1.91 -36.80 10.21
CA PRO B 474 2.85 -36.79 9.09
C PRO B 474 2.21 -36.24 7.81
N ARG B 475 3.03 -35.62 6.96
CA ARG B 475 2.53 -35.04 5.72
C ARG B 475 2.85 -35.95 4.52
N LEU C 11 -21.90 -18.85 40.17
CA LEU C 11 -21.37 -17.55 40.54
C LEU C 11 -19.97 -17.33 39.97
N PRO C 12 -19.66 -16.07 39.59
CA PRO C 12 -18.33 -15.71 39.09
C PRO C 12 -17.25 -15.86 40.17
N PRO C 13 -16.03 -16.23 39.75
CA PRO C 13 -14.90 -16.36 40.68
C PRO C 13 -14.41 -15.01 41.18
N GLY C 14 -13.41 -15.00 42.06
CA GLY C 14 -12.88 -13.77 42.59
C GLY C 14 -11.98 -13.98 43.80
N PRO C 15 -11.24 -12.93 44.19
CA PRO C 15 -10.33 -12.98 45.34
C PRO C 15 -11.08 -13.21 46.65
N LEU C 16 -10.45 -13.96 47.56
CA LEU C 16 -11.07 -14.30 48.84
C LEU C 16 -11.39 -13.06 49.67
N PRO C 17 -12.68 -12.89 50.01
CA PRO C 17 -13.15 -11.74 50.78
C PRO C 17 -12.72 -11.81 52.26
N GLN C 30 -6.97 4.76 45.54
CA GLN C 30 -6.25 3.65 44.93
C GLN C 30 -6.56 3.55 43.44
N ASN C 31 -5.58 3.10 42.64
CA ASN C 31 -5.83 2.88 41.22
C ASN C 31 -6.33 1.47 40.95
N THR C 32 -7.51 1.37 40.35
CA THR C 32 -8.12 0.08 40.06
C THR C 32 -8.07 -0.39 38.59
N PRO C 33 -7.58 0.43 37.63
CA PRO C 33 -7.55 -0.23 36.31
C PRO C 33 -6.51 -1.35 36.19
N TYR C 34 -5.40 -1.22 36.89
CA TYR C 34 -4.38 -2.26 36.86
C TYR C 34 -4.87 -3.47 37.64
N CYS C 35 -5.45 -3.21 38.81
CA CYS C 35 -5.92 -4.28 39.68
C CYS C 35 -6.98 -5.13 38.99
N PHE C 36 -7.88 -4.47 38.25
CA PHE C 36 -8.93 -5.19 37.54
C PHE C 36 -8.37 -6.02 36.40
N ASP C 37 -7.30 -5.53 35.77
CA ASP C 37 -6.66 -6.23 34.67
C ASP C 37 -5.99 -7.51 35.15
N GLN C 38 -5.33 -7.44 36.30
CA GLN C 38 -4.68 -8.60 36.88
C GLN C 38 -5.72 -9.61 37.34
N LEU C 39 -6.81 -9.11 37.91
CA LEU C 39 -7.92 -9.95 38.31
C LEU C 39 -8.59 -10.57 37.10
N ARG C 40 -8.55 -9.86 35.97
CA ARG C 40 -9.11 -10.36 34.73
C ARG C 40 -8.25 -11.50 34.18
N ARG C 41 -6.93 -11.40 34.37
CA ARG C 41 -6.02 -12.45 33.92
C ARG C 41 -6.21 -13.73 34.74
N ARG C 42 -6.45 -13.56 36.04
CA ARG C 42 -6.58 -14.70 36.94
C ARG C 42 -7.93 -15.40 36.82
N PHE C 43 -9.02 -14.64 36.85
CA PHE C 43 -10.34 -15.22 36.95
C PHE C 43 -11.15 -15.17 35.64
N GLY C 44 -10.73 -14.31 34.73
CA GLY C 44 -11.41 -14.19 33.44
C GLY C 44 -12.09 -12.86 33.25
N ASP C 45 -12.99 -12.80 32.27
CA ASP C 45 -13.68 -11.56 31.94
C ASP C 45 -14.69 -11.14 33.02
N VAL C 46 -15.36 -12.11 33.60
CA VAL C 46 -16.38 -11.84 34.62
C VAL C 46 -15.97 -12.40 35.99
N PHE C 47 -15.65 -11.51 36.91
CA PHE C 47 -15.30 -11.93 38.27
C PHE C 47 -16.09 -11.15 39.32
N SER C 48 -15.89 -11.49 40.59
CA SER C 48 -16.66 -10.90 41.68
C SER C 48 -15.77 -10.10 42.63
N LEU C 49 -16.39 -9.19 43.38
CA LEU C 49 -15.69 -8.40 44.39
C LEU C 49 -16.60 -8.05 45.56
N GLN C 50 -16.08 -8.19 46.77
CA GLN C 50 -16.83 -7.81 47.96
C GLN C 50 -16.36 -6.44 48.44
N LEU C 51 -17.13 -5.41 48.12
CA LEU C 51 -16.74 -4.04 48.45
C LEU C 51 -17.56 -3.47 49.59
N ALA C 52 -17.19 -3.82 50.82
CA ALA C 52 -17.86 -3.35 52.03
C ALA C 52 -19.37 -3.65 52.01
N TRP C 53 -19.70 -4.89 52.31
CA TRP C 53 -21.10 -5.35 52.38
C TRP C 53 -21.85 -5.16 51.05
N THR C 54 -21.11 -4.98 49.97
CA THR C 54 -21.73 -4.76 48.66
C THR C 54 -21.23 -5.76 47.63
N PRO C 55 -22.13 -6.63 47.14
CA PRO C 55 -21.80 -7.61 46.10
C PRO C 55 -21.59 -6.94 44.74
N VAL C 56 -20.40 -7.09 44.18
CA VAL C 56 -20.07 -6.41 42.93
C VAL C 56 -19.49 -7.37 41.90
N VAL C 57 -20.09 -7.38 40.70
CA VAL C 57 -19.57 -8.18 39.59
C VAL C 57 -19.01 -7.26 38.51
N VAL C 58 -17.72 -7.41 38.23
CA VAL C 58 -17.05 -6.59 37.23
C VAL C 58 -17.05 -7.26 35.87
N LEU C 59 -17.45 -6.52 34.84
CA LEU C 59 -17.51 -7.04 33.48
C LEU C 59 -16.39 -6.46 32.61
N ASN C 60 -15.66 -7.34 31.93
CA ASN C 60 -14.53 -6.91 31.10
C ASN C 60 -14.62 -7.43 29.67
N GLY C 61 -14.31 -6.57 28.71
CA GLY C 61 -14.33 -6.95 27.31
C GLY C 61 -15.69 -6.71 26.67
N LEU C 62 -15.71 -6.62 25.35
CA LEU C 62 -16.93 -6.33 24.60
C LEU C 62 -18.01 -7.38 24.80
N ALA C 63 -17.61 -8.65 24.75
CA ALA C 63 -18.56 -9.76 24.85
C ALA C 63 -19.31 -9.76 26.18
N ALA C 64 -18.57 -9.61 27.28
CA ALA C 64 -19.16 -9.62 28.62
C ALA C 64 -20.07 -8.41 28.83
N VAL C 65 -19.71 -7.28 28.25
CA VAL C 65 -20.49 -6.07 28.40
C VAL C 65 -21.74 -6.12 27.53
N ARG C 66 -21.59 -6.57 26.28
CA ARG C 66 -22.73 -6.69 25.37
C ARG C 66 -23.75 -7.70 25.85
N GLU C 67 -23.28 -8.84 26.34
CA GLU C 67 -24.18 -9.90 26.79
C GLU C 67 -25.02 -9.45 27.98
N ALA C 68 -24.48 -8.54 28.78
CA ALA C 68 -25.18 -8.07 29.97
C ALA C 68 -26.07 -6.87 29.68
N LEU C 69 -25.61 -5.95 28.85
CA LEU C 69 -26.33 -4.70 28.63
C LEU C 69 -27.23 -4.74 27.40
N VAL C 70 -27.01 -5.70 26.51
CA VAL C 70 -27.84 -5.80 25.31
C VAL C 70 -28.65 -7.09 25.30
N THR C 71 -27.97 -8.23 25.42
CA THR C 71 -28.64 -9.52 25.41
C THR C 71 -29.58 -9.64 26.60
N HIS C 72 -29.10 -9.23 27.77
CA HIS C 72 -29.93 -9.20 28.97
C HIS C 72 -30.24 -7.76 29.37
N GLY C 73 -30.48 -6.92 28.37
CA GLY C 73 -30.68 -5.49 28.57
C GLY C 73 -31.82 -5.13 29.51
N GLU C 74 -32.91 -5.89 29.44
CA GLU C 74 -34.09 -5.60 30.24
C GLU C 74 -33.83 -5.80 31.73
N ASP C 75 -32.88 -6.68 32.05
CA ASP C 75 -32.63 -7.06 33.43
C ASP C 75 -31.40 -6.37 34.03
N THR C 76 -30.71 -5.57 33.22
CA THR C 76 -29.50 -4.90 33.70
C THR C 76 -29.56 -3.38 33.50
N ALA C 77 -30.74 -2.87 33.17
CA ALA C 77 -30.90 -1.44 32.92
C ALA C 77 -31.33 -0.69 34.19
N ASP C 78 -31.00 -1.26 35.34
CA ASP C 78 -31.34 -0.62 36.61
C ASP C 78 -30.07 -0.07 37.28
N ARG C 79 -30.26 0.83 38.23
CA ARG C 79 -29.14 1.41 38.98
C ARG C 79 -29.24 1.05 40.45
N PRO C 80 -28.09 0.97 41.13
CA PRO C 80 -28.09 0.73 42.58
C PRO C 80 -28.77 1.89 43.32
N PRO C 81 -29.50 1.57 44.40
CA PRO C 81 -30.16 2.63 45.19
C PRO C 81 -29.15 3.57 45.83
N VAL C 82 -29.44 4.87 45.76
CA VAL C 82 -28.61 5.87 46.41
C VAL C 82 -29.46 6.67 47.40
N PRO C 83 -29.57 6.15 48.64
CA PRO C 83 -30.43 6.71 49.69
C PRO C 83 -30.13 8.18 50.03
N ILE C 84 -28.91 8.63 49.80
CA ILE C 84 -28.51 10.00 50.15
C ILE C 84 -29.08 11.02 49.17
N THR C 85 -29.70 10.55 48.10
CA THR C 85 -30.29 11.45 47.11
C THR C 85 -31.54 12.13 47.66
N GLN C 86 -32.00 11.69 48.82
CA GLN C 86 -33.16 12.29 49.46
C GLN C 86 -32.90 13.74 49.85
N ILE C 87 -31.63 14.06 50.09
CA ILE C 87 -31.23 15.42 50.42
C ILE C 87 -31.46 16.36 49.23
N LEU C 88 -31.27 15.82 48.04
CA LEU C 88 -31.39 16.61 46.81
C LEU C 88 -32.84 16.78 46.37
N GLY C 89 -33.74 16.04 47.02
CA GLY C 89 -35.15 16.13 46.70
C GLY C 89 -35.63 15.02 45.79
N PHE C 90 -34.93 13.89 45.82
CA PHE C 90 -35.33 12.74 45.02
C PHE C 90 -36.56 12.06 45.61
N GLY C 91 -37.59 11.90 44.80
CA GLY C 91 -38.81 11.22 45.22
C GLY C 91 -39.07 10.02 44.33
N PRO C 92 -40.21 9.35 44.55
CA PRO C 92 -40.56 8.17 43.75
C PRO C 92 -40.81 8.52 42.28
N ARG C 93 -41.54 9.61 42.04
CA ARG C 93 -41.84 10.04 40.67
C ARG C 93 -40.90 11.16 40.23
N SER C 94 -39.82 11.35 40.97
CA SER C 94 -38.85 12.40 40.65
C SER C 94 -37.43 11.93 40.91
N GLN C 95 -36.90 11.13 39.99
CA GLN C 95 -35.57 10.56 40.15
C GLN C 95 -34.61 11.02 39.06
N GLY C 96 -35.06 11.96 38.24
CA GLY C 96 -34.27 12.43 37.12
C GLY C 96 -34.10 11.32 36.07
N VAL C 97 -32.93 11.26 35.47
CA VAL C 97 -32.63 10.24 34.48
C VAL C 97 -31.42 9.40 34.87
N PHE C 98 -30.37 10.09 35.28
CA PHE C 98 -29.06 9.47 35.51
C PHE C 98 -29.08 8.36 36.56
N LEU C 99 -29.57 8.68 37.76
CA LEU C 99 -29.57 7.72 38.86
C LEU C 99 -30.93 7.06 39.06
N ALA C 100 -31.86 7.36 38.16
CA ALA C 100 -33.22 6.84 38.28
C ALA C 100 -33.26 5.32 38.20
N ARG C 101 -34.04 4.71 39.09
CA ARG C 101 -34.22 3.26 39.08
C ARG C 101 -34.94 2.85 37.80
N TYR C 102 -34.77 1.59 37.39
CA TYR C 102 -35.44 1.11 36.18
C TYR C 102 -36.95 1.06 36.41
N GLY C 103 -37.68 1.78 35.57
CA GLY C 103 -39.12 1.87 35.71
C GLY C 103 -39.72 2.96 34.86
N PRO C 104 -41.01 3.29 35.10
CA PRO C 104 -41.72 4.32 34.33
C PRO C 104 -41.14 5.73 34.54
N ALA C 105 -40.77 6.04 35.77
CA ALA C 105 -40.20 7.35 36.08
C ALA C 105 -38.94 7.61 35.26
N TRP C 106 -38.06 6.61 35.18
CA TRP C 106 -36.86 6.72 34.35
C TRP C 106 -37.21 6.72 32.87
N ARG C 107 -38.12 5.83 32.47
CA ARG C 107 -38.44 5.65 31.06
C ARG C 107 -39.09 6.89 30.47
N GLU C 108 -39.99 7.51 31.22
CA GLU C 108 -40.70 8.69 30.74
C GLU C 108 -39.74 9.86 30.54
N GLN C 109 -38.82 10.04 31.48
CA GLN C 109 -37.84 11.10 31.39
C GLN C 109 -36.79 10.78 30.32
N ARG C 110 -36.52 9.50 30.14
CA ARG C 110 -35.61 9.04 29.09
C ARG C 110 -36.17 9.39 27.72
N ARG C 111 -37.38 8.92 27.45
CA ARG C 111 -38.06 9.16 26.18
C ARG C 111 -38.26 10.65 25.91
N PHE C 112 -38.55 11.40 26.95
CA PHE C 112 -38.77 12.85 26.81
C PHE C 112 -37.50 13.57 26.38
N SER C 113 -36.43 13.39 27.15
CA SER C 113 -35.16 14.07 26.87
C SER C 113 -34.62 13.72 25.49
N VAL C 114 -34.74 12.45 25.11
CA VAL C 114 -34.24 11.99 23.81
C VAL C 114 -35.00 12.65 22.67
N SER C 115 -36.33 12.59 22.72
CA SER C 115 -37.15 13.15 21.66
C SER C 115 -37.09 14.67 21.63
N THR C 116 -37.01 15.29 22.79
CA THR C 116 -36.97 16.75 22.88
C THR C 116 -35.75 17.33 22.17
N LEU C 117 -34.58 16.74 22.43
CA LEU C 117 -33.36 17.15 21.76
C LEU C 117 -33.48 16.98 20.25
N ARG C 118 -33.97 15.83 19.83
CA ARG C 118 -34.17 15.53 18.41
C ARG C 118 -35.11 16.52 17.75
N ASN C 119 -36.23 16.81 18.41
CA ASN C 119 -37.25 17.70 17.86
C ASN C 119 -36.75 19.13 17.69
N LEU C 120 -35.91 19.59 18.61
CA LEU C 120 -35.35 20.94 18.55
C LEU C 120 -34.44 21.11 17.33
N GLY C 121 -33.88 20.01 16.85
CA GLY C 121 -33.04 20.03 15.67
C GLY C 121 -33.83 20.20 14.39
N LYS C 125 -35.44 26.26 11.91
CA LYS C 125 -34.56 26.19 13.07
C LYS C 125 -33.44 25.18 12.85
N SER C 126 -32.34 25.36 13.58
CA SER C 126 -31.17 24.49 13.42
C SER C 126 -30.48 24.16 14.75
N LEU C 127 -30.17 22.88 14.95
CA LEU C 127 -29.49 22.43 16.15
C LEU C 127 -28.01 22.80 16.11
N GLU C 128 -27.45 22.84 14.90
CA GLU C 128 -26.07 23.23 14.70
C GLU C 128 -25.83 24.66 15.17
N GLN C 129 -26.83 25.52 14.98
CA GLN C 129 -26.71 26.95 15.23
C GLN C 129 -26.23 27.25 16.66
N TRP C 130 -26.87 26.62 17.63
CA TRP C 130 -26.49 26.81 19.03
C TRP C 130 -25.05 26.38 19.28
N VAL C 131 -24.57 25.43 18.49
CA VAL C 131 -23.21 24.90 18.65
C VAL C 131 -22.19 25.67 17.81
N THR C 132 -22.55 25.95 16.55
CA THR C 132 -21.66 26.71 15.66
C THR C 132 -21.42 28.12 16.18
N GLU C 133 -22.48 28.76 16.68
CA GLU C 133 -22.35 30.09 17.25
C GLU C 133 -21.44 30.06 18.48
N GLU C 134 -21.60 29.03 19.30
CA GLU C 134 -20.80 28.91 20.51
C GLU C 134 -19.34 28.61 20.18
N ALA C 135 -19.13 27.94 19.04
CA ALA C 135 -17.78 27.64 18.58
C ALA C 135 -17.07 28.92 18.17
N ALA C 136 -17.79 29.81 17.48
CA ALA C 136 -17.26 31.11 17.11
C ALA C 136 -16.85 31.90 18.34
N CYS C 137 -17.69 31.86 19.37
CA CYS C 137 -17.38 32.53 20.63
C CYS C 137 -16.17 31.90 21.30
N LEU C 138 -15.98 30.61 21.08
CA LEU C 138 -14.85 29.89 21.66
C LEU C 138 -13.56 30.23 20.96
N CYS C 139 -13.61 30.35 19.63
CA CYS C 139 -12.46 30.76 18.84
C CYS C 139 -12.02 32.17 19.22
N ALA C 140 -13.00 33.04 19.44
CA ALA C 140 -12.73 34.43 19.81
C ALA C 140 -12.04 34.53 21.17
N ALA C 141 -12.51 33.72 22.12
CA ALA C 141 -11.91 33.68 23.44
C ALA C 141 -10.49 33.13 23.38
N PHE C 142 -10.27 32.22 22.43
CA PHE C 142 -8.95 31.65 22.21
C PHE C 142 -8.01 32.68 21.58
N ALA C 143 -8.55 33.53 20.71
CA ALA C 143 -7.77 34.55 20.04
C ALA C 143 -7.24 35.58 21.04
N ASN C 144 -7.96 35.77 22.14
CA ASN C 144 -7.54 36.71 23.17
C ASN C 144 -6.46 36.13 24.08
N HIS C 145 -6.25 34.83 23.96
CA HIS C 145 -5.22 34.15 24.73
C HIS C 145 -4.01 33.78 23.86
N SER C 146 -3.95 34.37 22.67
CA SER C 146 -2.97 33.95 21.66
C SER C 146 -1.52 34.23 22.07
N GLY C 147 -1.26 35.42 22.58
CA GLY C 147 0.09 35.84 22.90
C GLY C 147 0.83 34.99 23.91
N ARG C 148 0.11 34.46 24.89
CA ARG C 148 0.73 33.72 25.99
C ARG C 148 0.10 32.34 26.15
N PRO C 149 0.92 31.33 26.48
CA PRO C 149 0.40 29.98 26.76
C PRO C 149 -0.67 29.97 27.84
N PHE C 150 -1.63 29.05 27.72
CA PHE C 150 -2.76 28.99 28.64
C PHE C 150 -3.36 27.60 28.74
N ARG C 151 -4.09 27.35 29.82
CA ARG C 151 -4.87 26.13 29.96
C ARG C 151 -6.23 26.31 29.29
N PRO C 152 -6.54 25.46 28.29
CA PRO C 152 -7.80 25.58 27.56
C PRO C 152 -8.97 24.94 28.29
N ASN C 153 -8.71 24.37 29.46
CA ASN C 153 -9.72 23.64 30.22
C ASN C 153 -10.93 24.50 30.58
N GLY C 154 -10.68 25.64 31.22
CA GLY C 154 -11.74 26.54 31.63
C GLY C 154 -12.59 27.03 30.47
N LEU C 155 -11.93 27.40 29.38
CA LEU C 155 -12.62 27.92 28.20
C LEU C 155 -13.49 26.85 27.55
N LEU C 156 -12.99 25.62 27.52
CA LEU C 156 -13.74 24.52 26.93
C LEU C 156 -14.99 24.20 27.72
N ASP C 157 -14.90 24.29 29.05
CA ASP C 157 -16.04 24.08 29.92
C ASP C 157 -17.18 25.04 29.62
N LYS C 158 -16.86 26.33 29.55
CA LYS C 158 -17.87 27.37 29.33
C LYS C 158 -18.58 27.20 27.99
N ALA C 159 -17.81 26.81 26.97
CA ALA C 159 -18.36 26.64 25.63
C ALA C 159 -19.33 25.46 25.58
N VAL C 160 -18.92 24.36 26.20
CA VAL C 160 -19.73 23.14 26.23
C VAL C 160 -20.97 23.34 27.11
N SER C 161 -20.78 24.07 28.21
CA SER C 161 -21.88 24.34 29.14
C SER C 161 -22.96 25.21 28.51
N ASN C 162 -22.55 26.12 27.63
CA ASN C 162 -23.51 27.00 26.98
C ASN C 162 -24.33 26.28 25.92
N VAL C 163 -23.78 25.20 25.39
CA VAL C 163 -24.49 24.40 24.40
C VAL C 163 -25.72 23.74 25.03
N ILE C 164 -25.51 23.03 26.13
CA ILE C 164 -26.61 22.36 26.81
C ILE C 164 -27.53 23.37 27.48
N ALA C 165 -26.98 24.51 27.86
CA ALA C 165 -27.79 25.60 28.41
C ALA C 165 -28.75 26.16 27.36
N SER C 166 -28.30 26.13 26.11
CA SER C 166 -29.11 26.62 24.99
C SER C 166 -30.25 25.66 24.68
N LEU C 167 -30.06 24.39 24.99
CA LEU C 167 -31.08 23.38 24.73
C LEU C 167 -31.99 23.19 25.94
N THR C 168 -31.45 23.42 27.14
CA THR C 168 -32.25 23.31 28.35
C THR C 168 -32.95 24.63 28.68
N CYS C 169 -32.16 25.69 28.85
CA CYS C 169 -32.71 26.98 29.28
C CYS C 169 -32.96 27.95 28.12
N GLY C 170 -32.50 27.58 26.93
CA GLY C 170 -32.69 28.44 25.77
C GLY C 170 -31.86 29.71 25.80
N ARG C 171 -30.68 29.63 26.40
CA ARG C 171 -29.82 30.79 26.52
C ARG C 171 -28.35 30.39 26.70
N ARG C 172 -27.46 31.32 26.41
CA ARG C 172 -26.05 31.15 26.73
C ARG C 172 -25.63 32.21 27.75
N PHE C 173 -24.42 32.05 28.29
CA PHE C 173 -23.88 33.00 29.26
C PHE C 173 -22.56 33.57 28.76
N GLU C 174 -22.33 34.85 29.03
CA GLU C 174 -21.04 35.46 28.75
C GLU C 174 -19.99 34.75 29.58
N TYR C 175 -18.77 34.66 29.06
CA TYR C 175 -17.71 33.88 29.71
C TYR C 175 -17.25 34.49 31.03
N ASP C 176 -17.61 35.74 31.27
CA ASP C 176 -17.25 36.43 32.50
C ASP C 176 -18.45 36.58 33.44
N ASP C 177 -19.54 35.87 33.12
CA ASP C 177 -20.76 35.93 33.91
C ASP C 177 -20.56 35.28 35.28
N PRO C 178 -20.75 36.07 36.36
CA PRO C 178 -20.54 35.63 37.74
C PRO C 178 -21.37 34.40 38.12
N ARG C 179 -22.65 34.40 37.79
CA ARG C 179 -23.52 33.26 38.10
C ARG C 179 -23.13 32.03 37.29
N PHE C 180 -22.68 32.26 36.06
CA PHE C 180 -22.23 31.19 35.19
C PHE C 180 -20.96 30.55 35.73
N LEU C 181 -20.01 31.39 36.15
CA LEU C 181 -18.76 30.91 36.74
C LEU C 181 -19.01 30.11 38.01
N ARG C 182 -19.88 30.62 38.88
CA ARG C 182 -20.20 29.94 40.11
C ARG C 182 -20.89 28.60 39.82
N LEU C 183 -21.73 28.59 38.80
CA LEU C 183 -22.45 27.39 38.40
C LEU C 183 -21.46 26.29 37.98
N LEU C 184 -20.48 26.67 37.17
CA LEU C 184 -19.48 25.72 36.68
C LEU C 184 -18.55 25.27 37.79
N ASP C 185 -18.18 26.21 38.66
CA ASP C 185 -17.28 25.91 39.76
C ASP C 185 -17.92 24.92 40.74
N LEU C 186 -19.21 25.10 40.99
CA LEU C 186 -19.95 24.21 41.89
C LEU C 186 -20.17 22.84 41.26
N ALA C 187 -20.19 22.80 39.93
CA ALA C 187 -20.38 21.53 39.22
C ALA C 187 -19.17 20.62 39.38
N GLN C 188 -17.99 21.20 39.27
CA GLN C 188 -16.76 20.41 39.38
C GLN C 188 -16.50 20.01 40.84
N GLU C 189 -16.88 20.86 41.77
CA GLU C 189 -16.77 20.54 43.18
C GLU C 189 -17.74 19.42 43.55
N GLY C 190 -18.91 19.44 42.93
CA GLY C 190 -19.91 18.42 43.16
C GLY C 190 -19.49 17.07 42.62
N LEU C 191 -18.69 17.09 41.56
CA LEU C 191 -18.14 15.87 40.97
C LEU C 191 -17.20 15.18 41.95
N LYS C 192 -16.40 15.98 42.66
CA LYS C 192 -15.47 15.45 43.64
C LYS C 192 -16.21 14.84 44.83
N GLU C 193 -17.38 15.40 45.15
CA GLU C 193 -18.19 14.90 46.25
C GLU C 193 -18.78 13.54 45.93
N GLU C 194 -18.90 13.23 44.64
CA GLU C 194 -19.44 11.95 44.20
C GLU C 194 -18.54 10.80 44.64
N SER C 195 -17.23 11.07 44.67
CA SER C 195 -16.26 10.10 45.13
C SER C 195 -15.78 10.46 46.53
N GLY C 196 -16.47 9.95 47.54
CA GLY C 196 -16.14 10.23 48.92
C GLY C 196 -16.48 9.11 49.87
N PHE C 197 -15.69 8.97 50.93
CA PHE C 197 -15.93 7.96 51.95
C PHE C 197 -17.21 8.28 52.71
N LEU C 198 -17.53 9.56 52.82
CA LEU C 198 -18.73 10.01 53.51
C LEU C 198 -19.99 9.57 52.78
N ARG C 199 -19.92 9.50 51.46
CA ARG C 199 -21.06 9.10 50.65
C ARG C 199 -21.45 7.65 50.90
N GLU C 200 -20.46 6.76 50.86
CA GLU C 200 -20.69 5.32 50.95
C GLU C 200 -21.23 4.89 52.32
N VAL C 201 -20.72 5.52 53.38
CA VAL C 201 -21.15 5.16 54.73
C VAL C 201 -22.58 5.65 54.98
N LEU C 202 -22.95 6.77 54.35
CA LEU C 202 -24.32 7.27 54.46
C LEU C 202 -25.25 6.43 53.58
N ASN C 203 -24.69 5.85 52.53
CA ASN C 203 -25.46 4.94 51.68
C ASN C 203 -25.67 3.59 52.36
N ALA C 204 -24.77 3.26 53.28
CA ALA C 204 -24.87 2.01 54.03
C ALA C 204 -26.15 1.98 54.86
N VAL C 205 -26.50 3.11 55.45
CA VAL C 205 -27.73 3.23 56.21
C VAL C 205 -28.20 4.69 56.25
N PRO C 206 -29.46 4.94 55.84
CA PRO C 206 -30.03 6.28 55.72
C PRO C 206 -30.34 6.97 57.06
N VAL C 207 -30.20 6.25 58.18
CA VAL C 207 -30.55 6.84 59.47
C VAL C 207 -29.51 7.85 59.92
N LEU C 208 -28.32 7.79 59.32
CA LEU C 208 -27.27 8.74 59.62
C LEU C 208 -27.57 10.10 58.97
N LEU C 209 -28.52 10.09 58.05
CA LEU C 209 -28.96 11.32 57.38
C LEU C 209 -29.90 12.11 58.29
N HIS C 210 -30.43 11.45 59.31
CA HIS C 210 -31.27 12.12 60.30
C HIS C 210 -30.44 13.09 61.12
N ILE C 211 -29.15 12.79 61.24
CA ILE C 211 -28.21 13.69 61.92
C ILE C 211 -27.99 14.94 61.08
N PRO C 212 -28.41 16.10 61.61
CA PRO C 212 -28.37 17.38 60.89
C PRO C 212 -26.97 17.78 60.43
N ALA C 213 -25.97 17.53 61.27
CA ALA C 213 -24.60 17.91 60.95
C ALA C 213 -24.00 17.02 59.87
N LEU C 214 -24.47 15.77 59.82
CA LEU C 214 -23.97 14.81 58.84
C LEU C 214 -24.61 14.99 57.47
N ALA C 215 -25.85 15.48 57.46
CA ALA C 215 -26.61 15.61 56.22
C ALA C 215 -26.34 16.93 55.50
N GLY C 216 -25.75 17.88 56.21
CA GLY C 216 -25.55 19.21 55.67
C GLY C 216 -24.19 19.45 55.04
N LYS C 217 -23.17 18.72 55.50
CA LYS C 217 -21.81 18.95 55.04
C LYS C 217 -21.33 17.96 53.99
N VAL C 218 -22.15 16.96 53.67
CA VAL C 218 -21.73 15.91 52.75
C VAL C 218 -21.95 16.27 51.28
N LEU C 219 -23.06 16.92 50.98
CA LEU C 219 -23.37 17.33 49.62
C LEU C 219 -23.66 18.83 49.55
N ARG C 220 -22.79 19.63 50.16
CA ARG C 220 -23.01 21.06 50.25
C ARG C 220 -22.70 21.76 48.92
N PHE C 221 -21.87 21.12 48.10
CA PHE C 221 -21.54 21.68 46.79
C PHE C 221 -22.58 21.29 45.75
N GLN C 222 -23.17 20.11 45.91
CA GLN C 222 -24.23 19.67 45.00
C GLN C 222 -25.52 20.43 45.30
N LYS C 223 -25.82 20.62 46.58
CA LYS C 223 -26.98 21.41 46.98
C LYS C 223 -26.81 22.85 46.52
N ALA C 224 -25.59 23.34 46.58
CA ALA C 224 -25.28 24.69 46.09
C ALA C 224 -25.54 24.79 44.60
N PHE C 225 -25.18 23.74 43.87
CA PHE C 225 -25.41 23.68 42.43
C PHE C 225 -26.91 23.68 42.13
N LEU C 226 -27.66 22.93 42.92
CA LEU C 226 -29.11 22.84 42.76
C LEU C 226 -29.76 24.19 43.07
N THR C 227 -29.33 24.80 44.17
CA THR C 227 -29.85 26.11 44.59
C THR C 227 -29.63 27.15 43.49
N GLN C 228 -28.40 27.22 43.01
CA GLN C 228 -28.04 28.14 41.92
C GLN C 228 -28.87 27.86 40.67
N LEU C 229 -29.18 26.59 40.45
CA LEU C 229 -29.92 26.18 39.26
C LEU C 229 -31.42 26.49 39.41
N ASP C 230 -31.93 26.39 40.63
CA ASP C 230 -33.32 26.76 40.90
C ASP C 230 -33.56 28.23 40.58
N GLU C 231 -32.59 29.05 40.95
CA GLU C 231 -32.65 30.49 40.69
C GLU C 231 -32.78 30.79 39.20
N LEU C 232 -32.01 30.06 38.39
CA LEU C 232 -32.02 30.25 36.95
C LEU C 232 -33.31 29.74 36.31
N LEU C 233 -33.85 28.65 36.86
CA LEU C 233 -35.09 28.08 36.35
C LEU C 233 -36.28 28.95 36.73
N THR C 234 -36.22 29.54 37.92
CA THR C 234 -37.25 30.46 38.38
C THR C 234 -37.37 31.66 37.46
N GLU C 235 -36.22 32.19 37.03
CA GLU C 235 -36.20 33.31 36.10
C GLU C 235 -36.71 32.90 34.72
N HIS C 236 -36.43 31.67 34.35
CA HIS C 236 -36.81 31.15 33.04
C HIS C 236 -38.33 30.92 32.95
N ARG C 237 -38.94 30.53 34.06
CA ARG C 237 -40.37 30.26 34.09
C ARG C 237 -41.15 31.55 33.89
N MET C 238 -40.50 32.67 34.18
CA MET C 238 -41.10 33.99 34.02
C MET C 238 -41.08 34.46 32.57
N THR C 239 -40.04 34.06 31.84
CA THR C 239 -39.87 34.49 30.45
C THR C 239 -40.54 33.56 29.46
N TRP C 240 -40.98 32.40 29.94
CA TRP C 240 -41.63 31.41 29.10
C TRP C 240 -42.92 31.92 28.49
N ASP C 241 -43.07 31.75 27.19
CA ASP C 241 -44.32 32.06 26.51
C ASP C 241 -45.01 30.78 26.06
N PRO C 242 -46.05 30.36 26.80
CA PRO C 242 -46.81 29.14 26.50
C PRO C 242 -47.58 29.22 25.18
N ALA C 243 -47.75 30.42 24.65
CA ALA C 243 -48.48 30.61 23.41
C ALA C 243 -47.67 30.13 22.21
N GLN C 244 -46.35 30.14 22.35
CA GLN C 244 -45.46 29.69 21.28
C GLN C 244 -44.94 28.30 21.57
N PRO C 245 -44.56 27.55 20.52
CA PRO C 245 -43.95 26.23 20.71
C PRO C 245 -42.71 26.30 21.59
N PRO C 246 -42.44 25.24 22.37
CA PRO C 246 -41.28 25.18 23.27
C PRO C 246 -39.97 25.52 22.56
N ARG C 247 -39.22 26.46 23.13
CA ARG C 247 -37.97 26.90 22.54
C ARG C 247 -36.80 26.06 23.05
N ASP C 248 -37.03 25.34 24.13
CA ASP C 248 -35.99 24.54 24.76
C ASP C 248 -36.59 23.40 25.58
N LEU C 249 -35.74 22.59 26.17
CA LEU C 249 -36.18 21.40 26.89
C LEU C 249 -36.97 21.73 28.15
N THR C 250 -36.63 22.84 28.80
CA THR C 250 -37.32 23.25 30.03
C THR C 250 -38.75 23.68 29.73
N GLU C 251 -38.93 24.47 28.66
CA GLU C 251 -40.25 24.91 28.26
C GLU C 251 -41.13 23.72 27.88
N ALA C 252 -40.53 22.76 27.18
CA ALA C 252 -41.23 21.53 26.81
C ALA C 252 -41.63 20.74 28.06
N PHE C 253 -40.73 20.71 29.04
CA PHE C 253 -40.98 20.03 30.30
C PHE C 253 -42.14 20.70 31.04
N LEU C 254 -42.17 22.02 31.01
CA LEU C 254 -43.20 22.79 31.69
C LEU C 254 -44.56 22.61 31.02
N ALA C 255 -44.56 22.51 29.70
CA ALA C 255 -45.80 22.31 28.95
C ALA C 255 -46.42 20.96 29.27
N GLU C 256 -45.59 19.93 29.37
CA GLU C 256 -46.07 18.61 29.77
C GLU C 256 -46.54 18.63 31.22
N MET C 257 -45.88 19.43 32.04
CA MET C 257 -46.21 19.55 33.45
C MET C 257 -47.62 20.10 33.65
N GLU C 258 -48.01 21.03 32.78
CA GLU C 258 -49.36 21.59 32.81
C GLU C 258 -50.41 20.54 32.46
N LYS C 259 -50.11 19.74 31.44
CA LYS C 259 -51.02 18.69 30.98
C LYS C 259 -51.12 17.57 32.02
N ALA C 260 -50.11 17.47 32.87
CA ALA C 260 -50.03 16.38 33.84
C ALA C 260 -50.50 16.82 35.23
N LYS C 261 -51.11 18.00 35.31
CA LYS C 261 -51.66 18.46 36.57
C LYS C 261 -52.88 17.62 36.94
N GLY C 262 -52.81 16.95 38.08
CA GLY C 262 -53.86 16.06 38.51
C GLY C 262 -53.47 14.61 38.31
N ASN C 263 -52.26 14.41 37.79
CA ASN C 263 -51.74 13.08 37.52
C ASN C 263 -50.56 12.77 38.42
N PRO C 264 -50.79 11.95 39.48
CA PRO C 264 -49.74 11.57 40.42
C PRO C 264 -48.75 10.57 39.83
N GLU C 265 -49.14 9.92 38.74
CA GLU C 265 -48.29 8.92 38.10
C GLU C 265 -47.24 9.56 37.19
N SER C 266 -47.38 10.85 36.93
CA SER C 266 -46.49 11.54 36.01
C SER C 266 -45.18 11.93 36.68
N SER C 267 -44.09 11.88 35.92
CA SER C 267 -42.79 12.29 36.45
C SER C 267 -42.52 13.75 36.09
N PHE C 268 -43.44 14.34 35.34
CA PHE C 268 -43.34 15.76 35.00
C PHE C 268 -43.87 16.63 36.13
N ASN C 269 -43.01 16.91 37.10
CA ASN C 269 -43.37 17.75 38.23
C ASN C 269 -42.21 18.67 38.62
N ASP C 270 -42.49 19.64 39.50
CA ASP C 270 -41.48 20.63 39.89
C ASP C 270 -40.23 20.01 40.49
N GLU C 271 -40.41 18.99 41.33
CA GLU C 271 -39.29 18.35 42.01
C GLU C 271 -38.36 17.63 41.03
N ASN C 272 -38.90 17.18 39.91
CA ASN C 272 -38.10 16.43 38.94
C ASN C 272 -37.49 17.34 37.87
N LEU C 273 -38.13 18.48 37.62
CA LEU C 273 -37.64 19.45 36.65
C LEU C 273 -36.23 19.91 37.01
N ARG C 274 -36.03 20.27 38.27
CA ARG C 274 -34.73 20.73 38.72
C ARG C 274 -33.69 19.61 38.70
N ILE C 275 -34.14 18.37 38.86
CA ILE C 275 -33.24 17.22 38.88
C ILE C 275 -32.86 16.79 37.47
N VAL C 276 -33.85 16.67 36.59
CA VAL C 276 -33.60 16.29 35.20
C VAL C 276 -32.68 17.31 34.51
N VAL C 277 -33.01 18.60 34.67
CA VAL C 277 -32.17 19.66 34.11
C VAL C 277 -30.75 19.59 34.69
N ALA C 278 -30.65 19.31 35.98
CA ALA C 278 -29.35 19.19 36.63
C ALA C 278 -28.57 18.01 36.07
N ASP C 279 -29.28 16.93 35.76
CA ASP C 279 -28.64 15.75 35.19
C ASP C 279 -28.09 16.06 33.79
N LEU C 280 -28.92 16.66 32.95
CA LEU C 280 -28.53 16.98 31.58
C LEU C 280 -27.35 17.95 31.53
N PHE C 281 -27.47 19.06 32.25
CA PHE C 281 -26.45 20.09 32.27
C PHE C 281 -25.13 19.55 32.78
N SER C 282 -25.19 18.79 33.87
CA SER C 282 -23.99 18.23 34.49
C SER C 282 -23.30 17.22 33.57
N ALA C 283 -24.07 16.24 33.10
CA ALA C 283 -23.52 15.17 32.28
C ALA C 283 -22.99 15.68 30.95
N GLY C 284 -23.70 16.64 30.36
CA GLY C 284 -23.35 17.14 29.05
C GLY C 284 -22.28 18.22 29.06
N MET C 285 -21.50 18.27 30.13
CA MET C 285 -20.50 19.31 30.31
C MET C 285 -19.15 18.75 30.71
N VAL C 286 -19.13 18.02 31.83
CA VAL C 286 -17.90 17.50 32.39
C VAL C 286 -17.31 16.39 31.50
N THR C 287 -18.15 15.84 30.63
CA THR C 287 -17.72 14.77 29.73
C THR C 287 -17.20 15.33 28.40
N THR C 288 -18.04 16.10 27.72
CA THR C 288 -17.71 16.64 26.41
C THR C 288 -16.48 17.55 26.45
N SER C 289 -16.37 18.39 27.48
CA SER C 289 -15.26 19.32 27.58
C SER C 289 -13.96 18.59 27.89
N THR C 290 -14.02 17.65 28.82
CA THR C 290 -12.86 16.85 29.21
C THR C 290 -12.31 16.09 28.01
N THR C 291 -13.21 15.59 27.17
CA THR C 291 -12.83 14.95 25.92
C THR C 291 -12.09 15.93 25.02
N LEU C 292 -12.65 17.14 24.87
CA LEU C 292 -12.00 18.18 24.08
C LEU C 292 -10.67 18.58 24.69
N ALA C 293 -10.57 18.50 26.02
CA ALA C 293 -9.32 18.78 26.72
C ALA C 293 -8.28 17.71 26.38
N TRP C 294 -8.75 16.49 26.15
CA TRP C 294 -7.87 15.42 25.69
C TRP C 294 -7.47 15.65 24.24
N GLY C 295 -8.42 16.11 23.43
CA GLY C 295 -8.19 16.37 22.02
C GLY C 295 -7.02 17.31 21.76
N LEU C 296 -7.07 18.49 22.37
CA LEU C 296 -6.04 19.49 22.16
C LEU C 296 -4.70 19.06 22.75
N LEU C 297 -4.75 18.30 23.84
CA LEU C 297 -3.54 17.75 24.44
C LEU C 297 -2.87 16.76 23.49
N LEU C 298 -3.68 15.96 22.80
CA LEU C 298 -3.16 14.98 21.87
C LEU C 298 -2.70 15.63 20.57
N MET C 299 -3.19 16.84 20.30
CA MET C 299 -2.84 17.55 19.08
C MET C 299 -1.52 18.30 19.22
N ILE C 300 -1.11 18.56 20.45
CA ILE C 300 0.18 19.21 20.68
C ILE C 300 1.26 18.16 20.93
N LEU C 301 0.81 16.95 21.29
CA LEU C 301 1.72 15.83 21.49
C LEU C 301 2.01 15.15 20.16
N HIS C 302 1.03 15.15 19.27
CA HIS C 302 1.18 14.55 17.95
C HIS C 302 0.81 15.54 16.84
N PRO C 303 1.64 16.55 16.61
CA PRO C 303 1.36 17.63 15.65
C PRO C 303 1.25 17.12 14.21
N ASP C 304 1.85 15.97 13.93
CA ASP C 304 1.75 15.36 12.61
C ASP C 304 0.29 15.02 12.32
N VAL C 305 -0.40 14.53 13.34
CA VAL C 305 -1.83 14.24 13.23
C VAL C 305 -2.61 15.55 13.05
N GLN C 306 -2.19 16.57 13.78
CA GLN C 306 -2.85 17.87 13.73
C GLN C 306 -2.79 18.47 12.32
N ARG C 307 -1.62 18.44 11.71
CA ARG C 307 -1.42 18.98 10.36
C ARG C 307 -2.27 18.23 9.33
N ARG C 308 -2.38 16.92 9.49
CA ARG C 308 -3.17 16.11 8.59
C ARG C 308 -4.66 16.46 8.70
N VAL C 309 -5.12 16.65 9.92
CA VAL C 309 -6.50 17.08 10.14
C VAL C 309 -6.70 18.48 9.56
N GLN C 310 -5.78 19.38 9.88
CA GLN C 310 -5.83 20.74 9.37
C GLN C 310 -5.74 20.78 7.85
N GLN C 311 -5.09 19.78 7.27
CA GLN C 311 -5.02 19.66 5.82
C GLN C 311 -6.36 19.24 5.25
N GLU C 312 -7.01 18.30 5.92
CA GLU C 312 -8.30 17.79 5.48
C GLU C 312 -9.39 18.85 5.61
N ILE C 313 -9.23 19.73 6.59
CA ILE C 313 -10.16 20.84 6.78
C ILE C 313 -10.07 21.82 5.61
N ASP C 314 -8.84 22.10 5.18
CA ASP C 314 -8.60 23.03 4.08
C ASP C 314 -9.12 22.49 2.75
N ASP C 315 -9.14 21.16 2.62
CA ASP C 315 -9.54 20.52 1.37
C ASP C 315 -11.06 20.40 1.24
N VAL C 316 -11.75 20.25 2.38
CA VAL C 316 -13.18 20.02 2.36
C VAL C 316 -13.97 21.29 2.71
N ILE C 317 -13.48 22.03 3.68
CA ILE C 317 -14.20 23.19 4.18
C ILE C 317 -13.54 24.52 3.79
N GLY C 318 -12.24 24.61 4.02
CA GLY C 318 -11.52 25.85 3.82
C GLY C 318 -11.30 26.55 5.15
N GLN C 319 -10.82 27.79 5.10
CA GLN C 319 -10.55 28.54 6.33
C GLN C 319 -11.48 29.74 6.46
N VAL C 320 -12.45 29.84 5.56
CA VAL C 320 -13.39 30.97 5.58
C VAL C 320 -14.77 30.54 6.08
N ARG C 321 -15.23 29.38 5.61
CA ARG C 321 -16.57 28.88 5.92
C ARG C 321 -16.61 28.10 7.23
N ARG C 322 -17.65 28.34 8.03
CA ARG C 322 -17.86 27.59 9.27
C ARG C 322 -18.14 26.12 8.98
N PRO C 323 -17.54 25.23 9.79
CA PRO C 323 -17.73 23.78 9.65
C PRO C 323 -19.17 23.33 9.88
N GLU C 324 -19.63 22.37 9.09
CA GLU C 324 -20.98 21.83 9.23
C GLU C 324 -20.94 20.30 9.38
N MET C 325 -22.02 19.73 9.88
CA MET C 325 -22.08 18.29 10.12
C MET C 325 -22.08 17.48 8.83
N GLY C 326 -22.43 18.13 7.72
CA GLY C 326 -22.44 17.48 6.44
C GLY C 326 -21.03 17.20 5.93
N ASP C 327 -20.06 17.86 6.53
CA ASP C 327 -18.66 17.70 6.14
C ASP C 327 -18.04 16.45 6.75
N GLN C 328 -18.65 15.93 7.81
CA GLN C 328 -18.10 14.79 8.54
C GLN C 328 -18.03 13.54 7.67
N ALA C 329 -18.99 13.39 6.77
CA ALA C 329 -19.03 12.23 5.88
C ALA C 329 -17.94 12.31 4.82
N HIS C 330 -17.37 13.51 4.64
CA HIS C 330 -16.31 13.72 3.66
C HIS C 330 -14.98 13.97 4.35
N MET C 331 -14.95 13.79 5.66
CA MET C 331 -13.72 13.96 6.43
C MET C 331 -13.44 12.74 7.31
N PRO C 332 -13.06 11.62 6.70
CA PRO C 332 -12.87 10.36 7.42
C PRO C 332 -11.71 10.40 8.42
N TYR C 333 -10.62 11.07 8.08
CA TYR C 333 -9.46 11.12 8.95
C TYR C 333 -9.76 11.89 10.23
N THR C 334 -10.38 13.06 10.08
CA THR C 334 -10.77 13.87 11.22
C THR C 334 -11.73 13.10 12.12
N THR C 335 -12.65 12.38 11.49
CA THR C 335 -13.60 11.55 12.22
C THR C 335 -12.86 10.46 13.00
N ALA C 336 -11.78 9.95 12.43
CA ALA C 336 -11.00 8.90 13.07
C ALA C 336 -10.20 9.45 14.23
N VAL C 337 -9.72 10.68 14.09
CA VAL C 337 -8.94 11.32 15.16
C VAL C 337 -9.83 11.62 16.36
N ILE C 338 -11.04 12.13 16.10
CA ILE C 338 -12.00 12.42 17.16
C ILE C 338 -12.35 11.15 17.94
N HIS C 339 -12.70 10.09 17.21
CA HIS C 339 -13.03 8.81 17.83
C HIS C 339 -11.85 8.25 18.63
N GLU C 340 -10.65 8.42 18.11
CA GLU C 340 -9.45 7.93 18.77
C GLU C 340 -9.13 8.74 20.03
N VAL C 341 -9.45 10.03 19.99
CA VAL C 341 -9.29 10.88 21.17
C VAL C 341 -10.17 10.34 22.29
N GLN C 342 -11.38 9.94 21.93
CA GLN C 342 -12.32 9.36 22.89
C GLN C 342 -11.82 8.02 23.43
N ARG C 343 -11.31 7.18 22.53
CA ARG C 343 -10.83 5.86 22.92
C ARG C 343 -9.60 5.96 23.81
N PHE C 344 -8.63 6.76 23.38
CA PHE C 344 -7.42 6.96 24.16
C PHE C 344 -7.69 7.76 25.43
N GLY C 345 -8.56 8.77 25.31
CA GLY C 345 -8.95 9.58 26.44
C GLY C 345 -9.54 8.73 27.54
N ASP C 346 -10.52 7.90 27.17
CA ASP C 346 -11.12 6.94 28.09
C ASP C 346 -11.59 7.62 29.37
N ILE C 347 -12.36 8.68 29.20
CA ILE C 347 -12.68 9.59 30.31
C ILE C 347 -13.62 8.97 31.33
N VAL C 348 -14.34 7.92 30.93
CA VAL C 348 -15.16 7.17 31.87
C VAL C 348 -14.76 5.69 31.82
N PRO C 349 -13.71 5.33 32.56
CA PRO C 349 -13.13 3.98 32.51
C PRO C 349 -14.04 2.88 33.06
N LEU C 350 -14.61 3.08 34.24
CA LEU C 350 -15.45 2.08 34.88
C LEU C 350 -16.94 2.34 34.61
N GLY C 351 -17.21 3.24 33.68
CA GLY C 351 -18.57 3.59 33.31
C GLY C 351 -19.41 4.06 34.48
N VAL C 352 -20.73 3.93 34.34
CA VAL C 352 -21.64 4.15 35.46
C VAL C 352 -22.21 2.82 35.89
N THR C 353 -22.21 2.56 37.20
CA THR C 353 -22.62 1.25 37.72
C THR C 353 -24.07 0.92 37.41
N HIS C 354 -24.31 -0.33 37.03
CA HIS C 354 -25.66 -0.84 36.82
C HIS C 354 -26.06 -1.76 37.97
N MET C 355 -27.24 -2.33 37.87
CA MET C 355 -27.68 -3.36 38.82
C MET C 355 -28.67 -4.30 38.16
N THR C 356 -28.63 -5.56 38.56
CA THR C 356 -29.52 -6.58 38.03
C THR C 356 -30.88 -6.56 38.71
N SER C 357 -31.94 -6.39 37.93
CA SER C 357 -33.30 -6.42 38.47
C SER C 357 -33.82 -7.84 38.52
N ARG C 358 -33.14 -8.74 37.81
CA ARG C 358 -33.48 -10.16 37.81
C ARG C 358 -32.22 -11.01 37.92
N ASP C 359 -32.38 -12.33 37.78
CA ASP C 359 -31.25 -13.24 37.68
C ASP C 359 -30.88 -13.43 36.22
N ILE C 360 -29.60 -13.26 35.90
CA ILE C 360 -29.13 -13.40 34.54
C ILE C 360 -27.94 -14.35 34.43
N GLU C 361 -27.48 -14.56 33.20
CA GLU C 361 -26.34 -15.43 32.96
C GLU C 361 -25.37 -14.77 31.98
N VAL C 362 -24.16 -14.49 32.45
CA VAL C 362 -23.14 -13.87 31.61
C VAL C 362 -21.87 -14.71 31.59
N GLN C 363 -21.44 -15.07 30.38
CA GLN C 363 -20.25 -15.90 30.18
C GLN C 363 -20.34 -17.21 30.96
N GLY C 364 -21.55 -17.74 31.09
CA GLY C 364 -21.77 -19.00 31.78
C GLY C 364 -22.09 -18.84 33.25
N PHE C 365 -21.54 -17.80 33.88
CA PHE C 365 -21.75 -17.57 35.30
C PHE C 365 -23.13 -17.01 35.60
N ARG C 366 -23.62 -17.27 36.81
CA ARG C 366 -24.95 -16.79 37.21
C ARG C 366 -24.82 -15.52 38.04
N ILE C 367 -25.60 -14.51 37.68
CA ILE C 367 -25.60 -13.25 38.41
C ILE C 367 -26.92 -13.06 39.16
N PRO C 368 -26.85 -13.03 40.50
CA PRO C 368 -28.04 -12.87 41.35
C PRO C 368 -28.74 -11.53 41.13
N LYS C 369 -30.02 -11.47 41.48
CA LYS C 369 -30.79 -10.23 41.42
C LYS C 369 -30.23 -9.21 42.42
N GLY C 370 -30.21 -7.94 42.02
CA GLY C 370 -29.74 -6.88 42.90
C GLY C 370 -28.23 -6.82 43.01
N THR C 371 -27.54 -7.39 42.02
CA THR C 371 -26.08 -7.36 42.01
C THR C 371 -25.57 -6.12 41.30
N THR C 372 -24.68 -5.39 41.97
CA THR C 372 -24.08 -4.20 41.38
C THR C 372 -23.09 -4.56 40.28
N LEU C 373 -23.34 -4.06 39.08
CA LEU C 373 -22.48 -4.37 37.93
C LEU C 373 -21.54 -3.20 37.62
N ILE C 374 -20.28 -3.53 37.36
CA ILE C 374 -19.32 -2.54 36.90
C ILE C 374 -18.90 -2.85 35.47
N THR C 375 -19.34 -2.02 34.53
CA THR C 375 -18.99 -2.19 33.13
C THR C 375 -17.64 -1.54 32.84
N ASN C 376 -16.57 -2.34 32.93
CA ASN C 376 -15.23 -1.84 32.67
C ASN C 376 -15.03 -1.45 31.22
N LEU C 377 -15.49 -0.25 30.87
CA LEU C 377 -15.38 0.26 29.51
C LEU C 377 -13.93 0.37 29.08
N SER C 378 -13.05 0.66 30.05
CA SER C 378 -11.63 0.78 29.80
C SER C 378 -11.06 -0.50 29.20
N SER C 379 -11.54 -1.64 29.69
CA SER C 379 -11.09 -2.94 29.19
C SER C 379 -11.59 -3.18 27.77
N VAL C 380 -12.64 -2.47 27.38
CA VAL C 380 -13.20 -2.60 26.04
C VAL C 380 -12.50 -1.67 25.06
N LEU C 381 -12.16 -0.48 25.53
CA LEU C 381 -11.48 0.51 24.70
C LEU C 381 -9.99 0.23 24.56
N LYS C 382 -9.45 -0.53 25.52
CA LYS C 382 -8.02 -0.83 25.53
C LYS C 382 -7.76 -2.33 25.40
N ASP C 383 -8.66 -3.04 24.74
CA ASP C 383 -8.54 -4.49 24.59
C ASP C 383 -7.45 -4.86 23.59
N GLU C 384 -6.45 -5.62 24.06
CA GLU C 384 -5.34 -6.04 23.21
C GLU C 384 -5.81 -6.95 22.07
N ALA C 385 -6.92 -7.62 22.27
CA ALA C 385 -7.46 -8.55 21.28
C ALA C 385 -8.15 -7.83 20.13
N VAL C 386 -8.38 -6.53 20.29
CA VAL C 386 -9.12 -5.76 19.30
C VAL C 386 -8.26 -4.66 18.65
N TRP C 387 -7.66 -3.82 19.49
CA TRP C 387 -6.90 -2.66 19.00
C TRP C 387 -5.43 -3.00 18.82
N GLU C 388 -4.85 -2.54 17.70
CA GLU C 388 -3.48 -2.86 17.34
C GLU C 388 -2.47 -2.36 18.38
N LYS C 389 -2.67 -1.13 18.85
CA LYS C 389 -1.83 -0.56 19.90
C LYS C 389 -2.69 0.21 20.89
N PRO C 390 -3.28 -0.51 21.86
CA PRO C 390 -4.29 0.00 22.78
C PRO C 390 -3.83 1.18 23.64
N PHE C 391 -2.54 1.34 23.86
CA PHE C 391 -2.06 2.36 24.79
C PHE C 391 -1.35 3.51 24.08
N ARG C 392 -1.43 3.55 22.76
CA ARG C 392 -0.87 4.66 22.00
C ARG C 392 -1.97 5.41 21.25
N PHE C 393 -1.75 6.70 21.03
CA PHE C 393 -2.68 7.51 20.25
C PHE C 393 -2.55 7.15 18.77
N HIS C 394 -3.40 6.23 18.32
CA HIS C 394 -3.29 5.66 16.98
C HIS C 394 -4.58 5.84 16.19
N PRO C 395 -4.71 6.97 15.48
CA PRO C 395 -5.89 7.31 14.68
C PRO C 395 -6.25 6.23 13.66
N GLU C 396 -5.26 5.44 13.27
CA GLU C 396 -5.45 4.38 12.28
C GLU C 396 -6.34 3.26 12.81
N HIS C 397 -6.67 3.31 14.10
CA HIS C 397 -7.58 2.36 14.71
C HIS C 397 -8.97 2.45 14.09
N PHE C 398 -9.26 3.58 13.45
CA PHE C 398 -10.56 3.80 12.82
C PHE C 398 -10.42 4.04 11.32
N LEU C 399 -9.30 3.59 10.77
CA LEU C 399 -9.02 3.72 9.34
C LEU C 399 -8.58 2.39 8.75
N ASP C 400 -9.16 2.01 7.62
CA ASP C 400 -8.73 0.81 6.92
C ASP C 400 -7.58 1.14 5.96
N ALA C 401 -7.24 0.19 5.10
CA ALA C 401 -6.16 0.38 4.15
C ALA C 401 -6.53 1.41 3.09
N GLN C 402 -7.83 1.56 2.85
CA GLN C 402 -8.33 2.48 1.83
C GLN C 402 -8.45 3.91 2.37
N GLY C 403 -8.35 4.06 3.68
CA GLY C 403 -8.46 5.38 4.30
C GLY C 403 -9.87 5.71 4.73
N HIS C 404 -10.80 4.77 4.50
CA HIS C 404 -12.18 4.94 4.92
C HIS C 404 -12.29 4.87 6.44
N PHE C 405 -13.29 5.54 7.00
CA PHE C 405 -13.52 5.49 8.44
C PHE C 405 -14.31 4.24 8.82
N VAL C 406 -13.74 3.46 9.74
CA VAL C 406 -14.42 2.27 10.24
C VAL C 406 -14.55 2.36 11.77
N LYS C 407 -15.70 1.93 12.28
CA LYS C 407 -15.94 1.96 13.71
C LYS C 407 -16.08 0.56 14.28
N PRO C 408 -15.03 0.07 14.94
CA PRO C 408 -15.03 -1.25 15.58
C PRO C 408 -16.13 -1.36 16.63
N GLU C 409 -16.64 -2.57 16.84
CA GLU C 409 -17.71 -2.79 17.81
C GLU C 409 -17.25 -2.47 19.23
N ALA C 410 -15.93 -2.51 19.45
CA ALA C 410 -15.36 -2.31 20.77
C ALA C 410 -15.34 -0.83 21.16
N PHE C 411 -15.75 0.04 20.24
CA PHE C 411 -15.84 1.45 20.54
C PHE C 411 -17.11 1.75 21.32
N LEU C 412 -17.01 1.66 22.65
CA LEU C 412 -18.16 1.92 23.51
C LEU C 412 -17.87 2.97 24.59
N PRO C 413 -17.56 4.21 24.19
CA PRO C 413 -17.30 5.24 25.20
C PRO C 413 -18.58 5.68 25.89
N PHE C 414 -19.71 5.49 25.22
CA PHE C 414 -21.01 5.85 25.77
C PHE C 414 -21.72 4.63 26.35
N SER C 415 -20.94 3.58 26.61
CA SER C 415 -21.46 2.29 27.03
C SER C 415 -22.44 1.74 26.00
N ALA C 416 -23.34 0.87 26.45
CA ALA C 416 -24.31 0.25 25.56
C ALA C 416 -25.56 -0.18 26.32
N GLY C 417 -26.63 -0.46 25.58
CA GLY C 417 -27.87 -0.90 26.19
C GLY C 417 -28.86 0.23 26.38
N ARG C 418 -29.90 -0.03 27.16
CA ARG C 418 -30.96 0.94 27.39
C ARG C 418 -30.48 2.17 28.17
N ARG C 419 -29.47 1.98 29.02
CA ARG C 419 -28.96 3.06 29.84
C ARG C 419 -27.81 3.80 29.17
N ALA C 420 -27.52 3.46 27.91
CA ALA C 420 -26.43 4.10 27.18
C ALA C 420 -26.71 5.59 27.03
N CYS C 421 -25.64 6.39 27.05
CA CYS C 421 -25.70 7.85 26.99
C CYS C 421 -26.72 8.37 25.98
N LEU C 422 -27.70 9.13 26.46
CA LEU C 422 -28.73 9.70 25.60
C LEU C 422 -28.22 10.95 24.91
N GLY C 423 -27.08 11.45 25.38
CA GLY C 423 -26.50 12.68 24.86
C GLY C 423 -25.44 12.42 23.80
N GLU C 424 -25.29 11.16 23.41
CA GLU C 424 -24.35 10.79 22.36
C GLU C 424 -24.57 11.52 21.04
N PRO C 425 -25.83 11.65 20.57
CA PRO C 425 -26.00 12.44 19.33
C PRO C 425 -25.52 13.88 19.47
N LEU C 426 -25.76 14.49 20.63
CA LEU C 426 -25.32 15.86 20.87
C LEU C 426 -23.80 15.93 21.00
N ALA C 427 -23.23 14.95 21.69
CA ALA C 427 -21.78 14.90 21.89
C ALA C 427 -21.06 14.76 20.56
N ARG C 428 -21.58 13.92 19.67
CA ARG C 428 -21.01 13.75 18.34
C ARG C 428 -20.99 15.07 17.58
N MET C 429 -22.05 15.85 17.75
CA MET C 429 -22.15 17.15 17.10
C MET C 429 -21.21 18.16 17.77
N GLU C 430 -21.20 18.19 19.09
CA GLU C 430 -20.34 19.10 19.84
C GLU C 430 -18.87 18.82 19.56
N LEU C 431 -18.47 17.56 19.71
CA LEU C 431 -17.07 17.17 19.52
C LEU C 431 -16.55 17.51 18.14
N PHE C 432 -17.35 17.22 17.11
CA PHE C 432 -16.93 17.49 15.74
C PHE C 432 -16.82 18.99 15.46
N LEU C 433 -17.87 19.73 15.80
CA LEU C 433 -17.94 21.14 15.46
C LEU C 433 -16.92 21.99 16.22
N PHE C 434 -16.69 21.67 17.49
CA PHE C 434 -15.70 22.41 18.27
C PHE C 434 -14.27 22.07 17.85
N PHE C 435 -14.01 20.78 17.64
CA PHE C 435 -12.66 20.32 17.30
C PHE C 435 -12.21 20.83 15.94
N THR C 436 -13.09 20.76 14.96
CA THR C 436 -12.75 21.22 13.61
C THR C 436 -12.63 22.73 13.54
N SER C 437 -13.51 23.44 14.23
CA SER C 437 -13.49 24.90 14.22
C SER C 437 -12.20 25.43 14.85
N LEU C 438 -11.77 24.80 15.94
CA LEU C 438 -10.56 25.22 16.63
C LEU C 438 -9.31 24.94 15.79
N LEU C 439 -9.27 23.78 15.15
CA LEU C 439 -8.12 23.41 14.31
C LEU C 439 -8.14 24.16 12.99
N GLN C 440 -9.31 24.65 12.59
CA GLN C 440 -9.46 25.38 11.34
C GLN C 440 -8.74 26.73 11.40
N HIS C 441 -8.86 27.42 12.52
CA HIS C 441 -8.32 28.76 12.64
C HIS C 441 -7.06 28.84 13.50
N PHE C 442 -6.77 27.77 14.24
CA PHE C 442 -5.60 27.78 15.12
C PHE C 442 -4.67 26.60 14.87
N SER C 443 -3.40 26.79 15.20
CA SER C 443 -2.42 25.72 15.17
C SER C 443 -1.86 25.53 16.57
N PHE C 444 -2.23 24.43 17.20
CA PHE C 444 -1.87 24.21 18.61
C PHE C 444 -0.54 23.49 18.75
N SER C 445 0.27 23.98 19.67
CA SER C 445 1.58 23.40 19.94
C SER C 445 1.97 23.60 21.38
N VAL C 446 2.87 22.76 21.88
CA VAL C 446 3.42 22.96 23.21
C VAL C 446 4.21 24.26 23.24
N PRO C 447 4.09 25.02 24.34
CA PRO C 447 4.84 26.27 24.47
C PRO C 447 6.35 26.02 24.44
N THR C 448 7.03 26.61 23.47
CA THR C 448 8.48 26.44 23.34
C THR C 448 9.18 26.81 24.65
N GLY C 449 9.95 25.86 25.16
CA GLY C 449 10.63 26.06 26.43
C GLY C 449 10.09 25.13 27.51
N GLN C 450 8.80 24.83 27.41
CA GLN C 450 8.15 23.96 28.39
C GLN C 450 8.38 22.49 28.07
N PRO C 451 8.42 21.63 29.10
CA PRO C 451 8.57 20.19 28.90
C PRO C 451 7.32 19.56 28.29
N ARG C 452 7.51 18.50 27.51
CA ARG C 452 6.40 17.76 26.91
C ARG C 452 5.46 17.23 27.98
N PRO C 453 4.15 17.55 27.86
CA PRO C 453 3.17 17.12 28.85
C PRO C 453 2.90 15.62 28.81
N SER C 454 2.29 15.09 29.87
CA SER C 454 2.08 13.66 29.98
C SER C 454 0.89 13.17 29.16
N HIS C 455 1.03 11.99 28.57
CA HIS C 455 -0.08 11.31 27.91
C HIS C 455 -1.01 10.76 28.97
N HIS C 456 -0.49 10.65 30.18
CA HIS C 456 -1.15 9.92 31.26
C HIS C 456 -2.03 10.82 32.12
N GLY C 457 -3.28 10.41 32.31
CA GLY C 457 -4.19 11.13 33.18
C GLY C 457 -4.37 10.41 34.50
N VAL C 458 -4.53 11.16 35.57
CA VAL C 458 -4.72 10.57 36.90
C VAL C 458 -6.07 9.86 36.97
N PHE C 459 -6.06 8.63 37.45
CA PHE C 459 -7.26 7.80 37.47
C PHE C 459 -8.34 8.32 38.42
N ALA C 460 -9.57 8.31 37.93
CA ALA C 460 -10.74 8.68 38.71
C ALA C 460 -11.96 8.10 38.04
N PHE C 461 -13.14 8.39 38.57
CA PHE C 461 -14.38 7.93 37.95
C PHE C 461 -14.65 8.75 36.69
N LEU C 462 -14.03 9.92 36.62
CA LEU C 462 -14.00 10.70 35.39
C LEU C 462 -12.58 11.20 35.15
N VAL C 463 -11.88 10.58 34.22
CA VAL C 463 -10.46 10.85 33.98
C VAL C 463 -10.23 12.08 33.12
N SER C 464 -9.63 13.11 33.72
CA SER C 464 -9.25 14.31 33.01
C SER C 464 -7.77 14.27 32.62
N PRO C 465 -7.41 15.00 31.55
CA PRO C 465 -6.00 15.06 31.16
C PRO C 465 -5.13 15.67 32.26
N SER C 466 -3.85 15.35 32.26
CA SER C 466 -2.91 15.97 33.18
C SER C 466 -2.83 17.46 32.85
N PRO C 467 -2.74 18.31 33.89
CA PRO C 467 -2.67 19.76 33.71
C PRO C 467 -1.57 20.18 32.73
N TYR C 468 -1.94 20.99 31.74
CA TYR C 468 -1.02 21.38 30.69
C TYR C 468 -1.38 22.73 30.10
N GLU C 469 -0.43 23.36 29.42
CA GLU C 469 -0.67 24.60 28.71
C GLU C 469 -0.40 24.42 27.23
N LEU C 470 -0.92 25.32 26.40
CA LEU C 470 -0.67 25.26 24.97
C LEU C 470 -0.65 26.66 24.36
N CYS C 471 -0.07 26.76 23.17
CA CYS C 471 -0.10 28.02 22.42
C CYS C 471 -1.04 27.91 21.24
N ALA C 472 -1.90 28.91 21.10
CA ALA C 472 -2.83 28.94 19.97
C ALA C 472 -2.50 30.11 19.05
N VAL C 473 -1.97 29.79 17.87
CA VAL C 473 -1.63 30.81 16.89
C VAL C 473 -2.48 30.66 15.63
N PRO C 474 -3.00 31.78 15.11
CA PRO C 474 -3.84 31.80 13.91
C PRO C 474 -3.15 31.23 12.68
N ARG C 475 -3.91 30.54 11.83
CA ARG C 475 -3.36 29.96 10.61
C ARG C 475 -3.46 30.94 9.44
N LEU D 11 -0.97 29.04 -39.70
CA LEU D 11 -1.45 27.81 -40.35
C LEU D 11 -0.66 26.59 -39.87
N PRO D 12 -1.37 25.53 -39.48
CA PRO D 12 -0.75 24.28 -39.03
C PRO D 12 0.01 23.58 -40.16
N PRO D 13 1.14 22.93 -39.83
CA PRO D 13 1.93 22.18 -40.81
C PRO D 13 1.22 20.90 -41.24
N GLY D 14 1.78 20.19 -42.21
CA GLY D 14 1.17 18.97 -42.69
C GLY D 14 1.86 18.36 -43.90
N PRO D 15 1.42 17.16 -44.31
CA PRO D 15 1.96 16.43 -45.46
C PRO D 15 1.89 17.22 -46.76
N LEU D 16 2.83 16.99 -47.65
CA LEU D 16 2.86 17.66 -48.95
C LEU D 16 1.76 17.11 -49.86
N PRO D 17 0.79 17.95 -50.23
CA PRO D 17 -0.36 17.56 -51.06
C PRO D 17 0.07 17.05 -52.44
N GLN D 30 -7.31 3.82 -45.68
CA GLN D 30 -7.67 2.60 -44.96
C GLN D 30 -7.77 2.89 -43.47
N ASN D 31 -6.77 2.41 -42.72
CA ASN D 31 -6.69 2.69 -41.30
C ASN D 31 -6.28 4.15 -41.09
N THR D 32 -6.89 4.78 -40.10
CA THR D 32 -6.69 6.20 -39.82
C THR D 32 -6.01 6.50 -38.47
N PRO D 33 -6.35 5.76 -37.39
CA PRO D 33 -5.64 6.04 -36.13
C PRO D 33 -4.11 6.03 -36.23
N TYR D 34 -3.52 4.90 -36.59
CA TYR D 34 -2.07 4.78 -36.67
C TYR D 34 -1.47 5.87 -37.57
N CYS D 35 -2.14 6.17 -38.68
CA CYS D 35 -1.65 7.18 -39.60
C CYS D 35 -1.67 8.58 -38.97
N PHE D 36 -2.78 8.92 -38.33
CA PHE D 36 -2.92 10.21 -37.67
C PHE D 36 -1.92 10.40 -36.53
N ASP D 37 -1.66 9.35 -35.77
CA ASP D 37 -0.73 9.43 -34.65
C ASP D 37 0.69 9.73 -35.12
N GLN D 38 1.10 9.06 -36.20
CA GLN D 38 2.44 9.27 -36.74
C GLN D 38 2.61 10.69 -37.29
N LEU D 39 1.55 11.22 -37.89
CA LEU D 39 1.53 12.61 -38.34
C LEU D 39 1.63 13.55 -37.14
N ARG D 40 1.06 13.11 -36.02
CA ARG D 40 1.09 13.89 -34.79
C ARG D 40 2.49 13.92 -34.20
N ARG D 41 3.19 12.78 -34.25
CA ARG D 41 4.58 12.72 -33.81
C ARG D 41 5.44 13.59 -34.72
N ARG D 42 5.12 13.54 -36.01
CA ARG D 42 5.91 14.21 -37.04
C ARG D 42 5.68 15.71 -37.10
N PHE D 43 4.43 16.14 -36.87
CA PHE D 43 4.08 17.55 -37.02
C PHE D 43 3.66 18.22 -35.72
N GLY D 44 2.86 17.54 -34.90
CA GLY D 44 2.41 18.09 -33.64
C GLY D 44 0.97 17.78 -33.32
N ASP D 45 0.44 18.45 -32.29
CA ASP D 45 -0.94 18.23 -31.85
C ASP D 45 -1.95 18.75 -32.87
N VAL D 46 -1.58 19.79 -33.61
CA VAL D 46 -2.45 20.38 -34.61
C VAL D 46 -1.80 20.42 -35.98
N PHE D 47 -2.32 19.63 -36.91
CA PHE D 47 -1.79 19.61 -38.27
C PHE D 47 -2.90 19.72 -39.31
N SER D 48 -2.51 19.97 -40.55
CA SER D 48 -3.47 20.17 -41.64
C SER D 48 -3.45 19.01 -42.62
N LEU D 49 -4.62 18.64 -43.13
CA LEU D 49 -4.73 17.58 -44.11
C LEU D 49 -5.64 17.98 -45.27
N GLN D 50 -5.17 17.73 -46.48
CA GLN D 50 -5.96 17.99 -47.68
C GLN D 50 -6.67 16.72 -48.14
N LEU D 51 -7.97 16.64 -47.83
CA LEU D 51 -8.79 15.51 -48.27
C LEU D 51 -9.71 15.94 -49.41
N ALA D 52 -9.44 15.41 -50.60
CA ALA D 52 -10.13 15.81 -51.83
C ALA D 52 -10.08 17.32 -52.04
N TRP D 53 -11.25 17.95 -52.06
CA TRP D 53 -11.31 19.40 -52.21
C TRP D 53 -11.11 20.09 -50.87
N THR D 54 -11.58 19.44 -49.81
CA THR D 54 -11.70 20.05 -48.50
C THR D 54 -10.40 20.05 -47.69
N PRO D 55 -10.02 21.23 -47.18
CA PRO D 55 -8.92 21.36 -46.21
C PRO D 55 -9.37 21.03 -44.79
N VAL D 56 -8.62 20.18 -44.10
CA VAL D 56 -9.02 19.70 -42.78
C VAL D 56 -7.93 19.86 -41.73
N VAL D 57 -8.28 20.41 -40.58
CA VAL D 57 -7.36 20.52 -39.46
C VAL D 57 -7.71 19.50 -38.37
N VAL D 58 -6.76 18.63 -38.07
CA VAL D 58 -6.96 17.59 -37.05
C VAL D 58 -6.46 18.03 -35.69
N LEU D 59 -7.27 17.81 -34.66
CA LEU D 59 -6.91 18.19 -33.29
C LEU D 59 -6.56 16.95 -32.46
N ASN D 60 -5.39 16.97 -31.83
CA ASN D 60 -4.93 15.85 -31.02
C ASN D 60 -4.58 16.26 -29.60
N GLY D 61 -4.93 15.41 -28.63
CA GLY D 61 -4.64 15.69 -27.24
C GLY D 61 -5.69 16.58 -26.59
N LEU D 62 -5.78 16.49 -25.26
CA LEU D 62 -6.79 17.23 -24.50
C LEU D 62 -6.67 18.74 -24.68
N ALA D 63 -5.43 19.23 -24.72
CA ALA D 63 -5.16 20.65 -24.81
C ALA D 63 -5.70 21.26 -26.10
N ALA D 64 -5.36 20.65 -27.22
CA ALA D 64 -5.78 21.15 -28.53
C ALA D 64 -7.29 21.02 -28.70
N VAL D 65 -7.88 20.00 -28.11
CA VAL D 65 -9.31 19.75 -28.22
C VAL D 65 -10.11 20.70 -27.33
N ARG D 66 -9.72 20.81 -26.06
CA ARG D 66 -10.40 21.71 -25.13
C ARG D 66 -10.36 23.15 -25.60
N GLU D 67 -9.18 23.60 -26.03
CA GLU D 67 -9.00 24.98 -26.46
C GLU D 67 -9.92 25.33 -27.62
N ALA D 68 -9.99 24.45 -28.61
CA ALA D 68 -10.82 24.69 -29.79
C ALA D 68 -12.30 24.58 -29.46
N LEU D 69 -12.67 23.59 -28.65
CA LEU D 69 -14.08 23.31 -28.39
C LEU D 69 -14.66 24.08 -27.20
N VAL D 70 -13.81 24.53 -26.28
CA VAL D 70 -14.29 25.26 -25.11
C VAL D 70 -13.86 26.72 -25.12
N THR D 71 -12.55 26.95 -25.12
CA THR D 71 -12.00 28.31 -25.13
C THR D 71 -12.50 29.09 -26.34
N HIS D 72 -12.52 28.43 -27.49
CA HIS D 72 -13.08 29.01 -28.70
C HIS D 72 -14.38 28.29 -29.07
N GLY D 73 -15.20 28.00 -28.07
CA GLY D 73 -16.43 27.24 -28.25
C GLY D 73 -17.43 27.87 -29.19
N GLU D 74 -17.59 29.19 -29.09
CA GLU D 74 -18.56 29.91 -29.91
C GLU D 74 -18.25 29.83 -31.40
N ASP D 75 -16.99 29.57 -31.73
CA ASP D 75 -16.54 29.62 -33.11
C ASP D 75 -16.31 28.25 -33.73
N THR D 76 -16.46 27.19 -32.93
CA THR D 76 -16.21 25.84 -33.41
C THR D 76 -17.39 24.90 -33.17
N ALA D 77 -18.59 25.47 -33.02
CA ALA D 77 -19.77 24.67 -32.75
C ALA D 77 -20.64 24.49 -34.00
N ASP D 78 -20.01 24.60 -35.17
CA ASP D 78 -20.73 24.48 -36.42
C ASP D 78 -20.34 23.21 -37.19
N ARG D 79 -21.30 22.62 -37.90
CA ARG D 79 -21.04 21.47 -38.73
C ARG D 79 -20.70 21.88 -40.15
N PRO D 80 -19.85 21.11 -40.83
CA PRO D 80 -19.64 21.31 -42.27
C PRO D 80 -20.94 21.06 -43.03
N PRO D 81 -21.12 21.73 -44.19
CA PRO D 81 -22.35 21.56 -44.96
C PRO D 81 -22.49 20.15 -45.54
N VAL D 82 -23.64 19.53 -45.34
CA VAL D 82 -23.91 18.21 -45.90
C VAL D 82 -25.08 18.29 -46.88
N PRO D 83 -24.77 18.59 -48.15
CA PRO D 83 -25.77 18.82 -49.21
C PRO D 83 -26.73 17.65 -49.45
N ILE D 84 -26.26 16.42 -49.23
CA ILE D 84 -27.08 15.24 -49.51
C ILE D 84 -28.27 15.11 -48.57
N THR D 85 -28.26 15.90 -47.49
CA THR D 85 -29.33 15.85 -46.50
C THR D 85 -30.66 16.39 -47.07
N GLN D 86 -30.60 17.02 -48.23
CA GLN D 86 -31.80 17.55 -48.86
C GLN D 86 -32.78 16.45 -49.25
N ILE D 87 -32.26 15.24 -49.45
CA ILE D 87 -33.08 14.09 -49.81
C ILE D 87 -33.84 13.58 -48.59
N LEU D 88 -33.42 14.02 -47.41
CA LEU D 88 -34.03 13.58 -46.16
C LEU D 88 -35.07 14.57 -45.65
N GLY D 89 -35.19 15.71 -46.33
CA GLY D 89 -36.17 16.72 -45.97
C GLY D 89 -35.57 17.85 -45.16
N PHE D 90 -34.24 18.00 -45.25
CA PHE D 90 -33.54 19.04 -44.52
C PHE D 90 -33.77 20.42 -45.12
N GLY D 91 -34.30 21.33 -44.31
CA GLY D 91 -34.51 22.71 -44.72
C GLY D 91 -33.80 23.64 -43.76
N PRO D 92 -33.86 24.96 -44.03
CA PRO D 92 -33.20 25.95 -43.17
C PRO D 92 -33.71 25.92 -41.72
N ARG D 93 -35.02 25.80 -41.55
CA ARG D 93 -35.61 25.73 -40.22
C ARG D 93 -35.97 24.30 -39.85
N SER D 94 -35.26 23.34 -40.44
CA SER D 94 -35.50 21.92 -40.17
C SER D 94 -34.25 21.09 -40.45
N GLN D 95 -33.28 21.15 -39.54
CA GLN D 95 -32.02 20.45 -39.73
C GLN D 95 -31.76 19.43 -38.63
N GLY D 96 -32.78 19.15 -37.83
CA GLY D 96 -32.62 18.26 -36.70
C GLY D 96 -31.70 18.84 -35.65
N VAL D 97 -30.80 18.01 -35.13
CA VAL D 97 -29.85 18.45 -34.11
C VAL D 97 -28.43 18.05 -34.45
N PHE D 98 -28.27 16.81 -34.90
CA PHE D 98 -26.97 16.19 -35.09
C PHE D 98 -26.12 16.89 -36.15
N LEU D 99 -26.68 17.08 -37.34
CA LEU D 99 -25.94 17.69 -38.45
C LEU D 99 -26.31 19.16 -38.68
N ALA D 100 -27.12 19.71 -37.78
CA ALA D 100 -27.60 21.08 -37.92
C ALA D 100 -26.47 22.10 -37.91
N ARG D 101 -26.62 23.16 -38.70
CA ARG D 101 -25.66 24.25 -38.71
C ARG D 101 -25.77 25.03 -37.41
N TYR D 102 -24.68 25.68 -36.99
CA TYR D 102 -24.71 26.49 -35.78
C TYR D 102 -25.60 27.70 -35.99
N GLY D 103 -26.64 27.81 -35.17
CA GLY D 103 -27.59 28.89 -35.28
C GLY D 103 -28.81 28.69 -34.40
N PRO D 104 -29.89 29.42 -34.67
CA PRO D 104 -31.11 29.32 -33.87
C PRO D 104 -31.82 27.97 -34.02
N ALA D 105 -31.83 27.44 -35.23
CA ALA D 105 -32.50 26.16 -35.50
C ALA D 105 -31.90 25.04 -34.65
N TRP D 106 -30.56 24.95 -34.66
CA TRP D 106 -29.88 23.97 -33.84
C TRP D 106 -30.08 24.24 -32.35
N ARG D 107 -29.94 25.50 -31.96
CA ARG D 107 -30.02 25.88 -30.55
C ARG D 107 -31.39 25.60 -29.95
N GLU D 108 -32.44 25.85 -30.72
CA GLU D 108 -33.80 25.64 -30.24
C GLU D 108 -34.10 24.17 -30.00
N GLN D 109 -33.67 23.33 -30.93
CA GLN D 109 -33.90 21.89 -30.82
C GLN D 109 -32.93 21.27 -29.82
N ARG D 110 -31.81 21.94 -29.61
CA ARG D 110 -30.82 21.53 -28.60
C ARG D 110 -31.42 21.67 -27.20
N ARG D 111 -31.78 22.90 -26.85
CA ARG D 111 -32.35 23.21 -25.55
C ARG D 111 -33.63 22.40 -25.28
N PHE D 112 -34.42 22.22 -26.33
CA PHE D 112 -35.67 21.48 -26.23
C PHE D 112 -35.43 20.03 -25.79
N SER D 113 -34.60 19.31 -26.54
CA SER D 113 -34.31 17.92 -26.24
C SER D 113 -33.67 17.78 -24.86
N VAL D 114 -32.74 18.68 -24.54
CA VAL D 114 -32.06 18.66 -23.25
C VAL D 114 -33.06 18.84 -22.10
N SER D 115 -33.95 19.81 -22.24
CA SER D 115 -34.91 20.11 -21.19
C SER D 115 -36.04 19.07 -21.12
N THR D 116 -36.42 18.54 -22.27
CA THR D 116 -37.50 17.55 -22.33
C THR D 116 -37.09 16.25 -21.64
N LEU D 117 -35.89 15.77 -21.95
CA LEU D 117 -35.37 14.56 -21.34
C LEU D 117 -35.26 14.69 -19.82
N ARG D 118 -34.94 15.90 -19.38
CA ARG D 118 -34.84 16.17 -17.95
C ARG D 118 -36.21 16.15 -17.29
N ASN D 119 -37.13 16.93 -17.82
CA ASN D 119 -38.45 17.12 -17.21
C ASN D 119 -39.31 15.86 -17.15
N LEU D 120 -39.00 14.89 -18.00
CA LEU D 120 -39.77 13.65 -18.04
C LEU D 120 -39.54 12.82 -16.78
N GLY D 121 -38.29 12.76 -16.33
CA GLY D 121 -37.94 11.95 -15.17
C GLY D 121 -38.08 12.67 -13.84
N LEU D 122 -38.51 13.93 -13.89
CA LEU D 122 -38.67 14.73 -12.67
C LEU D 122 -40.08 14.60 -12.09
N GLY D 123 -40.95 13.87 -12.80
CA GLY D 123 -42.32 13.71 -12.36
C GLY D 123 -42.57 12.41 -11.62
N LYS D 124 -42.41 11.29 -12.32
CA LYS D 124 -42.69 9.98 -11.74
C LYS D 124 -41.49 9.03 -11.92
N LYS D 125 -40.29 9.59 -11.87
CA LYS D 125 -39.06 8.82 -12.05
C LYS D 125 -39.08 8.09 -13.40
N SER D 126 -39.66 8.75 -14.41
CA SER D 126 -39.86 8.14 -15.72
C SER D 126 -38.55 7.71 -16.37
N LEU D 127 -37.47 8.43 -16.06
CA LEU D 127 -36.15 8.07 -16.56
C LEU D 127 -35.72 6.71 -16.04
N GLU D 128 -35.52 6.62 -14.72
CA GLU D 128 -35.07 5.38 -14.10
C GLU D 128 -36.07 4.24 -14.28
N GLN D 129 -37.35 4.58 -14.31
CA GLN D 129 -38.41 3.56 -14.39
C GLN D 129 -38.30 2.76 -15.68
N TRP D 130 -38.38 3.45 -16.82
CA TRP D 130 -38.35 2.78 -18.13
C TRP D 130 -37.04 2.03 -18.37
N VAL D 131 -35.95 2.51 -17.80
CA VAL D 131 -34.66 1.87 -17.97
C VAL D 131 -34.54 0.61 -17.12
N THR D 132 -34.92 0.72 -15.84
CA THR D 132 -34.89 -0.43 -14.94
C THR D 132 -35.88 -1.51 -15.38
N GLU D 133 -36.99 -1.08 -15.99
CA GLU D 133 -37.97 -2.02 -16.52
C GLU D 133 -37.40 -2.76 -17.74
N GLU D 134 -36.76 -2.00 -18.62
CA GLU D 134 -36.18 -2.58 -19.83
C GLU D 134 -34.99 -3.49 -19.49
N ALA D 135 -34.35 -3.20 -18.37
CA ALA D 135 -33.26 -4.03 -17.86
C ALA D 135 -33.80 -5.40 -17.49
N ALA D 136 -34.95 -5.41 -16.82
CA ALA D 136 -35.63 -6.65 -16.46
C ALA D 136 -35.96 -7.47 -17.70
N CYS D 137 -36.41 -6.80 -18.75
CA CYS D 137 -36.70 -7.46 -20.01
C CYS D 137 -35.42 -8.00 -20.64
N LEU D 138 -34.32 -7.29 -20.45
CA LEU D 138 -33.05 -7.70 -21.02
C LEU D 138 -32.50 -8.93 -20.30
N CYS D 139 -32.59 -8.91 -18.97
CA CYS D 139 -32.16 -10.06 -18.17
C CYS D 139 -32.96 -11.30 -18.52
N ALA D 140 -34.26 -11.12 -18.74
CA ALA D 140 -35.14 -12.23 -19.11
C ALA D 140 -34.78 -12.75 -20.49
N ALA D 141 -34.38 -11.84 -21.37
CA ALA D 141 -33.95 -12.23 -22.72
C ALA D 141 -32.65 -13.01 -22.65
N PHE D 142 -31.75 -12.57 -21.76
CA PHE D 142 -30.48 -13.25 -21.54
C PHE D 142 -30.70 -14.61 -20.89
N ALA D 143 -31.65 -14.67 -19.96
CA ALA D 143 -31.94 -15.90 -19.23
C ALA D 143 -32.53 -16.98 -20.13
N ASN D 144 -33.03 -16.58 -21.30
CA ASN D 144 -33.59 -17.53 -22.25
C ASN D 144 -32.53 -18.07 -23.20
N HIS D 145 -31.31 -17.55 -23.06
CA HIS D 145 -30.18 -18.02 -23.86
C HIS D 145 -29.14 -18.73 -22.99
N SER D 146 -29.49 -18.96 -21.72
CA SER D 146 -28.54 -19.51 -20.75
C SER D 146 -28.05 -20.91 -21.08
N GLY D 147 -28.78 -21.60 -21.97
CA GLY D 147 -28.42 -22.96 -22.34
C GLY D 147 -27.10 -23.08 -23.06
N ARG D 148 -26.85 -22.14 -23.98
CA ARG D 148 -25.63 -22.15 -24.79
C ARG D 148 -25.14 -20.78 -25.24
N PRO D 149 -23.89 -20.69 -25.66
CA PRO D 149 -23.34 -19.40 -26.06
C PRO D 149 -24.14 -18.67 -27.15
N PHE D 150 -24.00 -17.34 -27.18
CA PHE D 150 -24.72 -16.50 -28.15
C PHE D 150 -24.04 -15.14 -28.27
N ARG D 151 -24.44 -14.39 -29.29
CA ARG D 151 -23.96 -13.01 -29.46
C ARG D 151 -24.91 -12.03 -28.78
N PRO D 152 -24.40 -11.26 -27.80
CA PRO D 152 -25.22 -10.35 -27.02
C PRO D 152 -25.55 -9.04 -27.73
N ASN D 153 -25.00 -8.87 -28.93
CA ASN D 153 -25.15 -7.62 -29.69
C ASN D 153 -26.61 -7.25 -29.96
N GLY D 154 -27.36 -8.18 -30.56
CA GLY D 154 -28.74 -7.93 -30.94
C GLY D 154 -29.64 -7.57 -29.76
N LEU D 155 -29.49 -8.32 -28.68
CA LEU D 155 -30.30 -8.09 -27.48
C LEU D 155 -30.00 -6.71 -26.87
N LEU D 156 -28.72 -6.35 -26.84
CA LEU D 156 -28.31 -5.06 -26.31
C LEU D 156 -28.87 -3.91 -27.15
N ASP D 157 -28.94 -4.12 -28.46
CA ASP D 157 -29.54 -3.15 -29.37
C ASP D 157 -30.99 -2.88 -29.02
N LYS D 158 -31.77 -3.95 -28.87
CA LYS D 158 -33.20 -3.84 -28.59
C LYS D 158 -33.49 -3.18 -27.26
N ALA D 159 -32.73 -3.55 -26.24
CA ALA D 159 -32.91 -2.99 -24.90
C ALA D 159 -32.62 -1.50 -24.89
N VAL D 160 -31.51 -1.12 -25.50
CA VAL D 160 -31.11 0.28 -25.58
C VAL D 160 -32.09 1.08 -26.43
N SER D 161 -32.55 0.47 -27.53
CA SER D 161 -33.49 1.13 -28.43
C SER D 161 -34.85 1.39 -27.77
N ASN D 162 -35.31 0.46 -26.94
CA ASN D 162 -36.58 0.62 -26.26
C ASN D 162 -36.54 1.77 -25.26
N VAL D 163 -35.36 2.07 -24.76
CA VAL D 163 -35.18 3.16 -23.81
C VAL D 163 -35.44 4.52 -24.47
N ILE D 164 -34.84 4.73 -25.64
CA ILE D 164 -35.00 5.99 -26.34
C ILE D 164 -36.37 6.05 -27.03
N ALA D 165 -36.89 4.88 -27.41
CA ALA D 165 -38.22 4.80 -28.01
C ALA D 165 -39.29 5.14 -26.99
N SER D 166 -38.95 4.97 -25.72
CA SER D 166 -39.88 5.24 -24.64
C SER D 166 -39.88 6.71 -24.25
N LEU D 167 -38.75 7.38 -24.42
CA LEU D 167 -38.65 8.79 -24.11
C LEU D 167 -39.15 9.66 -25.27
N THR D 168 -39.06 9.12 -26.48
CA THR D 168 -39.50 9.86 -27.66
C THR D 168 -40.94 9.55 -28.05
N CYS D 169 -41.27 8.26 -28.12
CA CYS D 169 -42.60 7.85 -28.60
C CYS D 169 -43.51 7.34 -27.49
N GLY D 170 -42.99 7.26 -26.27
CA GLY D 170 -43.78 6.82 -25.13
C GLY D 170 -44.19 5.36 -25.18
N ARG D 171 -43.34 4.53 -25.76
CA ARG D 171 -43.63 3.10 -25.85
C ARG D 171 -42.38 2.26 -26.04
N ARG D 172 -42.49 0.97 -25.74
CA ARG D 172 -41.43 0.02 -26.03
C ARG D 172 -41.94 -1.00 -27.04
N PHE D 173 -41.02 -1.78 -27.60
CA PHE D 173 -41.40 -2.82 -28.55
C PHE D 173 -40.94 -4.19 -28.05
N GLU D 174 -41.74 -5.21 -28.31
CA GLU D 174 -41.35 -6.58 -27.98
C GLU D 174 -40.14 -6.96 -28.80
N TYR D 175 -39.33 -7.87 -28.29
CA TYR D 175 -38.06 -8.22 -28.94
C TYR D 175 -38.26 -9.02 -30.22
N ASP D 176 -39.46 -9.54 -30.43
CA ASP D 176 -39.75 -10.31 -31.63
C ASP D 176 -40.66 -9.53 -32.59
N ASP D 177 -40.82 -8.24 -32.33
CA ASP D 177 -41.66 -7.38 -33.15
C ASP D 177 -41.04 -7.15 -34.52
N PRO D 178 -41.77 -7.49 -35.59
CA PRO D 178 -41.33 -7.36 -36.97
C PRO D 178 -40.89 -5.94 -37.34
N ARG D 179 -41.72 -4.95 -37.04
CA ARG D 179 -41.41 -3.56 -37.36
C ARG D 179 -40.20 -3.06 -36.57
N PHE D 180 -40.08 -3.55 -35.33
CA PHE D 180 -38.98 -3.16 -34.47
C PHE D 180 -37.65 -3.70 -34.99
N LEU D 181 -37.69 -4.94 -35.48
CA LEU D 181 -36.50 -5.57 -36.04
C LEU D 181 -36.08 -4.87 -37.32
N ARG D 182 -37.04 -4.52 -38.16
CA ARG D 182 -36.75 -3.83 -39.42
C ARG D 182 -36.18 -2.45 -39.13
N LEU D 183 -36.73 -1.78 -38.11
CA LEU D 183 -36.27 -0.46 -37.73
C LEU D 183 -34.81 -0.48 -37.27
N LEU D 184 -34.44 -1.53 -36.54
CA LEU D 184 -33.07 -1.67 -36.06
C LEU D 184 -32.11 -2.02 -37.20
N ASP D 185 -32.52 -2.95 -38.05
CA ASP D 185 -31.70 -3.38 -39.18
C ASP D 185 -31.41 -2.23 -40.13
N LEU D 186 -32.44 -1.44 -40.42
CA LEU D 186 -32.31 -0.28 -41.29
C LEU D 186 -31.35 0.76 -40.72
N ALA D 187 -31.41 0.94 -39.41
CA ALA D 187 -30.58 1.92 -38.72
C ALA D 187 -29.09 1.59 -38.86
N GLN D 188 -28.72 0.33 -38.63
CA GLN D 188 -27.32 -0.08 -38.73
C GLN D 188 -26.85 -0.11 -40.18
N GLU D 189 -27.75 -0.45 -41.09
CA GLU D 189 -27.46 -0.38 -42.52
C GLU D 189 -27.24 1.08 -42.91
N GLY D 190 -28.04 1.96 -42.32
CA GLY D 190 -27.94 3.39 -42.59
C GLY D 190 -26.66 3.99 -42.05
N LEU D 191 -26.07 3.34 -41.06
CA LEU D 191 -24.81 3.80 -40.50
C LEU D 191 -23.66 3.45 -41.44
N LYS D 192 -23.80 2.33 -42.14
CA LYS D 192 -22.80 1.90 -43.11
C LYS D 192 -22.84 2.79 -44.36
N GLU D 193 -24.01 3.35 -44.64
CA GLU D 193 -24.17 4.29 -45.76
C GLU D 193 -23.45 5.60 -45.47
N GLU D 194 -23.23 5.89 -44.19
CA GLU D 194 -22.56 7.11 -43.78
C GLU D 194 -21.07 7.05 -44.09
N SER D 195 -20.53 5.83 -44.15
CA SER D 195 -19.11 5.64 -44.46
C SER D 195 -18.94 4.95 -45.81
N GLY D 196 -19.91 5.15 -46.69
CA GLY D 196 -19.86 4.55 -48.02
C GLY D 196 -19.04 5.36 -49.00
N PHE D 197 -18.64 4.70 -50.10
CA PHE D 197 -17.86 5.36 -51.14
C PHE D 197 -18.70 6.41 -51.87
N LEU D 198 -19.93 6.05 -52.19
CA LEU D 198 -20.84 6.92 -52.94
C LEU D 198 -21.18 8.20 -52.19
N ARG D 199 -21.25 8.11 -50.86
CA ARG D 199 -21.66 9.26 -50.05
C ARG D 199 -20.70 10.43 -50.19
N GLU D 200 -19.46 10.24 -49.74
CA GLU D 200 -18.45 11.29 -49.79
C GLU D 200 -18.28 11.87 -51.19
N VAL D 201 -18.40 11.02 -52.20
CA VAL D 201 -18.35 11.46 -53.59
C VAL D 201 -19.53 12.37 -53.91
N LEU D 202 -20.73 11.86 -53.67
CA LEU D 202 -21.96 12.61 -53.96
C LEU D 202 -22.14 13.79 -53.00
N ASN D 203 -21.51 13.72 -51.84
CA ASN D 203 -21.58 14.80 -50.87
C ASN D 203 -20.64 15.94 -51.26
N ALA D 204 -19.63 15.60 -52.04
CA ALA D 204 -18.66 16.58 -52.53
C ALA D 204 -19.24 17.38 -53.69
N VAL D 205 -20.15 16.76 -54.45
CA VAL D 205 -20.79 17.44 -55.57
C VAL D 205 -22.31 17.37 -55.47
N PRO D 206 -22.93 18.46 -54.98
CA PRO D 206 -24.39 18.52 -54.79
C PRO D 206 -25.13 18.59 -56.13
N VAL D 207 -24.44 19.00 -57.18
CA VAL D 207 -25.02 19.09 -58.51
C VAL D 207 -25.12 17.70 -59.16
N LEU D 208 -24.40 16.74 -58.60
CA LEU D 208 -24.45 15.36 -59.10
C LEU D 208 -25.71 14.66 -58.58
N LEU D 209 -26.37 15.28 -57.62
CA LEU D 209 -27.57 14.71 -57.03
C LEU D 209 -28.79 14.93 -57.90
N HIS D 210 -28.63 15.75 -58.94
CA HIS D 210 -29.73 16.00 -59.88
C HIS D 210 -30.03 14.75 -60.68
N ILE D 211 -29.03 13.87 -60.81
CA ILE D 211 -29.22 12.58 -61.46
C ILE D 211 -30.14 11.70 -60.63
N PRO D 212 -31.28 11.30 -61.21
CA PRO D 212 -32.25 10.46 -60.50
C PRO D 212 -31.70 9.06 -60.19
N ALA D 213 -30.67 8.65 -60.93
CA ALA D 213 -30.07 7.34 -60.74
C ALA D 213 -29.17 7.32 -59.50
N LEU D 214 -28.43 8.41 -59.31
CA LEU D 214 -27.53 8.52 -58.16
C LEU D 214 -28.25 9.05 -56.92
N ALA D 215 -29.42 9.64 -57.12
CA ALA D 215 -30.20 10.16 -56.01
C ALA D 215 -31.08 9.05 -55.41
N GLY D 216 -31.14 7.93 -56.10
CA GLY D 216 -31.97 6.81 -55.67
C GLY D 216 -31.33 5.98 -54.58
N LYS D 217 -30.30 5.21 -54.94
CA LYS D 217 -29.66 4.29 -54.00
C LYS D 217 -28.48 4.93 -53.25
N VAL D 218 -28.51 6.24 -53.11
CA VAL D 218 -27.46 6.94 -52.35
C VAL D 218 -27.64 6.67 -50.86
N LEU D 219 -28.87 6.82 -50.38
CA LEU D 219 -29.18 6.58 -48.98
C LEU D 219 -30.54 5.91 -48.84
N ARG D 220 -30.72 4.78 -49.51
CA ARG D 220 -32.00 4.09 -49.51
C ARG D 220 -32.36 3.53 -48.15
N PHE D 221 -31.35 3.12 -47.38
CA PHE D 221 -31.58 2.56 -46.06
C PHE D 221 -31.93 3.65 -45.06
N GLN D 222 -31.28 4.80 -45.16
CA GLN D 222 -31.59 5.92 -44.30
C GLN D 222 -32.98 6.47 -44.61
N LYS D 223 -33.36 6.41 -45.89
CA LYS D 223 -34.70 6.82 -46.29
C LYS D 223 -35.73 5.79 -45.84
N ALA D 224 -35.37 4.52 -45.93
CA ALA D 224 -36.23 3.44 -45.48
C ALA D 224 -36.44 3.51 -43.97
N PHE D 225 -35.39 3.92 -43.26
CA PHE D 225 -35.46 4.10 -41.82
C PHE D 225 -36.38 5.27 -41.48
N LEU D 226 -36.27 6.32 -42.29
CA LEU D 226 -37.06 7.53 -42.07
C LEU D 226 -38.52 7.29 -42.42
N THR D 227 -38.76 6.41 -43.39
CA THR D 227 -40.12 6.05 -43.78
C THR D 227 -40.79 5.22 -42.69
N GLN D 228 -40.08 4.19 -42.21
CA GLN D 228 -40.58 3.34 -41.13
C GLN D 228 -40.84 4.15 -39.87
N LEU D 229 -40.09 5.23 -39.71
CA LEU D 229 -40.24 6.10 -38.56
C LEU D 229 -41.44 7.02 -38.72
N ASP D 230 -41.74 7.38 -39.97
CA ASP D 230 -42.92 8.18 -40.27
C ASP D 230 -44.19 7.43 -39.91
N GLU D 231 -44.22 6.14 -40.24
CA GLU D 231 -45.36 5.29 -39.94
C GLU D 231 -45.66 5.26 -38.43
N LEU D 232 -44.61 5.13 -37.63
CA LEU D 232 -44.75 5.09 -36.18
C LEU D 232 -45.20 6.42 -35.62
N LEU D 233 -44.76 7.51 -36.27
CA LEU D 233 -45.11 8.85 -35.82
C LEU D 233 -46.57 9.19 -36.12
N THR D 234 -47.04 8.76 -37.30
CA THR D 234 -48.44 8.96 -37.69
C THR D 234 -49.37 8.22 -36.73
N GLU D 235 -48.96 7.01 -36.33
CA GLU D 235 -49.73 6.24 -35.37
C GLU D 235 -49.74 6.90 -33.99
N HIS D 236 -48.57 7.40 -33.59
CA HIS D 236 -48.41 8.05 -32.30
C HIS D 236 -49.23 9.33 -32.21
N ARG D 237 -49.30 10.05 -33.33
CA ARG D 237 -50.05 11.30 -33.40
C ARG D 237 -51.54 11.06 -33.17
N MET D 238 -51.99 9.85 -33.46
CA MET D 238 -53.38 9.46 -33.27
C MET D 238 -53.70 9.18 -31.80
N THR D 239 -52.71 8.66 -31.07
CA THR D 239 -52.91 8.25 -29.68
C THR D 239 -52.61 9.38 -28.71
N TRP D 240 -52.03 10.46 -29.22
CA TRP D 240 -51.67 11.61 -28.41
C TRP D 240 -52.89 12.28 -27.77
N ASP D 241 -52.82 12.48 -26.45
CA ASP D 241 -53.86 13.17 -25.71
C ASP D 241 -53.41 14.55 -25.27
N PRO D 242 -53.78 15.59 -26.04
CA PRO D 242 -53.38 16.98 -25.77
C PRO D 242 -53.94 17.53 -24.48
N ALA D 243 -54.99 16.89 -23.95
CA ALA D 243 -55.63 17.35 -22.72
C ALA D 243 -54.74 17.08 -21.51
N GLN D 244 -53.81 16.15 -21.66
CA GLN D 244 -52.89 15.80 -20.58
C GLN D 244 -51.47 16.24 -20.93
N PRO D 245 -50.64 16.50 -19.90
CA PRO D 245 -49.23 16.86 -20.10
C PRO D 245 -48.49 15.78 -20.90
N PRO D 246 -47.56 16.21 -21.77
CA PRO D 246 -46.79 15.31 -22.64
C PRO D 246 -46.09 14.18 -21.88
N ARG D 247 -46.32 12.95 -22.31
CA ARG D 247 -45.66 11.79 -21.71
C ARG D 247 -44.26 11.59 -22.27
N ASP D 248 -44.05 12.04 -23.50
CA ASP D 248 -42.78 11.82 -24.18
C ASP D 248 -42.34 13.05 -24.98
N LEU D 249 -41.22 12.91 -25.69
CA LEU D 249 -40.61 14.02 -26.41
C LEU D 249 -41.38 14.41 -27.67
N THR D 250 -42.03 13.44 -28.30
CA THR D 250 -42.82 13.71 -29.49
C THR D 250 -44.04 14.57 -29.16
N GLU D 251 -44.75 14.19 -28.09
CA GLU D 251 -45.93 14.93 -27.65
C GLU D 251 -45.59 16.37 -27.31
N ALA D 252 -44.52 16.56 -26.53
CA ALA D 252 -44.04 17.88 -26.16
C ALA D 252 -43.64 18.67 -27.41
N PHE D 253 -43.09 17.97 -28.40
CA PHE D 253 -42.72 18.59 -29.66
C PHE D 253 -43.97 19.02 -30.41
N LEU D 254 -44.96 18.13 -30.42
CA LEU D 254 -46.23 18.40 -31.09
C LEU D 254 -46.98 19.57 -30.45
N ALA D 255 -46.86 19.68 -29.13
CA ALA D 255 -47.47 20.79 -28.39
C ALA D 255 -46.86 22.13 -28.80
N GLU D 256 -45.52 22.17 -28.89
CA GLU D 256 -44.82 23.37 -29.31
C GLU D 256 -45.14 23.69 -30.77
N MET D 257 -45.30 22.65 -31.58
CA MET D 257 -45.63 22.81 -32.99
C MET D 257 -46.98 23.51 -33.18
N GLU D 258 -47.91 23.22 -32.29
CA GLU D 258 -49.23 23.85 -32.31
C GLU D 258 -49.16 25.33 -31.93
N LYS D 259 -48.30 25.63 -30.97
CA LYS D 259 -48.11 27.00 -30.50
C LYS D 259 -47.33 27.81 -31.52
N ALA D 260 -46.57 27.13 -32.36
CA ALA D 260 -45.68 27.80 -33.31
C ALA D 260 -46.29 27.90 -34.71
N LYS D 261 -47.58 27.60 -34.82
CA LYS D 261 -48.28 27.76 -36.08
C LYS D 261 -48.38 29.24 -36.42
N GLY D 262 -47.96 29.62 -37.62
CA GLY D 262 -47.94 31.01 -38.02
C GLY D 262 -46.60 31.65 -37.73
N ASN D 263 -45.66 30.85 -37.24
CA ASN D 263 -44.30 31.32 -36.97
C ASN D 263 -43.30 30.64 -37.87
N PRO D 264 -42.87 31.33 -38.93
CA PRO D 264 -41.92 30.78 -39.91
C PRO D 264 -40.52 30.63 -39.35
N GLU D 265 -40.24 31.30 -38.22
CA GLU D 265 -38.91 31.25 -37.63
C GLU D 265 -38.73 30.02 -36.73
N SER D 266 -39.83 29.40 -36.35
CA SER D 266 -39.78 28.27 -35.42
C SER D 266 -39.29 26.99 -36.10
N SER D 267 -38.49 26.21 -35.38
CA SER D 267 -37.99 24.95 -35.90
C SER D 267 -38.96 23.82 -35.61
N PHE D 268 -39.97 24.11 -34.79
CA PHE D 268 -41.00 23.12 -34.46
C PHE D 268 -42.00 22.96 -35.59
N ASN D 269 -41.69 22.04 -36.51
CA ASN D 269 -42.57 21.75 -37.64
C ASN D 269 -42.53 20.27 -38.01
N ASP D 270 -43.46 19.86 -38.87
CA ASP D 270 -43.60 18.46 -39.27
C ASP D 270 -42.32 17.88 -39.86
N GLU D 271 -41.64 18.67 -40.71
CA GLU D 271 -40.45 18.20 -41.39
C GLU D 271 -39.26 18.01 -40.44
N ASN D 272 -39.25 18.78 -39.36
CA ASN D 272 -38.15 18.70 -38.40
C ASN D 272 -38.44 17.69 -37.29
N LEU D 273 -39.71 17.35 -37.12
CA LEU D 273 -40.11 16.37 -36.12
C LEU D 273 -39.53 15.00 -36.42
N ARG D 274 -39.63 14.58 -37.69
CA ARG D 274 -39.17 13.27 -38.10
C ARG D 274 -37.64 13.19 -38.15
N ILE D 275 -36.98 14.35 -38.15
CA ILE D 275 -35.53 14.39 -38.22
C ILE D 275 -34.91 14.43 -36.83
N VAL D 276 -35.49 15.24 -35.94
CA VAL D 276 -35.03 15.30 -34.55
C VAL D 276 -35.20 13.94 -33.89
N VAL D 277 -36.34 13.30 -34.14
CA VAL D 277 -36.58 11.96 -33.63
C VAL D 277 -35.56 10.97 -34.21
N ALA D 278 -35.36 11.04 -35.51
CA ALA D 278 -34.39 10.16 -36.20
C ALA D 278 -32.98 10.36 -35.64
N ASP D 279 -32.64 11.60 -35.33
CA ASP D 279 -31.35 11.92 -34.72
C ASP D 279 -31.24 11.30 -33.33
N LEU D 280 -32.20 11.62 -32.46
CA LEU D 280 -32.19 11.12 -31.09
C LEU D 280 -32.24 9.60 -31.01
N PHE D 281 -33.06 8.99 -31.85
CA PHE D 281 -33.25 7.55 -31.83
C PHE D 281 -31.98 6.81 -32.23
N SER D 282 -31.44 7.16 -33.39
CA SER D 282 -30.26 6.49 -33.92
C SER D 282 -29.02 6.71 -33.06
N ALA D 283 -28.81 7.96 -32.65
CA ALA D 283 -27.65 8.31 -31.85
C ALA D 283 -27.67 7.61 -30.50
N GLY D 284 -28.86 7.47 -29.92
CA GLY D 284 -29.01 6.88 -28.61
C GLY D 284 -28.92 5.37 -28.62
N MET D 285 -28.90 4.79 -29.81
CA MET D 285 -28.90 3.34 -29.94
C MET D 285 -27.50 2.79 -30.24
N VAL D 286 -26.95 3.17 -31.39
CA VAL D 286 -25.73 2.56 -31.89
C VAL D 286 -24.52 2.88 -31.01
N THR D 287 -24.67 3.87 -30.13
CA THR D 287 -23.59 4.24 -29.23
C THR D 287 -23.63 3.44 -27.93
N THR D 288 -24.72 3.60 -27.19
CA THR D 288 -24.88 2.96 -25.89
C THR D 288 -24.83 1.44 -25.98
N SER D 289 -25.43 0.88 -27.02
CA SER D 289 -25.45 -0.57 -27.19
C SER D 289 -24.06 -1.10 -27.51
N THR D 290 -23.33 -0.37 -28.34
CA THR D 290 -21.97 -0.75 -28.71
C THR D 290 -21.05 -0.70 -27.49
N THR D 291 -21.26 0.32 -26.65
CA THR D 291 -20.52 0.44 -25.40
C THR D 291 -20.79 -0.75 -24.50
N LEU D 292 -22.05 -1.19 -24.44
CA LEU D 292 -22.40 -2.36 -23.64
C LEU D 292 -21.83 -3.63 -24.27
N ALA D 293 -21.73 -3.65 -25.59
CA ALA D 293 -21.13 -4.77 -26.29
C ALA D 293 -19.65 -4.85 -25.96
N TRP D 294 -19.01 -3.69 -25.82
CA TRP D 294 -17.62 -3.62 -25.40
C TRP D 294 -17.49 -4.07 -23.96
N GLY D 295 -18.45 -3.66 -23.13
CA GLY D 295 -18.43 -3.96 -21.71
C GLY D 295 -18.40 -5.46 -21.42
N LEU D 296 -19.36 -6.19 -21.98
CA LEU D 296 -19.47 -7.61 -21.76
C LEU D 296 -18.27 -8.37 -22.32
N LEU D 297 -17.70 -7.85 -23.40
CA LEU D 297 -16.50 -8.44 -24.00
C LEU D 297 -15.31 -8.30 -23.06
N LEU D 298 -15.17 -7.11 -22.46
CA LEU D 298 -14.07 -6.85 -21.55
C LEU D 298 -14.23 -7.62 -20.24
N MET D 299 -15.44 -8.11 -19.98
CA MET D 299 -15.71 -8.84 -18.75
C MET D 299 -15.38 -10.32 -18.89
N ILE D 300 -15.48 -10.84 -20.10
CA ILE D 300 -15.15 -12.24 -20.35
C ILE D 300 -13.66 -12.37 -20.66
N LEU D 301 -13.03 -11.26 -21.05
CA LEU D 301 -11.59 -11.22 -21.25
C LEU D 301 -10.88 -10.99 -19.93
N HIS D 302 -11.56 -10.32 -19.01
CA HIS D 302 -10.99 -10.02 -17.70
C HIS D 302 -11.95 -10.39 -16.57
N PRO D 303 -12.09 -11.69 -16.29
CA PRO D 303 -13.02 -12.21 -15.28
C PRO D 303 -12.70 -11.71 -13.87
N ASP D 304 -11.44 -11.43 -13.60
CA ASP D 304 -11.03 -10.91 -12.30
C ASP D 304 -11.72 -9.57 -12.02
N VAL D 305 -11.87 -8.78 -13.08
CA VAL D 305 -12.56 -7.50 -12.97
C VAL D 305 -14.06 -7.74 -12.76
N GLN D 306 -14.61 -8.69 -13.51
CA GLN D 306 -16.02 -9.04 -13.43
C GLN D 306 -16.41 -9.50 -12.02
N ARG D 307 -15.58 -10.34 -11.43
CA ARG D 307 -15.85 -10.86 -10.09
C ARG D 307 -15.80 -9.76 -9.03
N ARG D 308 -14.90 -8.79 -9.22
CA ARG D 308 -14.77 -7.70 -8.27
C ARG D 308 -15.95 -6.73 -8.37
N VAL D 309 -16.49 -6.59 -9.57
CA VAL D 309 -17.69 -5.77 -9.76
C VAL D 309 -18.89 -6.48 -9.15
N GLN D 310 -19.01 -7.77 -9.45
CA GLN D 310 -20.11 -8.58 -8.92
C GLN D 310 -20.08 -8.64 -7.40
N GLN D 311 -18.87 -8.62 -6.83
CA GLN D 311 -18.73 -8.62 -5.37
C GLN D 311 -19.16 -7.28 -4.80
N GLU D 312 -18.94 -6.21 -5.56
CA GLU D 312 -19.34 -4.88 -5.13
C GLU D 312 -20.87 -4.73 -5.22
N ILE D 313 -21.47 -5.38 -6.20
CA ILE D 313 -22.91 -5.38 -6.36
C ILE D 313 -23.58 -6.09 -5.18
N ASP D 314 -23.00 -7.22 -4.78
CA ASP D 314 -23.53 -8.00 -3.66
C ASP D 314 -23.44 -7.24 -2.35
N ASP D 315 -22.40 -6.43 -2.19
CA ASP D 315 -22.18 -5.69 -0.95
C ASP D 315 -23.06 -4.45 -0.84
N VAL D 316 -23.25 -3.76 -1.96
CA VAL D 316 -23.97 -2.49 -1.96
C VAL D 316 -25.45 -2.66 -2.29
N ILE D 317 -25.76 -3.57 -3.21
CA ILE D 317 -27.13 -3.72 -3.68
C ILE D 317 -27.75 -5.05 -3.23
N GLY D 318 -27.08 -6.15 -3.53
CA GLY D 318 -27.59 -7.47 -3.23
C GLY D 318 -27.98 -8.21 -4.50
N GLN D 319 -28.71 -9.31 -4.35
CA GLN D 319 -29.09 -10.11 -5.51
C GLN D 319 -30.61 -10.39 -5.53
N VAL D 320 -31.39 -9.41 -5.11
CA VAL D 320 -32.84 -9.52 -5.15
C VAL D 320 -33.45 -8.17 -5.51
N ARG D 321 -32.71 -7.10 -5.19
CA ARG D 321 -33.17 -5.74 -5.44
C ARG D 321 -32.55 -5.19 -6.73
N ARG D 322 -33.37 -4.53 -7.54
CA ARG D 322 -32.90 -3.91 -8.78
C ARG D 322 -31.96 -2.75 -8.47
N PRO D 323 -30.89 -2.61 -9.29
CA PRO D 323 -29.93 -1.52 -9.14
C PRO D 323 -30.56 -0.14 -9.32
N GLU D 324 -30.12 0.83 -8.53
CA GLU D 324 -30.63 2.19 -8.62
C GLU D 324 -29.49 3.19 -8.79
N MET D 325 -29.81 4.38 -9.30
CA MET D 325 -28.78 5.37 -9.59
C MET D 325 -28.12 5.93 -8.33
N GLY D 326 -28.78 5.75 -7.18
CA GLY D 326 -28.23 6.19 -5.92
C GLY D 326 -27.11 5.29 -5.44
N ASP D 327 -26.97 4.14 -6.09
CA ASP D 327 -25.94 3.17 -5.72
C ASP D 327 -24.61 3.49 -6.38
N GLN D 328 -24.65 4.30 -7.44
CA GLN D 328 -23.44 4.66 -8.19
C GLN D 328 -22.45 5.41 -7.31
N ALA D 329 -22.98 6.20 -6.38
CA ALA D 329 -22.16 6.98 -5.48
C ALA D 329 -21.38 6.10 -4.50
N HIS D 330 -21.88 4.89 -4.28
CA HIS D 330 -21.27 3.98 -3.32
C HIS D 330 -20.59 2.79 -4.00
N MET D 331 -20.53 2.82 -5.33
CA MET D 331 -19.87 1.77 -6.09
C MET D 331 -18.77 2.35 -6.98
N PRO D 332 -17.63 2.71 -6.36
CA PRO D 332 -16.51 3.34 -7.10
C PRO D 332 -15.86 2.44 -8.14
N TYR D 333 -15.66 1.16 -7.81
CA TYR D 333 -14.97 0.25 -8.72
C TYR D 333 -15.78 -0.01 -9.99
N THR D 334 -17.08 -0.24 -9.82
CA THR D 334 -17.97 -0.47 -10.97
C THR D 334 -17.99 0.75 -11.87
N THR D 335 -18.09 1.92 -11.26
CA THR D 335 -18.08 3.18 -11.99
C THR D 335 -16.78 3.35 -12.77
N ALA D 336 -15.68 2.91 -12.15
CA ALA D 336 -14.37 2.98 -12.78
C ALA D 336 -14.29 2.00 -13.96
N VAL D 337 -14.96 0.85 -13.83
CA VAL D 337 -14.99 -0.14 -14.89
C VAL D 337 -15.77 0.37 -16.09
N ILE D 338 -16.97 0.90 -15.84
CA ILE D 338 -17.81 1.44 -16.90
C ILE D 338 -17.10 2.56 -17.65
N HIS D 339 -16.45 3.46 -16.90
CA HIS D 339 -15.68 4.54 -17.52
C HIS D 339 -14.51 3.99 -18.33
N GLU D 340 -13.86 2.95 -17.82
CA GLU D 340 -12.72 2.34 -18.50
C GLU D 340 -13.18 1.58 -19.75
N VAL D 341 -14.38 1.02 -19.69
CA VAL D 341 -14.98 0.39 -20.85
C VAL D 341 -15.15 1.43 -21.96
N GLN D 342 -15.61 2.61 -21.57
CA GLN D 342 -15.76 3.71 -22.52
C GLN D 342 -14.42 4.19 -23.04
N ARG D 343 -13.43 4.28 -22.15
CA ARG D 343 -12.10 4.75 -22.53
C ARG D 343 -11.42 3.76 -23.47
N PHE D 344 -11.47 2.48 -23.10
CA PHE D 344 -10.84 1.44 -23.92
C PHE D 344 -11.63 1.19 -25.19
N GLY D 345 -12.96 1.23 -25.06
CA GLY D 345 -13.85 1.03 -26.18
C GLY D 345 -13.55 2.01 -27.30
N ASP D 346 -13.53 3.29 -26.96
CA ASP D 346 -13.17 4.36 -27.89
C ASP D 346 -14.04 4.27 -29.14
N ILE D 347 -15.36 4.17 -28.91
CA ILE D 347 -16.31 3.84 -29.98
C ILE D 347 -16.43 4.94 -31.03
N VAL D 348 -16.13 6.17 -30.65
CA VAL D 348 -16.11 7.27 -31.60
C VAL D 348 -14.71 7.90 -31.61
N PRO D 349 -13.76 7.21 -32.26
CA PRO D 349 -12.34 7.59 -32.27
C PRO D 349 -12.13 8.99 -32.83
N LEU D 350 -12.63 9.21 -34.04
CA LEU D 350 -12.71 10.54 -34.61
C LEU D 350 -14.13 11.05 -34.38
N GLY D 351 -14.28 11.97 -33.43
CA GLY D 351 -15.60 12.48 -33.10
C GLY D 351 -16.25 13.15 -34.29
N VAL D 352 -17.55 13.40 -34.20
CA VAL D 352 -18.28 14.08 -35.26
C VAL D 352 -17.59 15.39 -35.65
N THR D 353 -17.39 15.59 -36.95
CA THR D 353 -16.63 16.73 -37.46
C THR D 353 -17.26 18.08 -37.09
N HIS D 354 -16.40 19.06 -36.87
CA HIS D 354 -16.83 20.44 -36.61
C HIS D 354 -16.37 21.34 -37.74
N MET D 355 -16.80 22.59 -37.72
CA MET D 355 -16.31 23.58 -38.67
C MET D 355 -16.21 24.93 -37.98
N THR D 356 -15.16 25.68 -38.31
CA THR D 356 -14.96 27.01 -37.74
C THR D 356 -15.88 28.02 -38.42
N SER D 357 -16.70 28.70 -37.63
CA SER D 357 -17.60 29.71 -38.16
C SER D 357 -16.89 31.04 -38.38
N ARG D 358 -15.67 31.15 -37.84
CA ARG D 358 -14.84 32.32 -38.06
C ARG D 358 -13.36 31.94 -37.91
N ASP D 359 -12.50 32.95 -37.80
CA ASP D 359 -11.07 32.71 -37.60
C ASP D 359 -10.74 32.51 -36.12
N ILE D 360 -9.94 31.50 -35.82
CA ILE D 360 -9.52 31.23 -34.45
C ILE D 360 -8.02 30.93 -34.37
N GLU D 361 -7.52 30.89 -33.13
CA GLU D 361 -6.13 30.59 -32.89
C GLU D 361 -6.00 29.40 -31.94
N VAL D 362 -5.40 28.31 -32.44
CA VAL D 362 -5.22 27.10 -31.64
C VAL D 362 -3.76 26.68 -31.61
N GLN D 363 -3.23 26.55 -30.40
CA GLN D 363 -1.83 26.17 -30.18
C GLN D 363 -0.87 27.11 -30.91
N GLY D 364 -1.26 28.38 -31.02
CA GLY D 364 -0.43 29.36 -31.69
C GLY D 364 -0.73 29.48 -33.17
N PHE D 365 -1.22 28.41 -33.77
CA PHE D 365 -1.54 28.39 -35.19
C PHE D 365 -2.84 29.13 -35.47
N ARG D 366 -3.07 29.47 -36.74
CA ARG D 366 -4.28 30.17 -37.13
C ARG D 366 -5.19 29.28 -37.97
N ILE D 367 -6.43 29.11 -37.52
CA ILE D 367 -7.39 28.30 -38.25
C ILE D 367 -8.38 29.18 -39.01
N PRO D 368 -8.33 29.12 -40.35
CA PRO D 368 -9.20 29.91 -41.23
C PRO D 368 -10.68 29.60 -41.02
N LYS D 369 -11.55 30.52 -41.41
CA LYS D 369 -12.99 30.31 -41.33
C LYS D 369 -13.42 29.20 -42.29
N GLY D 370 -14.43 28.42 -41.88
CA GLY D 370 -14.96 27.36 -42.72
C GLY D 370 -14.03 26.18 -42.83
N THR D 371 -13.16 26.03 -41.83
CA THR D 371 -12.22 24.91 -41.80
C THR D 371 -12.83 23.71 -41.06
N THR D 372 -12.83 22.56 -41.72
CA THR D 372 -13.37 21.34 -41.11
C THR D 372 -12.45 20.83 -40.02
N LEU D 373 -12.96 20.80 -38.79
CA LEU D 373 -12.20 20.31 -37.65
C LEU D 373 -12.53 18.86 -37.34
N ILE D 374 -11.49 18.02 -37.24
CA ILE D 374 -11.66 16.66 -36.78
C ILE D 374 -11.12 16.53 -35.36
N THR D 375 -12.00 16.19 -34.43
CA THR D 375 -11.60 16.01 -33.04
C THR D 375 -11.14 14.57 -32.80
N ASN D 376 -9.83 14.35 -32.83
CA ASN D 376 -9.27 13.04 -32.56
C ASN D 376 -9.45 12.67 -31.10
N LEU D 377 -10.66 12.21 -30.75
CA LEU D 377 -10.97 11.82 -29.38
C LEU D 377 -10.14 10.61 -28.96
N SER D 378 -9.72 9.81 -29.93
CA SER D 378 -8.88 8.65 -29.68
C SER D 378 -7.55 9.07 -29.07
N SER D 379 -6.97 10.13 -29.61
CA SER D 379 -5.71 10.66 -29.10
C SER D 379 -5.87 11.23 -27.69
N VAL D 380 -7.11 11.53 -27.31
CA VAL D 380 -7.40 12.07 -26.00
C VAL D 380 -7.63 10.93 -25.00
N LEU D 381 -8.28 9.87 -25.47
CA LEU D 381 -8.58 8.72 -24.61
C LEU D 381 -7.38 7.78 -24.48
N LYS D 382 -6.49 7.82 -25.46
CA LYS D 382 -5.32 6.94 -25.47
C LYS D 382 -4.02 7.73 -25.40
N ASP D 383 -4.05 8.87 -24.72
CA ASP D 383 -2.86 9.73 -24.61
C ASP D 383 -1.83 9.13 -23.66
N GLU D 384 -0.63 8.89 -24.17
CA GLU D 384 0.44 8.26 -23.41
C GLU D 384 0.91 9.11 -22.22
N ALA D 385 0.64 10.40 -22.28
CA ALA D 385 1.09 11.33 -21.25
C ALA D 385 0.05 11.51 -20.14
N VAL D 386 -1.05 10.77 -20.22
CA VAL D 386 -2.11 10.87 -19.23
C VAL D 386 -2.42 9.52 -18.59
N TRP D 387 -2.61 8.51 -19.42
CA TRP D 387 -3.04 7.19 -18.93
C TRP D 387 -1.85 6.25 -18.74
N GLU D 388 -1.83 5.58 -17.58
CA GLU D 388 -0.75 4.65 -17.24
C GLU D 388 -0.61 3.54 -18.27
N LYS D 389 -1.73 2.89 -18.59
CA LYS D 389 -1.74 1.81 -19.58
C LYS D 389 -2.77 2.09 -20.66
N PRO D 390 -2.43 3.00 -21.60
CA PRO D 390 -3.37 3.51 -22.61
C PRO D 390 -3.95 2.44 -23.54
N PHE D 391 -3.30 1.29 -23.67
CA PHE D 391 -3.76 0.29 -24.63
C PHE D 391 -4.15 -1.02 -23.96
N ARG D 392 -4.31 -1.00 -22.65
CA ARG D 392 -4.82 -2.14 -21.91
C ARG D 392 -6.10 -1.76 -21.18
N PHE D 393 -6.95 -2.75 -20.91
CA PHE D 393 -8.13 -2.52 -20.09
C PHE D 393 -7.71 -2.41 -18.63
N HIS D 394 -7.59 -1.18 -18.15
CA HIS D 394 -7.03 -0.93 -16.82
C HIS D 394 -7.95 -0.01 -16.01
N PRO D 395 -8.90 -0.60 -15.28
CA PRO D 395 -9.89 0.13 -14.46
C PRO D 395 -9.26 1.10 -13.47
N GLU D 396 -8.02 0.84 -13.06
CA GLU D 396 -7.34 1.70 -12.09
C GLU D 396 -7.02 3.09 -12.65
N HIS D 397 -7.33 3.30 -13.93
CA HIS D 397 -7.22 4.61 -14.54
C HIS D 397 -8.15 5.61 -13.84
N PHE D 398 -9.26 5.10 -13.32
CA PHE D 398 -10.26 5.94 -12.67
C PHE D 398 -10.30 5.70 -11.17
N LEU D 399 -9.18 5.21 -10.63
CA LEU D 399 -9.07 4.93 -9.21
C LEU D 399 -7.78 5.52 -8.64
N ASP D 400 -7.89 6.20 -7.51
CA ASP D 400 -6.70 6.71 -6.82
C ASP D 400 -6.09 5.63 -5.94
N ALA D 401 -5.24 6.05 -5.00
CA ALA D 401 -4.60 5.11 -4.09
C ALA D 401 -5.60 4.60 -3.05
N GLN D 402 -6.67 5.36 -2.83
CA GLN D 402 -7.65 5.03 -1.81
C GLN D 402 -8.76 4.13 -2.34
N GLY D 403 -8.83 3.99 -3.66
CA GLY D 403 -9.86 3.16 -4.27
C GLY D 403 -11.08 3.96 -4.65
N HIS D 404 -11.03 5.26 -4.38
CA HIS D 404 -12.12 6.16 -4.77
C HIS D 404 -12.16 6.34 -6.28
N PHE D 405 -13.32 6.75 -6.80
CA PHE D 405 -13.45 7.02 -8.22
C PHE D 405 -13.00 8.44 -8.55
N VAL D 406 -12.12 8.56 -9.52
CA VAL D 406 -11.65 9.87 -9.99
C VAL D 406 -11.66 9.92 -11.51
N LYS D 407 -12.34 10.93 -12.06
CA LYS D 407 -12.45 11.06 -13.51
C LYS D 407 -11.48 12.12 -14.05
N PRO D 408 -10.44 11.68 -14.75
CA PRO D 408 -9.47 12.58 -15.37
C PRO D 408 -10.10 13.46 -16.44
N GLU D 409 -9.58 14.67 -16.62
CA GLU D 409 -10.13 15.61 -17.59
C GLU D 409 -9.99 15.10 -19.02
N ALA D 410 -9.10 14.15 -19.23
CA ALA D 410 -8.86 13.59 -20.56
C ALA D 410 -9.96 12.62 -20.96
N PHE D 411 -10.84 12.28 -20.03
CA PHE D 411 -11.96 11.40 -20.33
C PHE D 411 -13.02 12.16 -21.12
N LEU D 412 -12.88 12.15 -22.44
CA LEU D 412 -13.84 12.83 -23.32
C LEU D 412 -14.41 11.94 -24.42
N PRO D 413 -15.21 10.94 -24.05
CA PRO D 413 -15.86 10.12 -25.08
C PRO D 413 -17.09 10.82 -25.65
N PHE D 414 -17.61 11.80 -24.91
CA PHE D 414 -18.76 12.57 -25.36
C PHE D 414 -18.32 13.91 -25.94
N SER D 415 -17.04 14.01 -26.26
CA SER D 415 -16.42 15.25 -26.73
C SER D 415 -16.62 16.38 -25.74
N ALA D 416 -16.54 17.62 -26.22
CA ALA D 416 -16.66 18.79 -25.36
C ALA D 416 -17.22 19.99 -26.09
N GLY D 417 -17.54 21.04 -25.34
CA GLY D 417 -18.06 22.26 -25.92
C GLY D 417 -19.56 22.27 -26.01
N ARG D 418 -20.09 23.10 -26.90
CA ARG D 418 -21.54 23.25 -27.06
C ARG D 418 -22.14 22.07 -27.81
N ARG D 419 -21.38 21.47 -28.71
CA ARG D 419 -21.86 20.36 -29.51
C ARG D 419 -21.68 19.00 -28.83
N ALA D 420 -21.18 19.03 -27.60
CA ALA D 420 -20.99 17.80 -26.82
C ALA D 420 -22.31 17.03 -26.72
N CYS D 421 -22.21 15.70 -26.65
CA CYS D 421 -23.36 14.81 -26.62
C CYS D 421 -24.42 15.26 -25.61
N LEU D 422 -25.65 15.47 -26.11
CA LEU D 422 -26.73 15.91 -25.25
C LEU D 422 -27.38 14.70 -24.55
N GLY D 423 -27.09 13.52 -25.06
CA GLY D 423 -27.65 12.30 -24.53
C GLY D 423 -26.75 11.65 -23.49
N GLU D 424 -25.67 12.34 -23.12
CA GLU D 424 -24.74 11.83 -22.12
C GLU D 424 -25.39 11.51 -20.77
N PRO D 425 -26.25 12.42 -20.24
CA PRO D 425 -26.89 12.05 -18.96
C PRO D 425 -27.73 10.78 -19.06
N LEU D 426 -28.34 10.55 -20.22
CA LEU D 426 -29.10 9.32 -20.44
C LEU D 426 -28.17 8.13 -20.64
N ALA D 427 -27.07 8.36 -21.36
CA ALA D 427 -26.07 7.33 -21.58
C ALA D 427 -25.48 6.84 -20.26
N ARG D 428 -25.20 7.78 -19.36
CA ARG D 428 -24.67 7.44 -18.04
C ARG D 428 -25.64 6.54 -17.29
N MET D 429 -26.92 6.90 -17.33
CA MET D 429 -27.96 6.14 -16.65
C MET D 429 -28.11 4.74 -17.24
N GLU D 430 -28.14 4.67 -18.56
CA GLU D 430 -28.29 3.38 -19.25
C GLU D 430 -27.10 2.47 -19.00
N LEU D 431 -25.90 3.01 -19.10
CA LEU D 431 -24.68 2.22 -18.92
C LEU D 431 -24.59 1.62 -17.53
N PHE D 432 -24.95 2.40 -16.51
CA PHE D 432 -24.87 1.91 -15.15
C PHE D 432 -25.93 0.85 -14.85
N LEU D 433 -27.18 1.17 -15.17
CA LEU D 433 -28.30 0.30 -14.82
C LEU D 433 -28.30 -1.01 -15.62
N PHE D 434 -27.93 -0.95 -16.88
CA PHE D 434 -27.88 -2.16 -17.71
C PHE D 434 -26.71 -3.06 -17.33
N PHE D 435 -25.53 -2.46 -17.15
CA PHE D 435 -24.32 -3.21 -16.86
C PHE D 435 -24.36 -3.88 -15.49
N THR D 436 -24.87 -3.16 -14.50
CA THR D 436 -24.94 -3.68 -13.14
C THR D 436 -26.02 -4.76 -13.00
N SER D 437 -27.12 -4.59 -13.73
CA SER D 437 -28.21 -5.56 -13.68
C SER D 437 -27.80 -6.88 -14.32
N LEU D 438 -27.08 -6.80 -15.43
CA LEU D 438 -26.63 -7.99 -16.14
C LEU D 438 -25.61 -8.77 -15.32
N LEU D 439 -24.72 -8.05 -14.64
CA LEU D 439 -23.70 -8.69 -13.81
C LEU D 439 -24.27 -9.16 -12.48
N GLN D 440 -25.40 -8.57 -12.08
CA GLN D 440 -26.04 -8.91 -10.81
C GLN D 440 -26.58 -10.34 -10.83
N HIS D 441 -27.08 -10.76 -11.99
CA HIS D 441 -27.75 -12.06 -12.08
C HIS D 441 -27.07 -13.04 -13.02
N PHE D 442 -25.96 -12.63 -13.61
CA PHE D 442 -25.24 -13.49 -14.55
C PHE D 442 -23.74 -13.41 -14.39
N SER D 443 -23.06 -14.53 -14.66
CA SER D 443 -21.61 -14.56 -14.69
C SER D 443 -21.16 -14.84 -16.12
N PHE D 444 -20.61 -13.82 -16.78
CA PHE D 444 -20.25 -13.94 -18.17
C PHE D 444 -18.83 -14.47 -18.35
N SER D 445 -18.68 -15.36 -19.31
CA SER D 445 -17.40 -16.01 -19.56
C SER D 445 -17.28 -16.48 -21.00
N VAL D 446 -16.05 -16.66 -21.48
CA VAL D 446 -15.83 -17.18 -22.81
C VAL D 446 -16.34 -18.62 -22.90
N PRO D 447 -16.99 -18.97 -24.02
CA PRO D 447 -17.48 -20.33 -24.22
C PRO D 447 -16.35 -21.34 -24.30
N THR D 448 -16.33 -22.31 -23.39
CA THR D 448 -15.28 -23.33 -23.36
C THR D 448 -15.25 -24.09 -24.68
N GLY D 449 -14.08 -24.13 -25.30
CA GLY D 449 -13.94 -24.76 -26.60
C GLY D 449 -13.77 -23.75 -27.71
N GLN D 450 -13.71 -22.48 -27.34
CA GLN D 450 -13.55 -21.40 -28.30
C GLN D 450 -12.33 -20.54 -27.97
N PRO D 451 -11.67 -20.01 -29.01
CA PRO D 451 -10.50 -19.15 -28.78
C PRO D 451 -10.88 -17.82 -28.15
N ARG D 452 -10.03 -17.32 -27.25
CA ARG D 452 -10.24 -16.03 -26.61
C ARG D 452 -10.41 -14.92 -27.65
N PRO D 453 -11.52 -14.16 -27.55
CA PRO D 453 -11.87 -13.12 -28.53
C PRO D 453 -10.89 -11.95 -28.53
N SER D 454 -10.80 -11.25 -29.65
CA SER D 454 -9.83 -10.18 -29.83
C SER D 454 -10.16 -8.91 -29.05
N HIS D 455 -9.14 -8.32 -28.43
CA HIS D 455 -9.28 -7.00 -27.80
C HIS D 455 -9.49 -5.93 -28.87
N HIS D 456 -9.00 -6.20 -30.07
CA HIS D 456 -8.99 -5.24 -31.16
C HIS D 456 -10.33 -5.13 -31.87
N GLY D 457 -10.70 -3.91 -32.23
CA GLY D 457 -11.92 -3.68 -32.98
C GLY D 457 -11.63 -3.09 -34.34
N VAL D 458 -12.43 -3.46 -35.33
CA VAL D 458 -12.27 -2.94 -36.69
C VAL D 458 -12.61 -1.45 -36.74
N PHE D 459 -11.70 -0.65 -37.29
CA PHE D 459 -11.86 0.79 -37.33
C PHE D 459 -12.99 1.24 -38.25
N ALA D 460 -13.73 2.24 -37.79
CA ALA D 460 -14.81 2.85 -38.56
C ALA D 460 -15.14 4.20 -37.92
N PHE D 461 -16.21 4.83 -38.39
CA PHE D 461 -16.68 6.04 -37.74
C PHE D 461 -17.19 5.70 -36.34
N LEU D 462 -17.87 4.56 -36.24
CA LEU D 462 -18.25 4.02 -34.95
C LEU D 462 -17.65 2.62 -34.78
N VAL D 463 -16.72 2.50 -33.84
CA VAL D 463 -15.99 1.25 -33.63
C VAL D 463 -16.79 0.24 -32.82
N SER D 464 -17.05 -0.92 -33.43
CA SER D 464 -17.71 -2.02 -32.76
C SER D 464 -16.71 -3.10 -32.39
N PRO D 465 -16.98 -3.86 -31.32
CA PRO D 465 -16.13 -5.00 -30.97
C PRO D 465 -16.14 -6.06 -32.05
N SER D 466 -15.06 -6.83 -32.16
CA SER D 466 -15.05 -7.96 -33.07
C SER D 466 -16.09 -8.97 -32.62
N PRO D 467 -16.83 -9.56 -33.57
CA PRO D 467 -17.89 -10.53 -33.30
C PRO D 467 -17.46 -11.63 -32.33
N TYR D 468 -18.14 -11.71 -31.19
CA TYR D 468 -17.80 -12.67 -30.15
C TYR D 468 -19.05 -13.31 -29.58
N GLU D 469 -18.87 -14.44 -28.90
CA GLU D 469 -19.97 -15.09 -28.20
C GLU D 469 -19.62 -15.21 -26.73
N LEU D 470 -20.64 -15.30 -25.88
CA LEU D 470 -20.41 -15.48 -24.45
C LEU D 470 -21.42 -16.43 -23.84
N CYS D 471 -21.12 -16.92 -22.64
CA CYS D 471 -22.07 -17.73 -21.90
C CYS D 471 -22.59 -16.95 -20.70
N ALA D 472 -23.91 -16.93 -20.53
CA ALA D 472 -24.53 -16.24 -19.41
C ALA D 472 -25.19 -17.25 -18.48
N VAL D 473 -24.50 -17.57 -17.38
CA VAL D 473 -25.05 -18.48 -16.39
C VAL D 473 -25.47 -17.72 -15.14
N PRO D 474 -26.70 -17.98 -14.67
CA PRO D 474 -27.26 -17.37 -13.46
C PRO D 474 -26.38 -17.59 -12.23
N ARG D 475 -26.36 -16.61 -11.33
CA ARG D 475 -25.56 -16.69 -10.12
C ARG D 475 -26.36 -17.29 -8.97
CHA HEM E . 25.12 -7.92 -28.41
CHB HEM E . 22.77 -4.35 -26.09
CHC HEM E . 27.03 -2.66 -24.46
CHD HEM E . 29.37 -5.96 -27.14
C1A HEM E . 24.12 -7.09 -27.95
C2A HEM E . 22.71 -7.21 -28.26
C3A HEM E . 22.06 -6.23 -27.64
C4A HEM E . 23.03 -5.45 -26.89
CMA HEM E . 20.57 -5.99 -27.69
CAA HEM E . 22.10 -8.29 -29.18
CBA HEM E . 21.85 -9.56 -28.37
CGA HEM E . 21.30 -10.64 -29.27
O1A HEM E . 21.74 -10.71 -30.45
O2A HEM E . 20.44 -11.42 -28.80
C1B HEM E . 23.71 -3.58 -25.43
C2B HEM E . 23.44 -2.43 -24.58
C3B HEM E . 24.62 -1.96 -24.12
C4B HEM E . 25.67 -2.81 -24.68
CMB HEM E . 22.05 -1.92 -24.31
CAB HEM E . 24.93 -0.77 -23.18
CBB HEM E . 24.01 0.00 -22.59
C1C HEM E . 28.03 -3.46 -24.96
C2C HEM E . 29.42 -3.47 -24.55
C3C HEM E . 30.07 -4.38 -25.30
C4C HEM E . 29.10 -4.97 -26.21
CMC HEM E . 29.97 -2.58 -23.46
CAC HEM E . 31.56 -4.83 -25.30
CBC HEM E . 32.50 -4.38 -24.45
C1D HEM E . 28.43 -6.78 -27.71
C2D HEM E . 28.70 -7.93 -28.55
C3D HEM E . 27.53 -8.48 -28.91
C4D HEM E . 26.48 -7.69 -28.29
CMD HEM E . 30.06 -8.44 -28.97
CAD HEM E . 27.32 -9.72 -29.79
CBD HEM E . 27.40 -10.97 -28.92
CGD HEM E . 27.09 -12.19 -29.75
O1D HEM E . 27.14 -13.31 -29.19
O2D HEM E . 26.78 -12.02 -30.95
NA HEM E . 24.28 -6.02 -27.10
NB HEM E . 25.08 -3.77 -25.47
NC HEM E . 27.88 -4.38 -25.98
ND HEM E . 27.06 -6.67 -27.57
FE HEM E . 26.06 -5.23 -26.49
ZN ZN F . 48.61 -3.78 -24.61
ZN ZN G . 11.59 -5.32 -0.14
F1 P6M H . 27.91 0.55 -35.09
C7 P6M H . 28.86 0.16 -35.96
C6 P6M H . 28.70 -1.07 -36.59
C8 P6M H . 29.92 0.99 -36.17
C9 P6M H . 30.89 0.57 -37.04
F P6M H . 31.96 1.37 -37.28
C4 P6M H . 30.84 -0.64 -37.70
C5 P6M H . 29.73 -1.44 -37.47
C3 P6M H . 31.94 -1.10 -38.61
N P6M H . 32.40 -2.46 -38.33
C1 P6M H . 33.65 -2.91 -39.00
C16 P6M H . 33.84 -4.40 -39.08
F2 P6M H . 33.83 -4.97 -37.88
F3 P6M H . 34.99 -4.73 -39.65
F4 P6M H . 32.87 -4.98 -39.79
C2 P6M H . 34.12 -2.04 -40.12
C P6M H . 34.86 -2.04 -38.81
C10 P6M H . 27.52 -2.00 -36.39
C11 P6M H . 27.50 -2.55 -34.94
C12 P6M H . 28.80 -3.24 -34.56
S P6M H . 29.08 -4.72 -35.59
C13 P6M H . 28.26 -4.23 -37.05
N1 P6M H . 27.66 -3.14 -37.31
N2 P6M H . 28.32 -5.17 -37.99
C15 P6M H . 26.21 -1.29 -36.71
C14 P6M H . 28.77 -3.72 -33.12
CHA HEM I . 23.05 -14.27 27.76
CHB HEM I . 18.80 -14.80 25.46
CHC HEM I . 20.34 -19.05 23.68
CHD HEM I . 24.30 -18.77 26.46
C1A HEM I . 21.77 -14.04 27.30
C2A HEM I . 20.94 -12.91 27.65
C3A HEM I . 19.76 -13.06 27.02
C4A HEM I . 19.81 -14.28 26.25
CMA HEM I . 18.61 -12.10 27.10
CAA HEM I . 21.34 -11.75 28.58
CBA HEM I . 22.24 -10.78 27.82
CGA HEM I . 22.69 -9.68 28.76
O1A HEM I . 23.14 -10.00 29.89
O2A HEM I . 22.62 -8.49 28.36
C1B HEM I . 18.84 -16.00 24.77
C2B HEM I . 17.78 -16.54 23.95
C3B HEM I . 18.21 -17.72 23.45
C4B HEM I . 19.54 -17.95 23.95
CMB HEM I . 16.46 -15.85 23.74
CAB HEM I . 17.49 -18.74 22.52
CBB HEM I . 16.28 -18.56 21.98
C1C HEM I . 21.56 -19.32 24.23
C2C HEM I . 22.46 -20.39 23.84
C3C HEM I . 23.56 -20.31 24.62
C4C HEM I . 23.39 -19.19 25.50
CMC HEM I . 22.14 -21.39 22.76
CAC HEM I . 24.84 -21.19 24.65
CBC HEM I . 25.12 -22.17 23.78
C1D HEM I . 24.33 -17.52 27.05
C2D HEM I . 25.35 -17.01 27.94
C3D HEM I . 25.01 -15.77 28.29
C4D HEM I . 23.75 -15.45 27.65
CMD HEM I . 26.60 -17.74 28.37
CAD HEM I . 25.81 -14.83 29.22
CBD HEM I . 26.79 -14.02 28.39
CGD HEM I . 27.51 -13.03 29.26
O1D HEM I . 28.47 -12.39 28.76
O2D HEM I . 27.13 -12.88 30.44
NA HEM I . 21.05 -14.85 26.45
NB HEM I . 19.90 -16.88 24.75
NC HEM I . 22.16 -18.60 25.24
ND HEM I . 23.36 -16.54 26.90
FE HEM I . 21.64 -16.69 25.77
ZN ZN J . 35.28 -34.76 23.64
F1 P6M K . 18.80 -21.85 34.03
C7 P6M K . 19.60 -22.35 35.00
C6 P6M K . 20.43 -21.48 35.69
C8 P6M K . 19.55 -23.71 35.21
C9 P6M K . 20.42 -24.21 36.15
F P6M K . 20.40 -25.55 36.39
C4 P6M K . 21.29 -23.44 36.88
C5 P6M K . 21.27 -22.07 36.63
C3 P6M K . 22.28 -24.05 37.84
N P6M K . 23.54 -24.47 37.21
C1 P6M K . 24.75 -24.48 38.06
C16 P6M K . 25.50 -23.18 38.13
F2 P6M K . 25.80 -22.71 36.92
F3 P6M K . 26.66 -23.32 38.78
F4 P6M K . 24.82 -22.24 38.75
C2 P6M K . 24.66 -25.34 39.27
C P6M K . 25.51 -25.76 38.11
C10 P6M K . 20.50 -19.98 35.48
C11 P6M K . 21.17 -19.67 34.13
C12 P6M K . 22.57 -20.24 33.99
S P6M K . 23.70 -19.55 35.25
C13 P6M K . 22.55 -19.19 36.52
N1 P6M K . 21.32 -19.39 36.55
N2 P6M K . 23.16 -18.65 37.59
C15 P6M K . 19.10 -19.35 35.54
C14 P6M K . 23.19 -19.92 32.65
CHA HEM L . -25.01 8.22 30.53
CHB HEM L . -20.65 8.76 28.45
CHC HEM L . -22.00 13.16 26.89
CHD HEM L . -26.19 12.75 29.30
C1A HEM L . -23.71 7.99 30.13
C2A HEM L . -22.91 6.84 30.47
C3A HEM L . -21.71 6.98 29.90
C4A HEM L . -21.70 8.24 29.17
CMA HEM L . -20.56 6.01 30.00
CAA HEM L . -23.38 5.66 31.34
CBA HEM L . -24.07 4.62 30.47
CGA HEM L . -24.50 3.46 31.32
O1A HEM L . -24.84 3.68 32.51
O2A HEM L . -24.50 2.31 30.81
C1B HEM L . -20.62 10.00 27.84
C2B HEM L . -19.52 10.56 27.09
C3B HEM L . -19.89 11.79 26.66
C4B HEM L . -21.24 12.03 27.12
CMB HEM L . -18.21 9.85 26.87
CAB HEM L . -19.12 12.83 25.81
CBB HEM L . -17.97 12.61 25.18
C1C HEM L . -23.28 13.40 27.33
C2C HEM L . -24.15 14.47 26.90
C3C HEM L . -25.31 14.37 27.57
C4C HEM L . -25.20 13.21 28.45
CMC HEM L . -23.74 15.50 25.87
CAC HEM L . -26.60 15.23 27.51
CBC HEM L . -26.77 16.30 26.73
C1D HEM L . -26.26 11.49 29.84
C2D HEM L . -27.35 10.93 30.61
C3D HEM L . -27.02 9.68 30.96
C4D HEM L . -25.71 9.39 30.40
CMD HEM L . -28.63 11.65 30.98
CAD HEM L . -27.89 8.72 31.78
CBD HEM L . -28.73 7.89 30.81
CGD HEM L . -29.49 6.82 31.54
O1D HEM L . -30.34 6.15 30.90
O2D HEM L . -29.26 6.64 32.77
NA HEM L . -22.95 8.82 29.33
NB HEM L . -21.65 10.91 27.84
NC HEM L . -23.95 12.64 28.28
ND HEM L . -25.27 10.52 29.74
FE HEM L . -23.47 10.70 28.76
ZN ZN M . -36.90 28.99 27.25
F1 P6M N . -20.67 15.39 37.97
C7 P6M N . -21.66 15.86 38.77
C6 P6M N . -22.57 14.95 39.28
C8 P6M N . -21.70 17.21 39.00
C9 P6M N . -22.72 17.67 39.80
F P6M N . -22.80 19.00 40.04
C4 P6M N . -23.69 16.86 40.34
C5 P6M N . -23.59 15.49 40.07
C3 P6M N . -24.82 17.41 41.15
N P6M N . -26.10 17.35 40.44
C1 P6M N . -27.31 17.65 41.26
C16 P6M N . -28.37 16.58 41.26
F2 P6M N . -28.76 16.27 40.03
F3 P6M N . -29.46 16.95 41.92
F4 P6M N . -27.94 15.46 41.82
C2 P6M N . -27.09 18.47 42.49
C P6M N . -27.74 19.09 41.28
C10 P6M N . -22.55 13.46 39.04
C11 P6M N . -22.80 13.16 37.54
C12 P6M N . -24.12 13.73 37.04
S P6M N . -25.55 12.97 37.90
C13 P6M N . -24.80 12.60 39.43
N1 P6M N . -23.61 12.83 39.83
N2 P6M N . -25.66 12.01 40.27
C15 P6M N . -21.22 12.86 39.47
C14 P6M N . -24.33 13.44 35.56
CHA HEM O . -23.28 13.87 -30.26
CHB HEM O . -20.82 10.31 -28.06
CHC HEM O . -25.00 8.45 -26.43
CHD HEM O . -27.47 11.85 -28.86
C1A HEM O . -22.25 13.07 -29.82
C2A HEM O . -20.85 13.25 -30.12
C3A HEM O . -20.16 12.27 -29.52
C4A HEM O . -21.12 11.43 -28.81
CMA HEM O . -18.68 12.08 -29.57
CAA HEM O . -20.26 14.38 -30.99
CBA HEM O . -19.94 15.60 -30.13
CGA HEM O . -19.33 16.66 -30.99
O1A HEM O . -19.31 16.50 -32.24
O2A HEM O . -18.85 17.69 -30.43
C1B HEM O . -21.73 9.48 -27.44
C2B HEM O . -21.42 8.28 -26.70
C3B HEM O . -22.59 7.76 -26.25
C4B HEM O . -23.65 8.63 -26.68
CMB HEM O . -20.02 7.76 -26.51
CAB HEM O . -22.86 6.49 -25.40
CBB HEM O . -21.91 5.69 -24.89
C1C HEM O . -26.03 9.25 -26.88
C2C HEM O . -27.41 9.18 -26.47
C3C HEM O . -28.10 10.12 -27.15
C4C HEM O . -27.16 10.81 -28.01
CMC HEM O . -27.92 8.18 -25.45
CAC HEM O . -29.60 10.50 -27.11
CBC HEM O . -30.51 9.96 -26.29
C1D HEM O . -26.56 12.72 -29.44
C2D HEM O . -26.86 13.90 -30.21
C3D HEM O . -25.71 14.45 -30.60
C4D HEM O . -24.63 13.64 -30.08
CMD HEM O . -28.24 14.42 -30.53
CAD HEM O . -25.55 15.73 -31.43
CBD HEM O . -25.37 16.90 -30.46
CGD HEM O . -25.15 18.16 -31.23
O1D HEM O . -25.13 19.25 -30.61
O2D HEM O . -24.99 18.09 -32.48
NA HEM O . -22.37 11.96 -29.02
NB HEM O . -23.10 9.67 -27.41
NC HEM O . -25.91 10.26 -27.82
ND HEM O . -25.18 12.59 -29.38
FE HEM O . -24.13 11.14 -28.37
ZN ZN P . -46.82 9.62 -26.57
F1 P6M Q . -25.94 6.21 -37.52
C7 P6M Q . -26.95 6.64 -38.31
C6 P6M Q . -26.88 7.92 -38.83
C8 P6M Q . -27.99 5.76 -38.54
C9 P6M Q . -29.01 6.22 -39.33
F P6M Q . -30.06 5.40 -39.58
C4 P6M Q . -29.04 7.48 -39.89
C5 P6M Q . -27.96 8.31 -39.64
C3 P6M Q . -30.21 7.95 -40.71
N P6M Q . -31.13 8.83 -39.98
C1 P6M Q . -31.91 9.81 -40.78
C16 P6M Q . -31.60 11.26 -40.49
F2 P6M Q . -31.14 11.45 -39.27
F3 P6M Q . -32.69 12.03 -40.62
F4 P6M Q . -30.70 11.75 -41.33
C2 P6M Q . -32.25 9.39 -42.17
C P6M Q . -33.32 9.42 -41.11
C10 P6M Q . -25.75 8.90 -38.58
C11 P6M Q . -25.70 9.27 -37.08
C12 P6M Q . -27.04 9.79 -36.58
S P6M Q . -27.49 11.34 -37.42
C13 P6M Q . -26.68 11.12 -38.95
N1 P6M Q . -26.01 10.12 -39.36
N2 P6M Q . -26.86 12.15 -39.76
C15 P6M Q . -24.41 8.32 -39.03
C14 P6M Q . -27.00 10.10 -35.09
#